data_3M4E
#
_entry.id   3M4E
#
_cell.length_a   150.35
_cell.length_b   134.27
_cell.length_c   132.06
_cell.angle_alpha   90
_cell.angle_beta   90.97
_cell.angle_gamma   90
#
_symmetry.space_group_name_H-M   'C 1 2 1'
#
loop_
_entity.id
_entity.type
_entity.pdbx_description
1 polymer Alpha-hemolysin
2 branched Cycloheptakis-(1-4)-(alpha-D-glucopyranose)
3 water water
#
_entity_poly.entity_id   1
_entity_poly.type   'polypeptide(L)'
_entity_poly.pdbx_seq_one_letter_code
;ADSDINIKTGTTDIGSNTTVKTGDLVTYDKENGMHKKVFYSFIDDKNHNKKLLVIRTKGTIAGQYRVYSEEGANKSGLAW
PSAFKVQLQLPDNEVAQISDYYPRNSIDTKEYNSTLTYGFNGNVTGDDTGKIGGLIGANVSIGHTLKYVQPDFKTILESP
TDKKVGWKVIFNNMVNQNWGPYDRDSWNPVYGNQLFMKTRNGSMKAADNFLDPNKASSLLSSGFSPDFATVITMDRKASK
QQTNIDVIYERVRDDYQLHWTSTNWKGTNTKDKWTDRSSERYKIDWEKEEMTN
;
_entity_poly.pdbx_strand_id   A,B,C,D,E,F,G
#
# COMPACT_ATOMS: atom_id res chain seq x y z
N ALA A 1 6.47 -19.48 -8.76
CA ALA A 1 6.10 -20.08 -7.45
C ALA A 1 5.53 -21.48 -7.65
N ASP A 2 5.92 -22.39 -6.79
CA ASP A 2 5.44 -23.78 -6.87
C ASP A 2 3.95 -23.88 -7.14
N SER A 3 3.15 -23.03 -6.49
CA SER A 3 1.70 -23.05 -6.68
C SER A 3 1.32 -22.74 -8.12
N ASP A 4 2.12 -21.92 -8.79
CA ASP A 4 1.84 -21.54 -10.17
C ASP A 4 1.99 -22.70 -11.11
N ILE A 5 2.75 -23.71 -10.68
CA ILE A 5 2.92 -24.85 -11.53
C ILE A 5 2.27 -26.08 -10.92
N ASN A 6 1.25 -25.83 -10.11
CA ASN A 6 0.46 -26.87 -9.46
C ASN A 6 1.20 -27.88 -8.59
N ILE A 7 2.23 -27.42 -7.91
CA ILE A 7 3.03 -28.28 -7.06
C ILE A 7 2.95 -27.84 -5.60
N LYS A 8 2.82 -28.81 -4.70
CA LYS A 8 2.75 -28.53 -3.28
C LYS A 8 3.91 -27.62 -2.92
N THR A 9 3.60 -26.50 -2.29
CA THR A 9 4.60 -25.51 -1.89
C THR A 9 5.74 -26.13 -1.08
N GLY A 10 6.98 -25.76 -1.42
CA GLY A 10 8.14 -26.27 -0.71
C GLY A 10 8.54 -27.69 -1.08
N THR A 11 7.75 -28.32 -1.94
CA THR A 11 8.00 -29.68 -2.39
C THR A 11 9.38 -29.91 -2.99
N THR A 12 9.90 -28.92 -3.71
CA THR A 12 11.21 -29.11 -4.33
C THR A 12 12.39 -28.56 -3.53
N ASP A 13 12.13 -27.97 -2.37
CA ASP A 13 13.22 -27.42 -1.58
C ASP A 13 14.12 -28.49 -0.98
N ILE A 14 15.34 -28.08 -0.67
CA ILE A 14 16.35 -28.97 -0.09
C ILE A 14 16.51 -28.83 1.41
N GLY A 15 16.82 -29.94 2.09
CA GLY A 15 17.04 -29.87 3.51
C GLY A 15 16.14 -30.67 4.42
N SER A 16 15.12 -31.30 3.88
CA SER A 16 14.21 -32.08 4.71
C SER A 16 14.84 -33.39 5.18
N ASN A 17 14.48 -33.80 6.40
CA ASN A 17 14.99 -35.03 6.99
C ASN A 17 16.52 -35.07 6.85
N THR A 18 17.15 -33.95 7.15
CA THR A 18 18.60 -33.84 7.06
C THR A 18 19.15 -33.10 8.28
N THR A 19 20.25 -33.60 8.82
CA THR A 19 20.86 -32.96 9.97
C THR A 19 21.82 -31.92 9.44
N VAL A 20 21.53 -30.65 9.72
CA VAL A 20 22.34 -29.53 9.27
C VAL A 20 23.38 -29.09 10.29
N LYS A 21 24.63 -28.94 9.84
CA LYS A 21 25.70 -28.52 10.73
C LYS A 21 26.01 -27.06 10.43
N THR A 22 25.91 -26.22 11.46
CA THR A 22 26.16 -24.80 11.28
C THR A 22 27.32 -24.32 12.14
N GLY A 23 27.76 -23.09 11.88
CA GLY A 23 28.85 -22.51 12.63
C GLY A 23 29.04 -21.02 12.35
N ASP A 24 29.72 -20.35 13.29
CA ASP A 24 30.04 -18.94 13.19
C ASP A 24 31.55 -18.81 13.28
N LEU A 25 32.11 -17.85 12.54
CA LEU A 25 33.54 -17.59 12.52
C LEU A 25 33.69 -16.08 12.48
N VAL A 26 34.27 -15.49 13.52
CA VAL A 26 34.42 -14.05 13.60
C VAL A 26 35.87 -13.57 13.56
N THR A 27 36.12 -12.62 12.68
CA THR A 27 37.45 -12.05 12.54
C THR A 27 37.38 -10.54 12.48
N TYR A 28 38.17 -9.87 13.32
CA TYR A 28 38.16 -8.42 13.30
C TYR A 28 39.49 -7.91 12.80
N ASP A 29 39.45 -7.14 11.72
CA ASP A 29 40.64 -6.55 11.14
C ASP A 29 40.69 -5.10 11.60
N LYS A 30 41.48 -4.84 12.64
CA LYS A 30 41.58 -3.48 13.17
C LYS A 30 42.19 -2.51 12.18
N GLU A 31 43.25 -2.94 11.50
CA GLU A 31 43.90 -2.06 10.52
C GLU A 31 42.91 -1.55 9.47
N ASN A 32 42.02 -2.42 9.01
CA ASN A 32 41.05 -2.03 8.00
C ASN A 32 39.65 -1.70 8.55
N GLY A 33 39.49 -1.78 9.86
CA GLY A 33 38.19 -1.48 10.45
C GLY A 33 37.11 -2.35 9.83
N MET A 34 37.27 -3.65 9.98
CA MET A 34 36.29 -4.58 9.42
C MET A 34 35.94 -5.74 10.33
N HIS A 35 34.67 -5.80 10.72
CA HIS A 35 34.18 -6.88 11.53
C HIS A 35 33.73 -7.90 10.49
N LYS A 36 34.41 -9.04 10.43
CA LYS A 36 34.09 -10.05 9.44
C LYS A 36 33.50 -11.29 10.07
N LYS A 37 32.31 -11.66 9.62
CA LYS A 37 31.66 -12.83 10.17
C LYS A 37 31.12 -13.76 9.10
N VAL A 38 31.38 -15.04 9.27
CA VAL A 38 30.89 -16.05 8.35
C VAL A 38 29.95 -16.96 9.11
N PHE A 39 28.75 -17.13 8.57
CA PHE A 39 27.78 -18.02 9.17
C PHE A 39 27.55 -19.08 8.10
N TYR A 40 27.99 -20.30 8.38
CA TYR A 40 27.85 -21.36 7.41
C TYR A 40 26.88 -22.43 7.84
N SER A 41 26.42 -23.21 6.86
CA SER A 41 25.49 -24.30 7.12
C SER A 41 25.73 -25.42 6.13
N PHE A 42 26.15 -26.58 6.62
CA PHE A 42 26.36 -27.71 5.74
C PHE A 42 25.04 -28.46 5.63
N ILE A 43 24.57 -28.63 4.41
CA ILE A 43 23.33 -29.35 4.18
C ILE A 43 23.67 -30.49 3.24
N ASP A 44 23.77 -31.68 3.79
CA ASP A 44 24.09 -32.88 3.01
C ASP A 44 22.81 -33.70 2.88
N ASP A 45 21.90 -33.22 2.03
CA ASP A 45 20.62 -33.89 1.81
C ASP A 45 20.81 -35.07 0.86
N LYS A 46 20.64 -36.28 1.38
CA LYS A 46 20.84 -37.46 0.57
C LYS A 46 19.93 -37.64 -0.65
N ASN A 47 18.90 -36.81 -0.76
CA ASN A 47 18.01 -36.91 -1.92
C ASN A 47 18.38 -35.81 -2.92
N HIS A 48 19.49 -35.14 -2.65
CA HIS A 48 20.02 -34.08 -3.51
C HIS A 48 21.28 -34.70 -4.10
N ASN A 49 21.59 -34.41 -5.36
CA ASN A 49 22.73 -35.02 -6.01
C ASN A 49 24.11 -34.54 -5.52
N LYS A 50 24.13 -33.54 -4.65
CA LYS A 50 25.40 -33.03 -4.16
C LYS A 50 25.35 -32.49 -2.74
N LYS A 51 26.52 -32.43 -2.11
CA LYS A 51 26.62 -31.87 -0.78
C LYS A 51 26.42 -30.39 -1.01
N LEU A 52 26.02 -29.68 0.03
CA LEU A 52 25.74 -28.26 -0.09
C LEU A 52 26.31 -27.50 1.11
N LEU A 53 26.80 -26.30 0.87
CA LEU A 53 27.33 -25.44 1.93
C LEU A 53 26.82 -24.03 1.67
N VAL A 54 26.22 -23.42 2.69
CA VAL A 54 25.71 -22.07 2.56
C VAL A 54 26.60 -21.18 3.39
N ILE A 55 27.29 -20.26 2.71
CA ILE A 55 28.18 -19.33 3.38
C ILE A 55 27.55 -17.96 3.44
N ARG A 56 27.22 -17.50 4.64
CA ARG A 56 26.62 -16.18 4.77
C ARG A 56 27.69 -15.22 5.29
N THR A 57 28.04 -14.24 4.46
CA THR A 57 29.05 -13.25 4.82
C THR A 57 28.37 -12.02 5.38
N LYS A 58 28.64 -11.73 6.66
CA LYS A 58 28.00 -10.61 7.32
C LYS A 58 29.00 -9.68 7.99
N GLY A 59 28.74 -9.28 9.24
CA GLY A 59 29.63 -8.38 9.93
C GLY A 59 29.39 -7.01 9.35
N THR A 60 30.32 -6.07 9.55
CA THR A 60 30.15 -4.74 8.98
C THR A 60 31.46 -4.03 8.74
N ILE A 61 31.52 -3.33 7.61
CA ILE A 61 32.68 -2.57 7.21
C ILE A 61 32.45 -1.12 7.62
N ALA A 62 33.35 -0.60 8.43
CA ALA A 62 33.26 0.78 8.91
C ALA A 62 33.33 1.73 7.72
N GLY A 63 32.51 2.78 7.76
CA GLY A 63 32.50 3.75 6.66
C GLY A 63 33.82 4.50 6.61
N GLN A 64 34.19 5.09 7.73
CA GLN A 64 35.44 5.84 7.88
C GLN A 64 35.47 7.17 7.15
N TYR A 65 34.33 7.85 7.19
CA TYR A 65 34.14 9.18 6.61
C TYR A 65 34.97 10.07 7.54
N ARG A 66 36.05 10.65 7.04
CA ARG A 66 36.88 11.47 7.91
C ARG A 66 37.80 12.48 7.24
N VAL A 67 37.98 13.63 7.88
CA VAL A 67 38.85 14.69 7.39
C VAL A 67 40.28 14.19 7.60
N TYR A 68 41.01 13.94 6.52
CA TYR A 68 42.36 13.41 6.66
C TYR A 68 43.51 14.41 6.47
N SER A 69 43.25 15.53 5.81
CA SER A 69 44.31 16.51 5.60
C SER A 69 43.84 17.94 5.78
N GLU A 70 44.74 18.78 6.30
CA GLU A 70 44.44 20.19 6.53
C GLU A 70 45.68 21.05 6.31
N GLU A 71 45.81 21.57 5.09
CA GLU A 71 46.94 22.41 4.71
C GLU A 71 46.55 23.89 4.75
N GLY A 72 46.19 24.37 5.94
CA GLY A 72 45.78 25.75 6.09
C GLY A 72 44.28 25.84 6.04
N ALA A 73 43.71 26.83 6.72
CA ALA A 73 42.26 27.01 6.77
C ALA A 73 41.58 27.05 5.40
N ASN A 74 42.34 27.28 4.34
CA ASN A 74 41.75 27.33 3.00
C ASN A 74 41.78 26.00 2.26
N LYS A 75 42.40 24.99 2.87
CA LYS A 75 42.49 23.67 2.24
C LYS A 75 42.26 22.53 3.23
N SER A 76 41.58 21.48 2.75
CA SER A 76 41.29 20.32 3.58
C SER A 76 40.70 19.22 2.70
N GLY A 77 41.02 17.97 3.04
CA GLY A 77 40.52 16.84 2.28
C GLY A 77 39.76 15.85 3.14
N LEU A 78 38.73 15.23 2.57
CA LEU A 78 37.91 14.24 3.26
C LEU A 78 37.94 12.87 2.58
N ALA A 79 38.13 11.82 3.37
CA ALA A 79 38.14 10.47 2.83
C ALA A 79 36.78 9.85 3.12
N TRP A 80 36.18 9.21 2.12
CA TRP A 80 34.86 8.60 2.29
C TRP A 80 34.68 7.34 1.45
N PRO A 81 33.88 6.38 1.93
CA PRO A 81 33.59 5.11 1.27
C PRO A 81 32.67 5.24 0.05
N SER A 82 33.24 5.13 -1.14
CA SER A 82 32.44 5.22 -2.36
C SER A 82 31.99 3.82 -2.77
N ALA A 83 32.58 2.80 -2.15
CA ALA A 83 32.22 1.42 -2.43
C ALA A 83 32.68 0.46 -1.34
N PHE A 84 31.86 -0.56 -1.10
CA PHE A 84 32.13 -1.62 -0.12
C PHE A 84 32.08 -2.89 -0.96
N LYS A 85 32.92 -3.86 -0.66
CA LYS A 85 32.91 -5.10 -1.43
C LYS A 85 33.15 -6.34 -0.59
N VAL A 86 32.56 -7.43 -1.04
CA VAL A 86 32.67 -8.73 -0.40
C VAL A 86 32.80 -9.73 -1.53
N GLN A 87 33.84 -10.57 -1.47
CA GLN A 87 34.07 -11.55 -2.51
C GLN A 87 34.49 -12.88 -1.93
N LEU A 88 34.05 -13.95 -2.56
CA LEU A 88 34.43 -15.28 -2.15
C LEU A 88 35.04 -15.88 -3.39
N GLN A 89 36.13 -16.63 -3.23
CA GLN A 89 36.78 -17.23 -4.38
C GLN A 89 37.45 -18.54 -4.04
N LEU A 90 37.14 -19.55 -4.84
CA LEU A 90 37.68 -20.89 -4.68
C LEU A 90 38.86 -21.02 -5.61
N PRO A 91 40.04 -21.42 -5.09
CA PRO A 91 41.18 -21.56 -6.00
C PRO A 91 40.76 -22.40 -7.20
N ASP A 92 41.25 -22.05 -8.37
CA ASP A 92 40.89 -22.71 -9.62
C ASP A 92 40.88 -24.24 -9.68
N ASN A 93 41.76 -24.90 -8.93
CA ASN A 93 41.82 -26.35 -8.96
C ASN A 93 40.77 -27.08 -8.11
N GLU A 94 39.94 -26.32 -7.40
CA GLU A 94 38.89 -26.90 -6.56
C GLU A 94 37.77 -27.52 -7.40
N VAL A 95 37.28 -28.70 -7.00
CA VAL A 95 36.18 -29.31 -7.73
C VAL A 95 34.86 -28.72 -7.23
N ALA A 96 34.89 -28.20 -6.02
CA ALA A 96 33.72 -27.57 -5.42
C ALA A 96 33.34 -26.38 -6.31
N GLN A 97 32.05 -26.06 -6.37
CA GLN A 97 31.58 -24.96 -7.20
C GLN A 97 30.60 -23.99 -6.57
N ILE A 98 30.66 -22.75 -7.04
CA ILE A 98 29.73 -21.74 -6.58
C ILE A 98 28.47 -22.02 -7.39
N SER A 99 27.40 -22.39 -6.69
CA SER A 99 26.14 -22.74 -7.34
C SER A 99 25.09 -21.67 -7.35
N ASP A 100 24.98 -20.93 -6.24
CA ASP A 100 23.98 -19.89 -6.17
C ASP A 100 24.43 -18.77 -5.26
N TYR A 101 23.60 -17.74 -5.16
CA TYR A 101 23.93 -16.57 -4.36
C TYR A 101 22.74 -15.67 -4.28
N TYR A 102 22.71 -14.84 -3.25
CA TYR A 102 21.62 -13.91 -3.03
C TYR A 102 22.15 -12.80 -2.11
N PRO A 103 21.77 -11.53 -2.36
CA PRO A 103 20.89 -11.02 -3.42
C PRO A 103 21.50 -10.95 -4.82
N ARG A 104 20.63 -10.76 -5.81
CA ARG A 104 21.03 -10.66 -7.21
C ARG A 104 20.63 -9.28 -7.73
N ASN A 105 20.90 -9.00 -9.00
CA ASN A 105 20.53 -7.69 -9.54
C ASN A 105 19.08 -7.71 -9.99
N SER A 106 18.32 -6.73 -9.56
CA SER A 106 16.93 -6.68 -9.97
C SER A 106 16.74 -5.57 -11.01
N ILE A 107 15.74 -5.78 -11.86
CA ILE A 107 15.42 -4.85 -12.92
C ILE A 107 14.82 -3.58 -12.31
N ASP A 108 15.41 -2.43 -12.61
CA ASP A 108 14.90 -1.16 -12.10
C ASP A 108 13.76 -0.72 -12.98
N THR A 109 12.89 0.12 -12.42
CA THR A 109 11.77 0.61 -13.19
C THR A 109 11.61 2.11 -13.01
N LYS A 110 10.64 2.66 -13.73
CA LYS A 110 10.38 4.09 -13.68
C LYS A 110 8.90 4.25 -13.98
N GLU A 111 8.34 5.39 -13.60
CA GLU A 111 6.94 5.66 -13.88
C GLU A 111 6.90 6.81 -14.86
N TYR A 112 5.96 6.74 -15.81
CA TYR A 112 5.84 7.76 -16.83
C TYR A 112 4.45 8.40 -16.77
N ASN A 113 4.40 9.72 -16.73
CA ASN A 113 3.13 10.44 -16.69
C ASN A 113 3.02 11.45 -17.83
N SER A 114 2.29 11.09 -18.88
CA SER A 114 2.13 12.00 -20.00
C SER A 114 0.83 12.78 -19.83
N THR A 115 0.93 14.10 -19.84
CA THR A 115 -0.22 14.97 -19.65
C THR A 115 -0.52 15.82 -20.88
N LEU A 116 -1.76 15.75 -21.35
CA LEU A 116 -2.20 16.52 -22.50
C LEU A 116 -3.34 17.40 -22.04
N THR A 117 -3.23 18.69 -22.30
CA THR A 117 -4.28 19.59 -21.89
C THR A 117 -4.41 20.80 -22.82
N TYR A 118 -5.65 21.09 -23.19
CA TYR A 118 -5.96 22.21 -24.05
C TYR A 118 -7.20 22.94 -23.53
N GLY A 119 -7.24 24.25 -23.70
CA GLY A 119 -8.38 25.00 -23.21
C GLY A 119 -8.72 26.27 -23.97
N PHE A 120 -9.91 26.80 -23.72
CA PHE A 120 -10.40 28.01 -24.36
C PHE A 120 -10.72 28.99 -23.24
N ASN A 121 -10.74 30.28 -23.54
CA ASN A 121 -11.04 31.30 -22.52
C ASN A 121 -11.55 32.61 -23.12
N GLY A 122 -12.77 32.99 -22.73
CA GLY A 122 -13.35 34.22 -23.22
C GLY A 122 -13.09 35.41 -22.31
N ASN A 123 -13.23 36.61 -22.85
CA ASN A 123 -12.99 37.82 -22.08
C ASN A 123 -13.78 39.01 -22.64
N VAL A 124 -14.08 39.98 -21.78
CA VAL A 124 -14.82 41.19 -22.14
C VAL A 124 -14.39 42.34 -21.25
N THR A 125 -13.68 43.31 -21.82
CA THR A 125 -13.19 44.46 -21.04
C THR A 125 -14.22 45.58 -20.93
N GLY A 126 -13.78 46.74 -20.47
CA GLY A 126 -14.67 47.87 -20.31
C GLY A 126 -14.09 49.00 -19.48
N ASP A 127 -14.47 50.22 -19.82
CA ASP A 127 -14.03 51.43 -19.12
C ASP A 127 -15.24 52.35 -18.96
N ASP A 128 -15.29 53.07 -17.84
CA ASP A 128 -16.40 53.98 -17.55
C ASP A 128 -16.69 54.94 -18.70
N THR A 129 -15.78 55.01 -19.67
CA THR A 129 -15.95 55.89 -20.81
C THR A 129 -17.03 55.37 -21.76
N GLY A 130 -17.25 54.06 -21.75
CA GLY A 130 -18.27 53.48 -22.62
C GLY A 130 -17.75 52.41 -23.57
N LYS A 131 -16.45 52.15 -23.55
CA LYS A 131 -15.86 51.15 -24.41
C LYS A 131 -16.17 49.73 -23.92
N ILE A 132 -16.42 48.82 -24.86
CA ILE A 132 -16.74 47.43 -24.54
C ILE A 132 -16.04 46.49 -25.52
N GLY A 133 -14.89 45.96 -25.13
CA GLY A 133 -14.13 45.05 -25.98
C GLY A 133 -14.06 43.63 -25.44
N GLY A 134 -13.21 42.80 -26.05
CA GLY A 134 -13.08 41.43 -25.60
C GLY A 134 -11.83 40.72 -26.09
N LEU A 135 -11.44 39.66 -25.40
CA LEU A 135 -10.25 38.88 -25.76
C LEU A 135 -10.55 37.38 -25.75
N ILE A 136 -10.37 36.74 -26.90
CA ILE A 136 -10.61 35.31 -27.04
C ILE A 136 -9.32 34.58 -27.36
N GLY A 137 -8.99 33.55 -26.57
CA GLY A 137 -7.76 32.81 -26.81
C GLY A 137 -7.87 31.32 -26.55
N ALA A 138 -6.85 30.58 -26.99
CA ALA A 138 -6.82 29.14 -26.79
C ALA A 138 -5.43 28.78 -26.29
N ASN A 139 -5.23 27.51 -25.94
CA ASN A 139 -3.94 27.05 -25.43
C ASN A 139 -3.83 25.54 -25.44
N VAL A 140 -2.59 25.06 -25.53
CA VAL A 140 -2.30 23.63 -25.53
C VAL A 140 -1.00 23.44 -24.78
N SER A 141 -0.83 22.26 -24.17
CA SER A 141 0.39 21.97 -23.44
C SER A 141 0.61 20.47 -23.30
N ILE A 142 1.79 20.02 -23.72
CA ILE A 142 2.16 18.61 -23.63
C ILE A 142 3.27 18.53 -22.61
N GLY A 143 2.96 17.96 -21.44
CA GLY A 143 3.97 17.83 -20.41
C GLY A 143 4.07 16.42 -19.86
N HIS A 144 5.30 15.95 -19.65
CA HIS A 144 5.48 14.62 -19.11
C HIS A 144 6.36 14.63 -17.86
N THR A 145 6.06 13.72 -16.94
CA THR A 145 6.82 13.59 -15.72
C THR A 145 7.35 12.17 -15.60
N LEU A 146 8.59 12.05 -15.15
CA LEU A 146 9.24 10.76 -15.00
C LEU A 146 9.54 10.52 -13.52
N LYS A 147 9.15 9.35 -13.01
CA LYS A 147 9.37 9.04 -11.60
C LYS A 147 10.18 7.76 -11.40
N TYR A 148 11.09 7.80 -10.42
CA TYR A 148 11.93 6.64 -10.06
C TYR A 148 12.63 6.86 -8.72
N VAL A 149 13.01 5.76 -8.08
CA VAL A 149 13.69 5.85 -6.78
C VAL A 149 15.18 5.68 -6.96
N GLN A 150 15.96 6.46 -6.21
CA GLN A 150 17.41 6.38 -6.30
C GLN A 150 18.02 6.15 -4.93
N PRO A 151 18.40 4.90 -4.63
CA PRO A 151 19.00 4.64 -3.31
C PRO A 151 20.35 5.35 -3.21
N ASP A 152 20.75 5.69 -1.98
CA ASP A 152 22.02 6.37 -1.76
C ASP A 152 23.16 5.51 -2.26
N PHE A 153 23.06 4.21 -2.01
CA PHE A 153 24.06 3.24 -2.44
C PHE A 153 23.31 2.13 -3.20
N LYS A 154 23.97 1.53 -4.19
CA LYS A 154 23.36 0.44 -4.95
C LYS A 154 24.04 -0.87 -4.57
N THR A 155 23.23 -1.89 -4.27
CA THR A 155 23.74 -3.21 -3.91
C THR A 155 23.76 -4.00 -5.21
N ILE A 156 24.97 -4.28 -5.71
CA ILE A 156 25.11 -4.98 -6.98
C ILE A 156 25.82 -6.32 -6.92
N LEU A 157 25.23 -7.31 -7.57
CA LEU A 157 25.85 -8.63 -7.62
C LEU A 157 26.80 -8.61 -8.82
N GLU A 158 28.09 -8.81 -8.57
CA GLU A 158 29.08 -8.82 -9.64
C GLU A 158 28.95 -10.11 -10.44
N SER A 159 29.33 -10.07 -11.72
CA SER A 159 29.24 -11.24 -12.60
C SER A 159 29.96 -12.41 -11.95
N PRO A 160 29.22 -13.47 -11.63
CA PRO A 160 29.86 -14.63 -10.99
C PRO A 160 30.33 -15.72 -11.95
N THR A 161 31.21 -16.58 -11.45
CA THR A 161 31.72 -17.72 -12.20
C THR A 161 31.45 -18.86 -11.23
N ASP A 162 31.97 -20.06 -11.52
CA ASP A 162 31.74 -21.17 -10.62
C ASP A 162 32.88 -21.24 -9.61
N LYS A 163 33.79 -20.27 -9.67
CA LYS A 163 34.93 -20.24 -8.75
C LYS A 163 34.98 -18.96 -7.94
N LYS A 164 34.24 -17.94 -8.37
CA LYS A 164 34.24 -16.67 -7.66
C LYS A 164 32.94 -15.88 -7.84
N VAL A 165 32.51 -15.25 -6.76
CA VAL A 165 31.28 -14.47 -6.73
C VAL A 165 31.53 -13.30 -5.80
N GLY A 166 30.87 -12.18 -6.06
CA GLY A 166 31.08 -11.03 -5.20
C GLY A 166 30.03 -9.97 -5.36
N TRP A 167 29.95 -9.09 -4.38
CA TRP A 167 28.99 -8.00 -4.38
C TRP A 167 29.72 -6.68 -4.18
N LYS A 168 29.11 -5.62 -4.68
CA LYS A 168 29.67 -4.31 -4.45
C LYS A 168 28.48 -3.42 -4.10
N VAL A 169 28.67 -2.62 -3.06
CA VAL A 169 27.68 -1.69 -2.58
C VAL A 169 28.33 -0.35 -2.87
N ILE A 170 27.97 0.23 -4.01
CA ILE A 170 28.58 1.48 -4.44
C ILE A 170 27.75 2.74 -4.21
N PHE A 171 28.43 3.85 -3.96
CA PHE A 171 27.75 5.11 -3.76
C PHE A 171 27.04 5.49 -5.06
N ASN A 172 25.77 5.86 -4.96
CA ASN A 172 24.95 6.23 -6.11
C ASN A 172 24.90 7.75 -6.18
N ASN A 173 24.07 8.36 -5.34
CA ASN A 173 23.95 9.81 -5.26
C ASN A 173 23.39 10.12 -3.88
N MET A 174 23.46 11.37 -3.45
CA MET A 174 22.99 11.71 -2.11
C MET A 174 22.50 13.14 -2.00
N VAL A 175 21.42 13.31 -1.24
CA VAL A 175 20.85 14.63 -1.01
C VAL A 175 21.71 15.35 0.03
N ASN A 176 22.10 16.58 -0.29
CA ASN A 176 22.92 17.39 0.60
C ASN A 176 22.10 18.58 1.10
N GLN A 177 21.58 18.45 2.31
CA GLN A 177 20.77 19.50 2.93
C GLN A 177 19.64 19.99 2.00
N ASN A 178 18.86 19.03 1.49
CA ASN A 178 17.72 19.31 0.62
C ASN A 178 18.06 19.75 -0.81
N TRP A 179 19.34 19.68 -1.18
CA TRP A 179 19.76 20.06 -2.52
C TRP A 179 20.34 18.85 -3.24
N GLY A 180 20.46 18.94 -4.56
CA GLY A 180 21.01 17.85 -5.33
C GLY A 180 19.95 17.01 -6.02
N PRO A 181 20.06 15.67 -5.93
CA PRO A 181 21.14 14.97 -5.22
C PRO A 181 22.47 15.11 -5.93
N TYR A 182 23.56 14.87 -5.21
CA TYR A 182 24.89 14.98 -5.80
C TYR A 182 25.53 13.60 -5.94
N ASP A 183 26.46 13.48 -6.89
CA ASP A 183 27.17 12.23 -7.07
C ASP A 183 28.64 12.53 -7.29
N ARG A 184 29.40 11.51 -7.67
CA ARG A 184 30.83 11.67 -7.87
C ARG A 184 31.26 12.51 -9.06
N ASP A 185 30.31 12.87 -9.91
CA ASP A 185 30.63 13.66 -11.09
C ASP A 185 30.00 15.04 -11.05
N SER A 186 29.16 15.29 -10.03
CA SER A 186 28.51 16.59 -9.92
C SER A 186 29.54 17.69 -10.03
N TRP A 187 29.28 18.65 -10.91
CA TRP A 187 30.19 19.75 -11.09
C TRP A 187 29.49 21.06 -11.36
N ASN A 188 29.88 22.06 -10.58
CA ASN A 188 29.32 23.40 -10.70
C ASN A 188 30.52 24.28 -11.02
N PRO A 189 30.42 25.10 -12.07
CA PRO A 189 31.54 25.99 -12.43
C PRO A 189 32.00 26.90 -11.31
N VAL A 190 31.10 27.20 -10.38
CA VAL A 190 31.40 28.07 -9.25
C VAL A 190 31.82 27.33 -7.99
N TYR A 191 31.10 26.26 -7.65
CA TYR A 191 31.39 25.51 -6.43
C TYR A 191 32.05 24.14 -6.64
N GLY A 192 32.13 23.69 -7.88
CA GLY A 192 32.72 22.40 -8.15
C GLY A 192 31.77 21.31 -7.73
N ASN A 193 32.28 20.23 -7.16
CA ASN A 193 31.41 19.14 -6.69
C ASN A 193 31.02 19.47 -5.26
N GLN A 194 29.73 19.69 -5.03
CA GLN A 194 29.24 20.04 -3.69
C GLN A 194 28.80 18.85 -2.85
N LEU A 195 29.14 17.64 -3.29
CA LEU A 195 28.75 16.42 -2.59
C LEU A 195 28.69 16.53 -1.07
N PHE A 196 29.80 16.90 -0.43
CA PHE A 196 29.83 17.01 1.03
C PHE A 196 30.17 18.39 1.57
N MET A 197 29.89 19.42 0.78
CA MET A 197 30.16 20.79 1.19
C MET A 197 29.09 21.25 2.18
N LYS A 198 29.51 21.72 3.35
CA LYS A 198 28.54 22.18 4.36
C LYS A 198 27.96 23.54 3.99
N THR A 199 28.84 24.50 3.71
CA THR A 199 28.39 25.84 3.32
C THR A 199 29.06 26.27 2.03
N ARG A 200 28.40 27.11 1.26
CA ARG A 200 28.97 27.60 0.00
C ARG A 200 29.92 28.76 0.23
N ASN A 201 29.54 29.70 1.10
CA ASN A 201 30.35 30.87 1.38
C ASN A 201 30.71 31.03 2.85
N GLY A 202 30.64 29.93 3.61
CA GLY A 202 30.97 30.00 5.03
C GLY A 202 32.37 30.50 5.32
N SER A 203 32.50 31.36 6.32
CA SER A 203 33.80 31.91 6.70
C SER A 203 34.41 31.12 7.84
N MET A 204 34.94 29.95 7.51
CA MET A 204 35.55 29.11 8.53
C MET A 204 36.64 28.19 8.00
N LYS A 205 37.27 27.46 8.91
CA LYS A 205 38.34 26.54 8.55
C LYS A 205 37.78 25.50 7.57
N ALA A 206 38.55 25.22 6.52
CA ALA A 206 38.14 24.25 5.50
C ALA A 206 37.79 22.91 6.12
N ALA A 207 38.60 22.48 7.09
CA ALA A 207 38.39 21.21 7.77
C ALA A 207 37.06 21.19 8.51
N ASP A 208 36.41 22.34 8.62
CA ASP A 208 35.14 22.42 9.31
C ASP A 208 33.99 22.66 8.36
N ASN A 209 34.26 22.66 7.06
CA ASN A 209 33.19 22.90 6.11
C ASN A 209 32.68 21.65 5.40
N PHE A 210 32.94 20.49 5.99
CA PHE A 210 32.46 19.25 5.42
C PHE A 210 31.13 18.94 6.10
N LEU A 211 30.24 18.31 5.34
CA LEU A 211 28.92 17.95 5.86
C LEU A 211 29.02 17.08 7.12
N ASP A 212 28.09 17.30 8.04
CA ASP A 212 28.02 16.53 9.27
C ASP A 212 27.63 15.12 8.85
N PRO A 213 28.43 14.11 9.24
CA PRO A 213 28.15 12.71 8.89
C PRO A 213 26.73 12.23 9.24
N ASN A 214 26.12 12.84 10.26
CA ASN A 214 24.76 12.46 10.65
C ASN A 214 23.74 12.97 9.64
N LYS A 215 24.14 13.92 8.79
CA LYS A 215 23.25 14.47 7.78
C LYS A 215 23.51 13.84 6.43
N ALA A 216 24.31 12.78 6.44
CA ALA A 216 24.63 12.06 5.22
C ALA A 216 24.34 10.58 5.49
N SER A 217 24.35 9.77 4.43
CA SER A 217 24.11 8.33 4.56
C SER A 217 24.99 7.73 5.65
N SER A 218 24.38 7.02 6.60
CA SER A 218 25.13 6.43 7.70
C SER A 218 26.18 5.42 7.26
N LEU A 219 26.04 4.89 6.05
CA LEU A 219 27.03 3.94 5.53
C LEU A 219 28.36 4.65 5.34
N LEU A 220 28.31 5.95 5.05
CA LEU A 220 29.54 6.71 4.85
C LEU A 220 30.43 6.71 6.08
N SER A 221 29.82 6.80 7.26
CA SER A 221 30.57 6.83 8.51
C SER A 221 30.51 5.54 9.33
N SER A 222 29.36 5.26 9.94
CA SER A 222 29.23 4.06 10.74
C SER A 222 29.44 2.77 9.93
N GLY A 223 29.18 2.81 8.63
CA GLY A 223 29.43 1.62 7.84
C GLY A 223 28.27 0.81 7.32
N PHE A 224 28.65 -0.19 6.51
CA PHE A 224 27.74 -1.11 5.85
C PHE A 224 27.87 -2.52 6.39
N SER A 225 26.74 -3.18 6.59
CA SER A 225 26.76 -4.55 7.09
C SER A 225 26.38 -5.52 5.98
N PRO A 226 27.36 -6.27 5.46
CA PRO A 226 27.06 -7.23 4.40
C PRO A 226 26.07 -8.25 4.92
N ASP A 227 25.18 -8.70 4.06
CA ASP A 227 24.19 -9.71 4.42
C ASP A 227 23.98 -10.52 3.15
N PHE A 228 25.06 -11.13 2.68
CA PHE A 228 25.06 -11.91 1.45
C PHE A 228 25.17 -13.39 1.74
N ALA A 229 24.69 -14.20 0.79
CA ALA A 229 24.72 -15.65 0.91
C ALA A 229 25.28 -16.21 -0.37
N THR A 230 26.07 -17.27 -0.23
CA THR A 230 26.70 -17.96 -1.34
C THR A 230 26.54 -19.45 -1.08
N VAL A 231 25.98 -20.18 -2.04
CA VAL A 231 25.85 -21.61 -1.82
C VAL A 231 26.91 -22.29 -2.70
N ILE A 232 27.60 -23.25 -2.11
CA ILE A 232 28.64 -23.97 -2.82
C ILE A 232 28.23 -25.42 -2.81
N THR A 233 28.39 -26.08 -3.95
CA THR A 233 28.04 -27.47 -4.07
C THR A 233 29.31 -28.29 -4.22
N MET A 234 29.24 -29.54 -3.78
CA MET A 234 30.38 -30.46 -3.83
C MET A 234 29.92 -31.87 -4.12
N ASP A 235 30.59 -32.50 -5.08
CA ASP A 235 30.27 -33.87 -5.46
C ASP A 235 30.68 -34.80 -4.31
N ARG A 236 29.80 -35.73 -3.94
CA ARG A 236 30.13 -36.64 -2.84
C ARG A 236 31.22 -37.63 -3.19
N LYS A 237 31.43 -37.87 -4.48
CA LYS A 237 32.45 -38.80 -4.92
C LYS A 237 33.83 -38.13 -5.03
N ALA A 238 33.86 -36.81 -5.00
CA ALA A 238 35.12 -36.08 -5.10
C ALA A 238 36.14 -36.75 -4.18
N SER A 239 37.33 -37.00 -4.70
CA SER A 239 38.38 -37.65 -3.93
C SER A 239 38.90 -36.78 -2.79
N LYS A 240 38.95 -35.47 -3.01
CA LYS A 240 39.43 -34.57 -1.98
C LYS A 240 38.25 -33.83 -1.36
N GLN A 241 37.90 -34.19 -0.13
CA GLN A 241 36.76 -33.57 0.54
C GLN A 241 37.10 -32.35 1.39
N GLN A 242 38.16 -31.64 1.02
CA GLN A 242 38.56 -30.42 1.72
C GLN A 242 38.62 -29.36 0.64
N THR A 243 38.14 -28.16 0.95
CA THR A 243 38.12 -27.08 -0.02
C THR A 243 38.61 -25.81 0.63
N ASN A 244 39.45 -25.06 -0.07
CA ASN A 244 39.92 -23.78 0.45
C ASN A 244 39.06 -22.73 -0.23
N ILE A 245 38.88 -21.61 0.44
CA ILE A 245 38.11 -20.52 -0.13
C ILE A 245 38.57 -19.26 0.58
N ASP A 246 38.81 -18.21 -0.19
CA ASP A 246 39.24 -16.94 0.37
C ASP A 246 38.05 -15.99 0.34
N VAL A 247 37.93 -15.18 1.39
CA VAL A 247 36.88 -14.19 1.48
C VAL A 247 37.57 -12.84 1.62
N ILE A 248 37.22 -11.91 0.75
CA ILE A 248 37.82 -10.60 0.78
C ILE A 248 36.79 -9.53 1.07
N TYR A 249 37.04 -8.74 2.10
CA TYR A 249 36.17 -7.61 2.43
C TYR A 249 36.99 -6.42 1.99
N GLU A 250 36.36 -5.47 1.33
CA GLU A 250 37.11 -4.35 0.82
C GLU A 250 36.33 -3.05 0.90
N ARG A 251 37.07 -1.95 1.00
CA ARG A 251 36.47 -0.64 1.04
C ARG A 251 37.26 0.22 0.07
N VAL A 252 36.53 0.99 -0.73
CA VAL A 252 37.15 1.88 -1.69
C VAL A 252 36.79 3.28 -1.22
N ARG A 253 37.79 4.14 -1.13
CA ARG A 253 37.55 5.50 -0.68
C ARG A 253 37.92 6.54 -1.71
N ASP A 254 37.05 7.53 -1.82
CA ASP A 254 37.26 8.64 -2.72
C ASP A 254 37.90 9.71 -1.87
N ASP A 255 38.36 10.78 -2.53
CA ASP A 255 39.03 11.90 -1.87
C ASP A 255 38.28 13.17 -2.25
N TYR A 256 37.56 13.74 -1.29
CA TYR A 256 36.79 14.96 -1.54
C TYR A 256 37.49 16.14 -0.88
N GLN A 257 37.97 17.07 -1.69
CA GLN A 257 38.71 18.22 -1.19
C GLN A 257 38.01 19.55 -1.39
N LEU A 258 38.11 20.42 -0.38
CA LEU A 258 37.51 21.75 -0.42
C LEU A 258 38.56 22.83 -0.28
N HIS A 259 38.61 23.75 -1.23
CA HIS A 259 39.56 24.85 -1.14
C HIS A 259 38.83 26.17 -1.33
N TRP A 260 39.31 27.18 -0.64
CA TRP A 260 38.70 28.50 -0.74
C TRP A 260 39.26 29.16 -2.00
N THR A 261 38.36 29.58 -2.89
CA THR A 261 38.79 30.22 -4.14
C THR A 261 39.30 31.63 -3.86
N SER A 262 38.52 32.36 -3.05
CA SER A 262 38.80 33.74 -2.65
C SER A 262 37.46 34.38 -2.35
N THR A 263 36.44 33.96 -3.11
CA THR A 263 35.09 34.47 -2.94
C THR A 263 34.14 33.40 -2.38
N ASN A 264 34.48 32.14 -2.58
CA ASN A 264 33.62 31.04 -2.11
C ASN A 264 34.33 29.69 -2.00
N TRP A 265 33.57 28.68 -1.56
CA TRP A 265 34.09 27.33 -1.40
C TRP A 265 33.90 26.50 -2.67
N LYS A 266 34.88 25.66 -2.98
CA LYS A 266 34.81 24.82 -4.16
C LYS A 266 35.27 23.41 -3.82
N GLY A 267 34.45 22.42 -4.21
CA GLY A 267 34.80 21.04 -3.92
C GLY A 267 35.27 20.24 -5.12
N THR A 268 36.09 19.22 -4.85
CA THR A 268 36.62 18.35 -5.89
C THR A 268 36.70 16.91 -5.37
N ASN A 269 36.30 15.95 -6.19
CA ASN A 269 36.34 14.55 -5.76
C ASN A 269 37.22 13.67 -6.63
N THR A 270 38.16 12.97 -5.99
CA THR A 270 39.06 12.06 -6.69
C THR A 270 38.59 10.63 -6.46
N LYS A 271 38.19 9.97 -7.55
CA LYS A 271 37.69 8.59 -7.48
C LYS A 271 38.71 7.52 -7.14
N ASP A 272 38.26 6.54 -6.37
CA ASP A 272 39.07 5.39 -5.98
C ASP A 272 40.49 5.72 -5.54
N LYS A 273 40.63 6.75 -4.72
CA LYS A 273 41.95 7.17 -4.23
C LYS A 273 42.63 6.04 -3.45
N TRP A 274 41.91 5.47 -2.48
CA TRP A 274 42.45 4.39 -1.66
C TRP A 274 41.58 3.12 -1.75
N THR A 275 42.17 2.00 -1.35
CA THR A 275 41.50 0.71 -1.36
C THR A 275 41.97 -0.11 -0.15
N ASP A 276 41.06 -0.45 0.75
CA ASP A 276 41.42 -1.24 1.91
C ASP A 276 40.92 -2.66 1.69
N ARG A 277 41.85 -3.58 1.53
CA ARG A 277 41.51 -4.98 1.27
C ARG A 277 41.89 -5.90 2.42
N SER A 278 40.89 -6.60 2.95
CA SER A 278 41.08 -7.53 4.05
C SER A 278 40.72 -8.91 3.52
N SER A 279 41.73 -9.78 3.41
CA SER A 279 41.51 -11.13 2.88
C SER A 279 41.75 -12.15 3.96
N GLU A 280 41.08 -13.29 3.83
CA GLU A 280 41.25 -14.38 4.78
C GLU A 280 40.87 -15.72 4.17
N ARG A 281 41.66 -16.75 4.44
CA ARG A 281 41.38 -18.08 3.91
C ARG A 281 40.66 -18.96 4.91
N TYR A 282 39.68 -19.70 4.41
CA TYR A 282 38.91 -20.62 5.23
C TYR A 282 39.11 -22.02 4.70
N LYS A 283 38.93 -23.00 5.56
CA LYS A 283 39.05 -24.39 5.17
C LYS A 283 37.70 -25.05 5.34
N ILE A 284 37.22 -25.63 4.25
CA ILE A 284 35.95 -26.31 4.23
C ILE A 284 36.20 -27.80 4.28
N ASP A 285 35.66 -28.47 5.29
CA ASP A 285 35.83 -29.91 5.41
C ASP A 285 34.43 -30.52 5.23
N TRP A 286 34.18 -31.08 4.04
CA TRP A 286 32.89 -31.67 3.69
C TRP A 286 32.56 -32.97 4.43
N GLU A 287 33.56 -33.59 5.03
CA GLU A 287 33.35 -34.82 5.77
C GLU A 287 33.05 -34.45 7.23
N LYS A 288 33.90 -33.62 7.82
CA LYS A 288 33.66 -33.23 9.21
C LYS A 288 32.54 -32.20 9.24
N GLU A 289 32.24 -31.62 8.07
CA GLU A 289 31.20 -30.61 7.94
C GLU A 289 31.45 -29.42 8.87
N GLU A 290 32.59 -28.79 8.67
CA GLU A 290 32.93 -27.63 9.46
C GLU A 290 33.82 -26.69 8.67
N MET A 291 33.73 -25.40 9.00
CA MET A 291 34.56 -24.39 8.35
C MET A 291 35.51 -23.86 9.43
N THR A 292 36.78 -23.70 9.08
CA THR A 292 37.75 -23.15 10.02
C THR A 292 38.60 -22.11 9.32
N ASN A 293 39.21 -21.23 10.10
CA ASN A 293 40.10 -20.20 9.58
C ASN A 293 41.26 -20.10 10.57
N ALA B 1 -7.96 -19.43 -7.24
CA ALA B 1 -7.52 -20.03 -5.95
C ALA B 1 -8.53 -21.08 -5.52
N ASP B 2 -8.03 -22.24 -5.10
CA ASP B 2 -8.89 -23.33 -4.66
C ASP B 2 -10.06 -22.89 -3.80
N SER B 3 -9.79 -22.00 -2.84
CA SER B 3 -10.85 -21.52 -1.96
C SER B 3 -11.98 -20.88 -2.76
N ASP B 4 -11.65 -20.31 -3.92
CA ASP B 4 -12.66 -19.68 -4.76
C ASP B 4 -13.62 -20.72 -5.32
N ILE B 5 -13.19 -21.97 -5.38
CA ILE B 5 -14.07 -23.01 -5.87
C ILE B 5 -14.44 -24.04 -4.82
N ASN B 6 -14.44 -23.58 -3.57
CA ASN B 6 -14.84 -24.37 -2.41
C ASN B 6 -14.06 -25.65 -2.13
N ILE B 7 -12.79 -25.63 -2.47
CA ILE B 7 -11.93 -26.79 -2.24
C ILE B 7 -10.80 -26.47 -1.25
N LYS B 8 -10.48 -27.43 -0.40
CA LYS B 8 -9.42 -27.26 0.58
C LYS B 8 -8.14 -26.83 -0.16
N THR B 9 -7.51 -25.77 0.32
CA THR B 9 -6.28 -25.27 -0.27
C THR B 9 -5.27 -26.41 -0.44
N GLY B 10 -4.61 -26.46 -1.58
CA GLY B 10 -3.62 -27.49 -1.84
C GLY B 10 -4.14 -28.87 -2.17
N THR B 11 -5.46 -29.06 -2.19
CA THR B 11 -6.00 -30.38 -2.48
C THR B 11 -5.59 -30.93 -3.86
N THR B 12 -5.51 -30.08 -4.87
CA THR B 12 -5.16 -30.53 -6.21
C THR B 12 -3.67 -30.46 -6.54
N ASP B 13 -2.83 -30.02 -5.60
CA ASP B 13 -1.40 -29.91 -5.88
C ASP B 13 -0.71 -31.26 -5.94
N ILE B 14 0.36 -31.30 -6.72
CA ILE B 14 1.17 -32.49 -6.93
C ILE B 14 2.33 -32.56 -5.94
N GLY B 15 2.71 -33.79 -5.55
CA GLY B 15 3.85 -33.95 -4.67
C GLY B 15 3.69 -34.61 -3.31
N SER B 16 2.50 -34.56 -2.73
CA SER B 16 2.31 -35.13 -1.40
C SER B 16 2.63 -36.62 -1.34
N ASN B 17 3.21 -37.03 -0.21
CA ASN B 17 3.58 -38.42 0.04
C ASN B 17 4.42 -39.00 -1.10
N THR B 18 5.37 -38.19 -1.55
CA THR B 18 6.26 -38.59 -2.63
C THR B 18 7.68 -38.23 -2.23
N THR B 19 8.64 -39.09 -2.56
CA THR B 19 10.02 -38.78 -2.25
C THR B 19 10.52 -38.03 -3.47
N VAL B 20 10.96 -36.79 -3.26
CA VAL B 20 11.46 -35.95 -4.34
C VAL B 20 12.98 -36.01 -4.49
N LYS B 21 13.45 -36.27 -5.70
CA LYS B 21 14.88 -36.35 -5.97
C LYS B 21 15.28 -35.07 -6.66
N THR B 22 16.19 -34.34 -6.02
CA THR B 22 16.63 -33.05 -6.54
C THR B 22 18.09 -33.08 -6.92
N GLY B 23 18.50 -32.06 -7.67
CA GLY B 23 19.88 -32.00 -8.08
C GLY B 23 20.33 -30.63 -8.53
N ASP B 24 21.64 -30.43 -8.50
CA ASP B 24 22.21 -29.17 -8.91
C ASP B 24 23.29 -29.44 -9.96
N LEU B 25 23.30 -28.63 -11.01
CA LEU B 25 24.27 -28.79 -12.09
C LEU B 25 24.80 -27.43 -12.49
N VAL B 26 26.09 -27.21 -12.27
CA VAL B 26 26.72 -25.95 -12.58
C VAL B 26 27.77 -26.03 -13.70
N THR B 27 27.70 -25.06 -14.60
CA THR B 27 28.65 -24.97 -15.70
C THR B 27 29.01 -23.52 -15.96
N TYR B 28 30.30 -23.22 -15.99
CA TYR B 28 30.73 -21.86 -16.27
C TYR B 28 31.39 -21.79 -17.63
N ASP B 29 30.77 -21.04 -18.53
CA ASP B 29 31.29 -20.85 -19.88
C ASP B 29 32.16 -19.60 -19.83
N LYS B 30 33.47 -19.80 -19.76
CA LYS B 30 34.42 -18.70 -19.68
C LYS B 30 34.37 -17.73 -20.87
N GLU B 31 34.41 -18.28 -22.08
CA GLU B 31 34.40 -17.48 -23.30
C GLU B 31 33.15 -16.60 -23.44
N ASN B 32 32.00 -17.13 -23.03
CA ASN B 32 30.75 -16.39 -23.14
C ASN B 32 30.33 -15.66 -21.85
N GLY B 33 31.17 -15.72 -20.82
CA GLY B 33 30.86 -15.05 -19.56
C GLY B 33 29.49 -15.42 -18.99
N MET B 34 29.24 -16.72 -18.84
CA MET B 34 27.96 -17.18 -18.33
C MET B 34 28.04 -18.26 -17.26
N HIS B 35 27.49 -17.94 -16.08
CA HIS B 35 27.43 -18.90 -14.97
C HIS B 35 26.07 -19.55 -15.15
N LYS B 36 26.06 -20.81 -15.54
CA LYS B 36 24.80 -21.49 -15.77
C LYS B 36 24.56 -22.55 -14.74
N LYS B 37 23.38 -22.52 -14.14
CA LYS B 37 23.03 -23.50 -13.13
C LYS B 37 21.64 -24.03 -13.35
N VAL B 38 21.50 -25.34 -13.25
CA VAL B 38 20.21 -25.96 -13.38
C VAL B 38 19.96 -26.64 -12.04
N PHE B 39 18.79 -26.40 -11.47
CA PHE B 39 18.42 -27.04 -10.22
C PHE B 39 17.19 -27.82 -10.66
N TYR B 40 17.23 -29.13 -10.54
CA TYR B 40 16.11 -29.94 -10.98
C TYR B 40 15.42 -30.68 -9.85
N SER B 41 14.24 -31.25 -10.14
CA SER B 41 13.49 -31.99 -9.14
C SER B 41 12.53 -32.97 -9.81
N PHE B 42 12.73 -34.25 -9.56
CA PHE B 42 11.85 -35.29 -10.09
C PHE B 42 10.75 -35.52 -9.08
N ILE B 43 9.51 -35.47 -9.55
CA ILE B 43 8.35 -35.71 -8.71
C ILE B 43 7.53 -36.80 -9.39
N ASP B 44 7.61 -37.99 -8.85
CA ASP B 44 6.86 -39.10 -9.42
C ASP B 44 5.74 -39.43 -8.44
N ASP B 45 4.74 -38.54 -8.42
CA ASP B 45 3.58 -38.67 -7.56
C ASP B 45 2.64 -39.73 -8.15
N LYS B 46 2.51 -40.85 -7.48
CA LYS B 46 1.69 -41.93 -7.99
C LYS B 46 0.21 -41.61 -8.19
N ASN B 47 -0.29 -40.54 -7.58
CA ASN B 47 -1.69 -40.17 -7.77
C ASN B 47 -1.79 -39.20 -8.97
N HIS B 48 -0.66 -39.04 -9.67
CA HIS B 48 -0.62 -38.18 -10.85
C HIS B 48 -0.39 -39.09 -12.06
N ASN B 49 -1.10 -38.84 -13.16
CA ASN B 49 -0.98 -39.69 -14.33
C ASN B 49 0.38 -39.64 -15.03
N LYS B 50 1.27 -38.77 -14.58
CA LYS B 50 2.59 -38.68 -15.19
C LYS B 50 3.72 -38.33 -14.25
N LYS B 51 4.94 -38.65 -14.67
CA LYS B 51 6.12 -38.32 -13.88
C LYS B 51 6.40 -36.85 -14.21
N LEU B 52 6.89 -36.09 -13.25
CA LEU B 52 7.20 -34.68 -13.46
C LEU B 52 8.66 -34.40 -13.19
N LEU B 53 9.18 -33.42 -13.92
CA LEU B 53 10.55 -32.97 -13.75
C LEU B 53 10.48 -31.46 -13.80
N VAL B 54 10.87 -30.81 -12.71
CA VAL B 54 10.88 -29.37 -12.68
C VAL B 54 12.32 -28.96 -12.89
N ILE B 55 12.56 -28.18 -13.93
CA ILE B 55 13.90 -27.70 -14.23
C ILE B 55 13.94 -26.21 -13.96
N ARG B 56 14.78 -25.79 -13.03
CA ARG B 56 14.89 -24.37 -12.75
C ARG B 56 16.23 -23.91 -13.31
N THR B 57 16.20 -23.00 -14.28
CA THR B 57 17.42 -22.47 -14.88
C THR B 57 17.76 -21.16 -14.20
N LYS B 58 18.88 -21.14 -13.52
CA LYS B 58 19.31 -19.96 -12.79
C LYS B 58 20.70 -19.52 -13.25
N GLY B 59 21.54 -19.13 -12.31
CA GLY B 59 22.88 -18.68 -12.68
C GLY B 59 22.87 -17.20 -13.03
N THR B 60 23.87 -16.75 -13.77
CA THR B 60 23.99 -15.35 -14.16
C THR B 60 24.73 -15.15 -15.48
N ILE B 61 24.10 -14.43 -16.41
CA ILE B 61 24.72 -14.11 -17.69
C ILE B 61 25.31 -12.72 -17.50
N ALA B 62 26.63 -12.62 -17.60
CA ALA B 62 27.31 -11.34 -17.41
C ALA B 62 26.78 -10.32 -18.42
N GLY B 63 26.76 -9.05 -18.04
CA GLY B 63 26.28 -8.00 -18.94
C GLY B 63 27.30 -7.69 -20.02
N GLN B 64 28.53 -7.41 -19.61
CA GLN B 64 29.65 -7.12 -20.50
C GLN B 64 29.58 -5.81 -21.27
N TYR B 65 29.04 -4.80 -20.60
CA TYR B 65 28.92 -3.44 -21.11
C TYR B 65 30.39 -2.98 -21.18
N ARG B 66 30.95 -2.98 -22.39
CA ARG B 66 32.36 -2.63 -22.54
C ARG B 66 32.66 -1.77 -23.77
N VAL B 67 33.71 -0.96 -23.65
CA VAL B 67 34.17 -0.12 -24.74
C VAL B 67 35.07 -1.05 -25.55
N TYR B 68 34.69 -1.35 -26.78
CA TYR B 68 35.47 -2.27 -27.60
C TYR B 68 36.33 -1.64 -28.68
N SER B 69 35.90 -0.51 -29.24
CA SER B 69 36.69 0.13 -30.29
C SER B 69 37.00 1.59 -29.99
N GLU B 70 38.18 2.03 -30.46
CA GLU B 70 38.62 3.41 -30.23
C GLU B 70 39.61 3.91 -31.29
N GLU B 71 39.10 4.37 -32.43
CA GLU B 71 39.96 4.89 -33.50
C GLU B 71 39.83 6.41 -33.57
N GLY B 72 40.81 7.10 -33.00
CA GLY B 72 40.78 8.56 -32.99
C GLY B 72 40.06 9.01 -31.74
N ALA B 73 40.32 10.25 -31.31
CA ALA B 73 39.67 10.76 -30.11
C ALA B 73 38.25 11.21 -30.41
N ASN B 74 37.84 11.08 -31.66
CA ASN B 74 36.49 11.49 -32.05
C ASN B 74 35.56 10.32 -32.32
N LYS B 75 36.02 9.10 -32.06
CA LYS B 75 35.20 7.93 -32.30
C LYS B 75 35.51 6.76 -31.36
N SER B 76 34.46 6.05 -30.96
CA SER B 76 34.58 4.91 -30.07
C SER B 76 33.31 4.09 -30.19
N GLY B 77 33.35 2.86 -29.69
CA GLY B 77 32.18 2.00 -29.74
C GLY B 77 31.93 1.34 -28.39
N LEU B 78 30.66 1.11 -28.08
CA LEU B 78 30.28 0.48 -26.82
C LEU B 78 29.39 -0.73 -27.09
N ALA B 79 29.83 -1.90 -26.64
CA ALA B 79 29.03 -3.11 -26.80
C ALA B 79 28.20 -3.23 -25.52
N TRP B 80 26.89 -3.39 -25.66
CA TRP B 80 26.02 -3.51 -24.49
C TRP B 80 24.93 -4.55 -24.71
N PRO B 81 24.53 -5.26 -23.65
CA PRO B 81 23.50 -6.30 -23.74
C PRO B 81 22.09 -5.76 -23.95
N SER B 82 21.51 -6.05 -25.10
CA SER B 82 20.17 -5.58 -25.41
C SER B 82 19.15 -6.68 -25.15
N ALA B 83 19.63 -7.88 -24.85
CA ALA B 83 18.74 -8.99 -24.59
C ALA B 83 19.46 -10.20 -24.00
N PHE B 84 18.81 -10.85 -23.03
CA PHE B 84 19.35 -12.06 -22.40
C PHE B 84 18.30 -13.12 -22.67
N LYS B 85 18.73 -14.35 -22.92
CA LYS B 85 17.78 -15.42 -23.19
C LYS B 85 18.18 -16.73 -22.56
N VAL B 86 17.15 -17.50 -22.19
CA VAL B 86 17.31 -18.84 -21.64
C VAL B 86 16.29 -19.67 -22.40
N GLN B 87 16.75 -20.74 -23.02
CA GLN B 87 15.84 -21.59 -23.78
C GLN B 87 16.06 -23.06 -23.54
N LEU B 88 14.96 -23.80 -23.53
CA LEU B 88 15.02 -25.24 -23.32
C LEU B 88 14.28 -25.87 -24.48
N GLN B 89 14.85 -26.94 -25.02
CA GLN B 89 14.25 -27.62 -26.14
C GLN B 89 14.45 -29.13 -26.12
N LEU B 90 13.36 -29.85 -26.36
CA LEU B 90 13.40 -31.31 -26.43
C LEU B 90 13.50 -31.68 -27.89
N PRO B 91 14.40 -32.60 -28.24
CA PRO B 91 14.51 -32.99 -29.65
C PRO B 91 13.18 -33.51 -30.18
N ASP B 92 12.96 -33.30 -31.48
CA ASP B 92 11.74 -33.69 -32.16
C ASP B 92 11.17 -35.07 -31.81
N ASN B 93 12.04 -36.06 -31.68
CA ASN B 93 11.60 -37.42 -31.37
C ASN B 93 11.21 -37.71 -29.91
N GLU B 94 11.58 -36.82 -28.98
CA GLU B 94 11.27 -37.04 -27.56
C GLU B 94 9.78 -37.23 -27.28
N VAL B 95 9.45 -38.16 -26.39
CA VAL B 95 8.06 -38.39 -26.03
C VAL B 95 7.66 -37.58 -24.79
N ALA B 96 8.64 -37.09 -24.05
CA ALA B 96 8.40 -36.26 -22.88
C ALA B 96 7.93 -34.89 -23.41
N GLN B 97 7.13 -34.16 -22.63
CA GLN B 97 6.63 -32.86 -23.09
C GLN B 97 6.78 -31.69 -22.13
N ILE B 98 6.87 -30.49 -22.71
CA ILE B 98 6.95 -29.25 -21.96
C ILE B 98 5.50 -29.11 -21.49
N SER B 99 5.29 -29.11 -20.19
CA SER B 99 3.94 -29.04 -19.66
C SER B 99 3.57 -27.69 -19.09
N ASP B 100 4.48 -27.10 -18.34
CA ASP B 100 4.24 -25.80 -17.73
C ASP B 100 5.53 -24.99 -17.65
N TYR B 101 5.41 -23.75 -17.22
CA TYR B 101 6.55 -22.86 -17.14
C TYR B 101 6.14 -21.63 -16.34
N TYR B 102 7.15 -20.96 -15.79
CA TYR B 102 6.89 -19.79 -15.00
C TYR B 102 8.21 -19.05 -14.87
N PRO B 103 8.19 -17.70 -14.96
CA PRO B 103 7.06 -16.79 -15.17
C PRO B 103 6.44 -16.79 -16.57
N ARG B 104 5.31 -16.12 -16.70
CA ARG B 104 4.60 -16.01 -17.98
C ARG B 104 4.41 -14.53 -18.32
N ASN B 105 3.68 -14.22 -19.38
CA ASN B 105 3.46 -12.81 -19.74
C ASN B 105 2.27 -12.25 -18.98
N SER B 106 2.49 -11.25 -18.13
CA SER B 106 1.36 -10.69 -17.43
C SER B 106 0.80 -9.55 -18.27
N ILE B 107 -0.47 -9.24 -18.09
CA ILE B 107 -1.11 -8.15 -18.83
C ILE B 107 -0.65 -6.84 -18.22
N ASP B 108 -0.10 -5.95 -19.04
CA ASP B 108 0.36 -4.65 -18.54
C ASP B 108 -0.84 -3.73 -18.42
N THR B 109 -0.74 -2.70 -17.60
CA THR B 109 -1.85 -1.77 -17.42
C THR B 109 -1.35 -0.34 -17.33
N LYS B 110 -2.30 0.59 -17.32
CA LYS B 110 -2.01 2.00 -17.24
C LYS B 110 -3.18 2.67 -16.54
N GLU B 111 -2.92 3.80 -15.91
CA GLU B 111 -3.97 4.53 -15.23
C GLU B 111 -4.29 5.72 -16.10
N TYR B 112 -5.57 6.06 -16.17
CA TYR B 112 -6.00 7.17 -16.99
C TYR B 112 -6.62 8.23 -16.10
N ASN B 113 -6.27 9.48 -16.34
CA ASN B 113 -6.84 10.58 -15.56
C ASN B 113 -7.49 11.62 -16.47
N SER B 114 -8.79 11.82 -16.28
CA SER B 114 -9.55 12.81 -17.07
C SER B 114 -9.87 14.00 -16.19
N THR B 115 -9.51 15.19 -16.65
CA THR B 115 -9.76 16.42 -15.90
C THR B 115 -10.45 17.51 -16.71
N LEU B 116 -11.59 17.98 -16.18
CA LEU B 116 -12.37 19.04 -16.81
C LEU B 116 -12.49 20.16 -15.79
N THR B 117 -12.19 21.38 -16.21
CA THR B 117 -12.25 22.53 -15.30
C THR B 117 -12.90 23.78 -15.89
N TYR B 118 -13.88 24.31 -15.16
CA TYR B 118 -14.58 25.53 -15.56
C TYR B 118 -14.16 26.65 -14.64
N GLY B 119 -14.16 27.88 -15.16
CA GLY B 119 -13.78 29.02 -14.35
C GLY B 119 -14.37 30.34 -14.80
N PHE B 120 -14.57 31.24 -13.85
CA PHE B 120 -15.11 32.57 -14.12
C PHE B 120 -14.28 33.53 -13.27
N ASN B 121 -14.14 34.77 -13.71
CA ASN B 121 -13.37 35.75 -12.94
C ASN B 121 -13.67 37.19 -13.33
N GLY B 122 -13.94 38.02 -12.31
CA GLY B 122 -14.23 39.41 -12.54
C GLY B 122 -12.98 40.23 -12.28
N ASN B 123 -13.08 41.55 -12.42
CA ASN B 123 -11.92 42.40 -12.21
C ASN B 123 -12.24 43.87 -12.46
N VAL B 124 -12.39 44.64 -11.38
CA VAL B 124 -12.68 46.07 -11.47
C VAL B 124 -11.37 46.84 -11.50
N THR B 125 -11.34 47.98 -12.18
CA THR B 125 -10.12 48.78 -12.30
C THR B 125 -10.24 50.21 -11.75
N GLY B 126 -9.14 50.94 -11.79
CA GLY B 126 -9.11 52.31 -11.30
C GLY B 126 -7.76 52.96 -11.52
N ASP B 127 -7.62 54.20 -11.03
CA ASP B 127 -6.37 54.96 -11.15
C ASP B 127 -6.52 56.36 -10.56
N ASP B 128 -5.40 56.95 -10.15
CA ASP B 128 -5.42 58.28 -9.55
C ASP B 128 -6.18 59.28 -10.42
N THR B 129 -6.43 58.90 -11.67
CA THR B 129 -7.15 59.75 -12.60
C THR B 129 -8.64 59.42 -12.68
N GLY B 130 -9.18 58.88 -11.59
CA GLY B 130 -10.59 58.54 -11.52
C GLY B 130 -11.15 57.59 -12.57
N LYS B 131 -10.29 57.07 -13.45
CA LYS B 131 -10.76 56.14 -14.48
C LYS B 131 -11.06 54.76 -13.89
N ILE B 132 -12.33 54.36 -13.95
CA ILE B 132 -12.76 53.06 -13.43
C ILE B 132 -12.98 52.07 -14.57
N GLY B 133 -12.34 50.91 -14.45
CA GLY B 133 -12.46 49.90 -15.48
C GLY B 133 -13.20 48.64 -15.05
N GLY B 134 -13.31 47.69 -15.98
CA GLY B 134 -13.98 46.44 -15.68
C GLY B 134 -13.36 45.28 -16.44
N LEU B 135 -13.68 44.06 -16.03
CA LEU B 135 -13.13 42.86 -16.67
C LEU B 135 -13.87 41.60 -16.27
N ILE B 136 -14.41 40.91 -17.26
CA ILE B 136 -15.15 39.67 -17.03
C ILE B 136 -14.81 38.63 -18.11
N GLY B 137 -14.28 37.50 -17.66
CA GLY B 137 -13.94 36.43 -18.58
C GLY B 137 -14.13 35.06 -17.97
N ALA B 138 -14.18 34.05 -18.81
CA ALA B 138 -14.36 32.68 -18.36
C ALA B 138 -13.20 31.82 -18.87
N ASN B 139 -13.31 30.51 -18.67
CA ASN B 139 -12.28 29.59 -19.11
C ASN B 139 -12.69 28.14 -18.94
N VAL B 140 -12.14 27.29 -19.80
CA VAL B 140 -12.41 25.85 -19.76
C VAL B 140 -11.08 25.17 -20.07
N SER B 141 -10.93 23.91 -19.67
CA SER B 141 -9.70 23.17 -19.94
C SER B 141 -9.94 21.67 -19.78
N ILE B 142 -9.77 20.94 -20.87
CA ILE B 142 -9.94 19.50 -20.85
C ILE B 142 -8.57 18.86 -21.00
N GLY B 143 -8.14 18.13 -19.97
CA GLY B 143 -6.84 17.49 -20.05
C GLY B 143 -6.85 16.08 -19.51
N HIS B 144 -5.88 15.28 -19.94
CA HIS B 144 -5.81 13.92 -19.45
C HIS B 144 -4.36 13.51 -19.21
N THR B 145 -4.15 12.72 -18.18
CA THR B 145 -2.83 12.23 -17.86
C THR B 145 -2.84 10.72 -17.87
N LEU B 146 -1.86 10.15 -18.56
CA LEU B 146 -1.73 8.72 -18.67
C LEU B 146 -0.58 8.30 -17.76
N LYS B 147 -0.75 7.19 -17.04
CA LYS B 147 0.28 6.71 -16.14
C LYS B 147 0.55 5.22 -16.31
N TYR B 148 1.83 4.84 -16.29
CA TYR B 148 2.25 3.45 -16.41
C TYR B 148 3.70 3.26 -16.00
N VAL B 149 4.05 2.05 -15.61
CA VAL B 149 5.40 1.72 -15.19
C VAL B 149 6.21 1.15 -16.35
N GLN B 150 7.48 1.51 -16.45
CA GLN B 150 8.33 1.01 -17.52
C GLN B 150 9.62 0.41 -16.96
N PRO B 151 9.72 -0.92 -16.92
CA PRO B 151 10.94 -1.56 -16.39
C PRO B 151 12.09 -1.34 -17.36
N ASP B 152 13.32 -1.31 -16.85
CA ASP B 152 14.48 -1.13 -17.71
C ASP B 152 14.54 -2.26 -18.72
N PHE B 153 14.12 -3.45 -18.30
CA PHE B 153 14.10 -4.63 -19.16
C PHE B 153 12.75 -5.32 -18.98
N LYS B 154 12.22 -5.91 -20.05
CA LYS B 154 10.97 -6.64 -19.95
C LYS B 154 11.33 -8.12 -19.90
N THR B 155 10.60 -8.87 -19.10
CA THR B 155 10.81 -10.32 -18.97
C THR B 155 9.66 -10.96 -19.74
N ILE B 156 10.00 -11.56 -20.86
CA ILE B 156 9.00 -12.16 -21.73
C ILE B 156 9.12 -13.66 -21.93
N LEU B 157 8.00 -14.35 -21.80
CA LEU B 157 7.97 -15.78 -22.02
C LEU B 157 7.75 -15.94 -23.53
N GLU B 158 8.63 -16.67 -24.20
CA GLU B 158 8.50 -16.86 -25.64
C GLU B 158 7.47 -17.94 -25.91
N SER B 159 6.71 -17.77 -26.98
CA SER B 159 5.67 -18.74 -27.36
C SER B 159 6.24 -20.15 -27.26
N PRO B 160 5.76 -20.94 -26.31
CA PRO B 160 6.29 -22.31 -26.21
C PRO B 160 5.48 -23.34 -26.95
N THR B 161 6.03 -24.54 -27.07
CA THR B 161 5.37 -25.66 -27.70
C THR B 161 5.53 -26.81 -26.72
N ASP B 162 5.17 -28.02 -27.12
CA ASP B 162 5.32 -29.15 -26.22
C ASP B 162 6.78 -29.62 -26.28
N LYS B 163 7.57 -28.98 -27.14
CA LYS B 163 8.99 -29.32 -27.29
C LYS B 163 9.93 -28.19 -26.87
N LYS B 164 9.44 -26.95 -26.84
CA LYS B 164 10.33 -25.87 -26.45
C LYS B 164 9.69 -24.72 -25.69
N VAL B 165 10.52 -24.05 -24.90
CA VAL B 165 10.07 -22.94 -24.10
C VAL B 165 11.26 -22.02 -23.91
N GLY B 166 11.00 -20.74 -23.76
CA GLY B 166 12.11 -19.83 -23.57
C GLY B 166 11.66 -18.50 -23.00
N TRP B 167 12.62 -17.75 -22.49
CA TRP B 167 12.36 -16.44 -21.94
C TRP B 167 13.39 -15.50 -22.53
N LYS B 168 13.02 -14.24 -22.67
CA LYS B 168 13.94 -13.24 -23.15
C LYS B 168 13.74 -12.01 -22.30
N VAL B 169 14.83 -11.48 -21.77
CA VAL B 169 14.77 -10.29 -20.95
C VAL B 169 15.37 -9.24 -21.86
N ILE B 170 14.51 -8.41 -22.43
CA ILE B 170 14.94 -7.41 -23.40
C ILE B 170 15.00 -5.98 -22.88
N PHE B 171 16.00 -5.24 -23.34
CA PHE B 171 16.15 -3.85 -22.97
C PHE B 171 14.89 -3.16 -23.48
N ASN B 172 14.25 -2.38 -22.61
CA ASN B 172 13.02 -1.66 -22.94
C ASN B 172 13.34 -0.18 -23.14
N ASN B 173 13.80 0.48 -22.09
CA ASN B 173 14.21 1.88 -22.15
C ASN B 173 14.94 2.21 -20.86
N MET B 174 15.60 3.37 -20.82
CA MET B 174 16.35 3.72 -19.63
C MET B 174 16.56 5.22 -19.44
N VAL B 175 16.68 5.63 -18.19
CA VAL B 175 16.90 7.03 -17.86
C VAL B 175 18.40 7.30 -17.87
N ASN B 176 18.80 8.33 -18.61
CA ASN B 176 20.20 8.72 -18.69
C ASN B 176 20.35 10.03 -17.93
N GLN B 177 20.90 9.94 -16.73
CA GLN B 177 21.11 11.11 -15.88
C GLN B 177 19.88 12.03 -15.88
N ASN B 178 18.74 11.47 -15.46
CA ASN B 178 17.48 12.18 -15.36
C ASN B 178 16.85 12.59 -16.67
N TRP B 179 17.38 12.11 -17.79
CA TRP B 179 16.81 12.45 -19.09
C TRP B 179 16.29 11.23 -19.82
N GLY B 180 15.44 11.48 -20.82
CA GLY B 180 14.87 10.40 -21.58
C GLY B 180 13.49 10.05 -21.05
N PRO B 181 13.21 8.76 -20.83
CA PRO B 181 14.14 7.65 -21.08
C PRO B 181 14.45 7.49 -22.55
N TYR B 182 15.60 6.91 -22.86
CA TYR B 182 15.98 6.68 -24.23
C TYR B 182 15.83 5.19 -24.50
N ASP B 183 15.92 4.80 -25.76
CA ASP B 183 15.83 3.39 -26.10
C ASP B 183 16.63 3.13 -27.37
N ARG B 184 16.49 1.93 -27.92
CA ARG B 184 17.24 1.55 -29.12
C ARG B 184 16.88 2.29 -30.39
N ASP B 185 15.79 3.04 -30.37
CA ASP B 185 15.38 3.78 -31.56
C ASP B 185 15.36 5.28 -31.36
N SER B 186 15.81 5.73 -30.19
CA SER B 186 15.83 7.17 -29.90
C SER B 186 16.70 7.95 -30.87
N TRP B 187 16.16 9.03 -31.40
CA TRP B 187 16.93 9.85 -32.32
C TRP B 187 16.64 11.34 -32.20
N ASN B 188 17.70 12.06 -31.91
CA ASN B 188 17.68 13.50 -31.77
C ASN B 188 18.41 14.02 -33.01
N PRO B 189 17.87 15.05 -33.68
CA PRO B 189 18.50 15.60 -34.88
C PRO B 189 19.97 15.97 -34.68
N VAL B 190 20.25 16.63 -33.56
CA VAL B 190 21.60 17.07 -33.26
C VAL B 190 22.50 16.02 -32.63
N TYR B 191 22.02 15.38 -31.57
CA TYR B 191 22.81 14.39 -30.85
C TYR B 191 22.66 12.93 -31.27
N GLY B 192 21.62 12.62 -32.03
CA GLY B 192 21.39 11.25 -32.45
C GLY B 192 20.75 10.47 -31.32
N ASN B 193 21.24 9.26 -31.07
CA ASN B 193 20.70 8.44 -30.00
C ASN B 193 21.57 8.69 -28.78
N GLN B 194 21.00 9.32 -27.75
CA GLN B 194 21.75 9.65 -26.53
C GLN B 194 21.66 8.60 -25.41
N LEU B 195 21.22 7.40 -25.75
CA LEU B 195 21.07 6.32 -24.78
C LEU B 195 22.21 6.23 -23.74
N PHE B 196 23.44 6.01 -24.19
CA PHE B 196 24.56 5.90 -23.25
C PHE B 196 25.59 7.03 -23.38
N MET B 197 25.14 8.20 -23.81
CA MET B 197 26.03 9.33 -23.97
C MET B 197 26.23 10.03 -22.61
N LYS B 198 27.48 10.25 -22.21
CA LYS B 198 27.75 10.91 -20.94
C LYS B 198 27.51 12.42 -21.04
N THR B 199 28.36 13.08 -21.83
CA THR B 199 28.28 14.53 -22.04
C THR B 199 27.93 14.85 -23.50
N ARG B 200 27.17 15.92 -23.70
CA ARG B 200 26.77 16.34 -25.04
C ARG B 200 27.84 17.15 -25.76
N ASN B 201 28.63 17.91 -25.01
CA ASN B 201 29.68 18.74 -25.58
C ASN B 201 31.08 18.50 -24.99
N GLY B 202 31.19 17.54 -24.08
CA GLY B 202 32.47 17.24 -23.46
C GLY B 202 33.65 17.19 -24.42
N SER B 203 34.83 17.55 -23.92
CA SER B 203 36.02 17.57 -24.76
C SER B 203 36.93 16.35 -24.62
N MET B 204 36.56 15.41 -23.74
CA MET B 204 37.39 14.23 -23.56
C MET B 204 37.40 13.33 -24.78
N LYS B 205 38.06 12.19 -24.66
CA LYS B 205 38.13 11.23 -25.76
C LYS B 205 36.78 10.52 -25.89
N ALA B 206 36.44 10.13 -27.12
CA ALA B 206 35.17 9.45 -27.38
C ALA B 206 34.96 8.26 -26.44
N ALA B 207 36.00 7.46 -26.27
CA ALA B 207 35.93 6.28 -25.41
C ALA B 207 35.70 6.65 -23.96
N ASP B 208 35.80 7.93 -23.64
CA ASP B 208 35.60 8.41 -22.27
C ASP B 208 34.27 9.10 -22.08
N ASN B 209 33.48 9.18 -23.14
CA ASN B 209 32.18 9.84 -23.06
C ASN B 209 31.00 8.87 -22.96
N PHE B 210 31.24 7.69 -22.42
CA PHE B 210 30.19 6.70 -22.25
C PHE B 210 29.69 6.69 -20.82
N LEU B 211 28.37 6.66 -20.66
CA LEU B 211 27.76 6.64 -19.34
C LEU B 211 28.40 5.59 -18.45
N ASP B 212 28.71 5.98 -17.22
CA ASP B 212 29.30 5.05 -16.28
C ASP B 212 28.27 3.95 -16.06
N PRO B 213 28.70 2.68 -16.12
CA PRO B 213 27.77 1.56 -15.92
C PRO B 213 27.04 1.58 -14.58
N ASN B 214 27.65 2.22 -13.58
CA ASN B 214 27.05 2.32 -12.25
C ASN B 214 25.88 3.29 -12.24
N LYS B 215 25.82 4.16 -13.25
CA LYS B 215 24.74 5.13 -13.36
C LYS B 215 23.69 4.61 -14.33
N ALA B 216 23.77 3.33 -14.64
CA ALA B 216 22.82 2.71 -15.55
C ALA B 216 22.39 1.35 -15.01
N SER B 217 21.42 0.75 -15.69
CA SER B 217 20.91 -0.56 -15.28
C SER B 217 22.07 -1.52 -15.02
N SER B 218 22.11 -2.09 -13.82
CA SER B 218 23.16 -3.02 -13.46
C SER B 218 23.17 -4.27 -14.34
N LEU B 219 22.05 -4.58 -15.00
CA LEU B 219 22.01 -5.74 -15.88
C LEU B 219 22.99 -5.56 -17.04
N LEU B 220 23.16 -4.31 -17.44
CA LEU B 220 24.04 -3.95 -18.54
C LEU B 220 25.48 -4.38 -18.30
N SER B 221 25.94 -4.24 -17.07
CA SER B 221 27.31 -4.59 -16.75
C SER B 221 27.44 -5.89 -15.96
N SER B 222 27.14 -5.85 -14.67
CA SER B 222 27.25 -7.02 -13.82
C SER B 222 26.44 -8.22 -14.32
N GLY B 223 25.30 -7.97 -14.95
CA GLY B 223 24.52 -9.06 -15.50
C GLY B 223 23.15 -9.36 -14.94
N PHE B 224 22.48 -10.30 -15.62
CA PHE B 224 21.13 -10.76 -15.29
C PHE B 224 21.14 -12.20 -14.78
N SER B 225 20.36 -12.46 -13.74
CA SER B 225 20.29 -13.80 -13.17
C SER B 225 18.97 -14.47 -13.46
N PRO B 226 18.95 -15.40 -14.44
CA PRO B 226 17.71 -16.10 -14.78
C PRO B 226 17.15 -16.80 -13.54
N ASP B 227 15.83 -16.91 -13.49
CA ASP B 227 15.17 -17.60 -12.38
C ASP B 227 13.84 -18.07 -12.95
N PHE B 228 13.95 -18.95 -13.94
CA PHE B 228 12.80 -19.49 -14.65
C PHE B 228 12.59 -20.96 -14.30
N ALA B 229 11.34 -21.42 -14.41
CA ALA B 229 11.01 -22.80 -14.10
C ALA B 229 10.29 -23.41 -15.27
N THR B 230 10.63 -24.67 -15.57
CA THR B 230 10.02 -25.40 -16.67
C THR B 230 9.62 -26.77 -16.12
N VAL B 231 8.42 -27.21 -16.51
CA VAL B 231 7.92 -28.50 -16.07
C VAL B 231 7.78 -29.45 -17.25
N ILE B 232 8.45 -30.59 -17.18
CA ILE B 232 8.41 -31.59 -18.24
C ILE B 232 7.68 -32.81 -17.69
N THR B 233 6.73 -33.32 -18.45
CA THR B 233 5.98 -34.49 -18.02
C THR B 233 6.39 -35.70 -18.84
N MET B 234 6.30 -36.88 -18.24
CA MET B 234 6.66 -38.11 -18.94
C MET B 234 5.72 -39.24 -18.59
N ASP B 235 5.29 -39.97 -19.61
CA ASP B 235 4.40 -41.11 -19.41
C ASP B 235 5.22 -42.26 -18.81
N ARG B 236 4.69 -42.90 -17.77
CA ARG B 236 5.41 -43.99 -17.14
C ARG B 236 5.59 -45.16 -18.08
N LYS B 237 4.72 -45.27 -19.08
CA LYS B 237 4.78 -46.35 -20.03
C LYS B 237 5.60 -46.02 -21.28
N ALA B 238 6.11 -44.80 -21.38
CA ALA B 238 6.91 -44.47 -22.55
C ALA B 238 7.99 -45.53 -22.67
N SER B 239 8.17 -46.04 -23.89
CA SER B 239 9.15 -47.07 -24.17
C SER B 239 10.59 -46.65 -23.84
N LYS B 240 10.90 -45.37 -24.07
CA LYS B 240 12.23 -44.85 -23.79
C LYS B 240 12.16 -43.91 -22.59
N GLN B 241 12.85 -44.27 -21.52
CA GLN B 241 12.82 -43.46 -20.31
C GLN B 241 14.05 -42.56 -20.11
N GLN B 242 14.70 -42.21 -21.21
CA GLN B 242 15.84 -41.31 -21.18
C GLN B 242 15.46 -40.14 -22.07
N THR B 243 15.69 -38.93 -21.61
CA THR B 243 15.33 -37.76 -22.41
C THR B 243 16.48 -36.77 -22.47
N ASN B 244 16.73 -36.22 -23.66
CA ASN B 244 17.77 -35.22 -23.82
C ASN B 244 17.08 -33.88 -23.89
N ILE B 245 17.70 -32.88 -23.29
CA ILE B 245 17.13 -31.56 -23.35
C ILE B 245 18.31 -30.62 -23.51
N ASP B 246 18.21 -29.76 -24.51
CA ASP B 246 19.26 -28.80 -24.79
C ASP B 246 18.87 -27.45 -24.21
N VAL B 247 19.83 -26.78 -23.59
CA VAL B 247 19.59 -25.49 -22.97
C VAL B 247 20.55 -24.43 -23.49
N ILE B 248 20.00 -23.32 -23.96
CA ILE B 248 20.81 -22.21 -24.45
C ILE B 248 20.71 -21.02 -23.49
N TYR B 249 21.86 -20.39 -23.23
CA TYR B 249 21.92 -19.18 -22.42
C TYR B 249 22.48 -18.24 -23.47
N GLU B 250 21.79 -17.14 -23.70
CA GLU B 250 22.24 -16.25 -24.75
C GLU B 250 22.21 -14.78 -24.33
N ARG B 251 23.14 -14.02 -24.90
CA ARG B 251 23.22 -12.59 -24.67
C ARG B 251 23.35 -11.96 -26.05
N VAL B 252 22.47 -11.00 -26.33
CA VAL B 252 22.49 -10.28 -27.60
C VAL B 252 23.04 -8.89 -27.30
N ARG B 253 24.10 -8.50 -28.00
CA ARG B 253 24.69 -7.19 -27.76
C ARG B 253 24.47 -6.20 -28.90
N ASP B 254 24.13 -4.97 -28.52
CA ASP B 254 23.92 -3.91 -29.47
C ASP B 254 25.23 -3.14 -29.56
N ASP B 255 25.39 -2.34 -30.61
CA ASP B 255 26.61 -1.56 -30.83
C ASP B 255 26.29 -0.07 -30.77
N TYR B 256 26.68 0.57 -29.67
CA TYR B 256 26.43 1.99 -29.48
C TYR B 256 27.70 2.79 -29.74
N GLN B 257 27.67 3.63 -30.78
CA GLN B 257 28.84 4.43 -31.15
C GLN B 257 28.70 5.94 -30.98
N LEU B 258 29.82 6.56 -30.62
CA LEU B 258 29.87 8.01 -30.43
C LEU B 258 30.93 8.57 -31.36
N HIS B 259 30.61 9.70 -32.01
CA HIS B 259 31.56 10.37 -32.88
C HIS B 259 31.33 11.87 -32.77
N TRP B 260 32.43 12.61 -32.67
CA TRP B 260 32.37 14.07 -32.56
C TRP B 260 32.09 14.70 -33.93
N THR B 261 31.19 15.67 -33.95
CA THR B 261 30.81 16.35 -35.19
C THR B 261 31.34 17.78 -35.25
N SER B 262 32.57 17.98 -34.81
CA SER B 262 33.22 19.28 -34.81
C SER B 262 32.57 20.29 -33.87
N THR B 263 31.39 19.97 -33.37
CA THR B 263 30.68 20.87 -32.45
C THR B 263 30.11 20.16 -31.23
N ASN B 264 29.52 18.99 -31.45
CA ASN B 264 28.92 18.21 -30.38
C ASN B 264 29.06 16.71 -30.63
N TRP B 265 28.68 15.92 -29.64
CA TRP B 265 28.75 14.47 -29.76
C TRP B 265 27.48 13.94 -30.39
N LYS B 266 27.60 12.88 -31.20
CA LYS B 266 26.44 12.29 -31.83
C LYS B 266 26.48 10.78 -31.57
N GLY B 267 25.36 10.22 -31.14
CA GLY B 267 25.32 8.80 -30.86
C GLY B 267 24.55 7.96 -31.85
N THR B 268 25.05 6.75 -32.07
CA THR B 268 24.44 5.80 -32.98
C THR B 268 24.38 4.42 -32.33
N ASN B 269 23.30 3.69 -32.61
CA ASN B 269 23.12 2.36 -32.05
C ASN B 269 22.65 1.41 -33.16
N THR B 270 23.36 0.30 -33.33
CA THR B 270 22.95 -0.69 -34.32
C THR B 270 22.58 -1.93 -33.53
N LYS B 271 21.37 -2.42 -33.77
CA LYS B 271 20.85 -3.57 -33.05
C LYS B 271 21.45 -4.91 -33.39
N ASP B 272 21.53 -5.75 -32.34
CA ASP B 272 22.03 -7.11 -32.44
C ASP B 272 23.35 -7.31 -33.19
N LYS B 273 24.34 -6.47 -32.91
CA LYS B 273 25.61 -6.63 -33.60
C LYS B 273 26.17 -8.02 -33.26
N TRP B 274 26.10 -8.38 -31.98
CA TRP B 274 26.63 -9.67 -31.56
C TRP B 274 25.66 -10.57 -30.81
N THR B 275 25.95 -11.86 -30.86
CA THR B 275 25.14 -12.83 -30.17
C THR B 275 26.05 -13.87 -29.53
N ASP B 276 25.98 -13.97 -28.21
CA ASP B 276 26.79 -14.92 -27.49
C ASP B 276 25.85 -16.05 -27.08
N ARG B 277 26.14 -17.24 -27.56
CA ARG B 277 25.33 -18.42 -27.26
C ARG B 277 26.11 -19.49 -26.54
N SER B 278 25.59 -19.94 -25.40
CA SER B 278 26.21 -21.01 -24.65
C SER B 278 25.16 -22.14 -24.71
N SER B 279 25.55 -23.29 -25.25
CA SER B 279 24.60 -24.38 -25.38
C SER B 279 25.01 -25.60 -24.60
N GLU B 280 24.03 -26.28 -24.03
CA GLU B 280 24.30 -27.46 -23.24
C GLU B 280 23.23 -28.54 -23.36
N ARG B 281 23.67 -29.79 -23.38
CA ARG B 281 22.74 -30.90 -23.44
C ARG B 281 22.72 -31.63 -22.10
N TYR B 282 21.53 -31.82 -21.55
CA TYR B 282 21.38 -32.52 -20.29
C TYR B 282 20.70 -33.85 -20.57
N LYS B 283 21.08 -34.88 -19.82
CA LYS B 283 20.46 -36.19 -19.99
C LYS B 283 19.56 -36.44 -18.79
N ILE B 284 18.28 -36.66 -19.07
CA ILE B 284 17.29 -36.92 -18.05
C ILE B 284 17.02 -38.41 -18.03
N ASP B 285 17.06 -39.00 -16.85
CA ASP B 285 16.78 -40.42 -16.72
C ASP B 285 15.61 -40.53 -15.76
N TRP B 286 14.42 -40.76 -16.30
CA TRP B 286 13.20 -40.87 -15.50
C TRP B 286 13.15 -42.09 -14.57
N GLU B 287 14.01 -43.07 -14.80
CA GLU B 287 14.03 -44.25 -13.95
C GLU B 287 14.97 -44.01 -12.76
N LYS B 288 16.20 -43.64 -13.03
CA LYS B 288 17.15 -43.38 -11.96
C LYS B 288 16.82 -42.04 -11.33
N GLU B 289 15.94 -41.28 -12.00
CA GLU B 289 15.54 -39.97 -11.51
C GLU B 289 16.74 -39.06 -11.25
N GLU B 290 17.55 -38.90 -12.27
CA GLU B 290 18.72 -38.05 -12.18
C GLU B 290 18.89 -37.30 -13.50
N MET B 291 19.57 -36.17 -13.42
CA MET B 291 19.81 -35.36 -14.60
C MET B 291 21.32 -35.10 -14.62
N THR B 292 21.96 -35.32 -15.76
CA THR B 292 23.40 -35.12 -15.85
C THR B 292 23.82 -34.34 -17.09
N ASN B 293 25.02 -33.78 -17.04
CA ASN B 293 25.56 -33.02 -18.16
C ASN B 293 27.08 -33.20 -18.21
N ALA C 1 -16.41 -14.12 4.29
CA ALA C 1 -15.50 -15.26 4.62
C ALA C 1 -16.05 -16.01 5.83
N ASP C 2 -15.63 -17.26 5.99
CA ASP C 2 -16.08 -18.11 7.10
C ASP C 2 -15.98 -17.39 8.44
N SER C 3 -14.94 -16.58 8.60
CA SER C 3 -14.74 -15.85 9.84
C SER C 3 -15.92 -14.91 10.08
N ASP C 4 -16.40 -14.30 9.01
CA ASP C 4 -17.53 -13.38 9.12
C ASP C 4 -18.80 -14.09 9.52
N ILE C 5 -18.85 -15.41 9.37
CA ILE C 5 -20.05 -16.11 9.79
C ILE C 5 -19.76 -17.07 10.94
N ASN C 6 -18.80 -16.67 11.75
CA ASN C 6 -18.39 -17.41 12.94
C ASN C 6 -18.15 -18.90 12.73
N ILE C 7 -17.59 -19.25 11.58
CA ILE C 7 -17.30 -20.64 11.28
C ILE C 7 -15.80 -20.86 11.09
N LYS C 8 -15.29 -21.96 11.63
CA LYS C 8 -13.88 -22.28 11.51
C LYS C 8 -13.48 -22.31 10.04
N THR C 9 -12.46 -21.52 9.72
CA THR C 9 -11.96 -21.42 8.35
C THR C 9 -11.79 -22.77 7.67
N GLY C 10 -12.27 -22.86 6.43
CA GLY C 10 -12.16 -24.09 5.66
C GLY C 10 -13.07 -25.22 6.09
N THR C 11 -13.86 -25.01 7.13
CA THR C 11 -14.77 -26.03 7.62
C THR C 11 -15.71 -26.58 6.55
N THR C 12 -16.18 -25.72 5.66
CA THR C 12 -17.11 -26.16 4.63
C THR C 12 -16.47 -26.52 3.30
N ASP C 13 -15.14 -26.51 3.22
CA ASP C 13 -14.49 -26.84 1.96
C ASP C 13 -14.48 -28.33 1.67
N ILE C 14 -14.33 -28.65 0.39
CA ILE C 14 -14.32 -30.03 -0.10
C ILE C 14 -12.91 -30.56 -0.28
N GLY C 15 -12.72 -31.85 -0.01
CA GLY C 15 -11.41 -32.44 -0.20
C GLY C 15 -10.79 -33.27 0.90
N SER C 16 -11.04 -32.91 2.16
CA SER C 16 -10.44 -33.65 3.27
C SER C 16 -10.74 -35.15 3.26
N ASN C 17 -9.80 -35.93 3.80
CA ASN C 17 -9.92 -37.38 3.88
C ASN C 17 -10.32 -37.98 2.53
N THR C 18 -9.64 -37.54 1.47
CA THR C 18 -9.92 -38.02 0.13
C THR C 18 -8.65 -38.17 -0.70
N THR C 19 -8.53 -39.28 -1.41
CA THR C 19 -7.38 -39.49 -2.27
C THR C 19 -7.78 -38.84 -3.58
N VAL C 20 -7.01 -37.85 -4.01
CA VAL C 20 -7.31 -37.12 -5.25
C VAL C 20 -6.46 -37.59 -6.42
N LYS C 21 -7.11 -37.85 -7.55
CA LYS C 21 -6.37 -38.30 -8.72
C LYS C 21 -6.20 -37.15 -9.70
N THR C 22 -4.94 -36.82 -9.96
CA THR C 22 -4.62 -35.70 -10.83
C THR C 22 -3.98 -36.22 -12.10
N GLY C 23 -3.91 -35.33 -13.09
CA GLY C 23 -3.32 -35.68 -14.37
C GLY C 23 -3.00 -34.47 -15.23
N ASP C 24 -2.07 -34.69 -16.15
CA ASP C 24 -1.65 -33.66 -17.06
C ASP C 24 -1.77 -34.19 -18.50
N LEU C 25 -2.27 -33.36 -19.39
CA LEU C 25 -2.44 -33.71 -20.80
C LEU C 25 -1.96 -32.54 -21.64
N VAL C 26 -0.95 -32.78 -22.46
CA VAL C 26 -0.39 -31.72 -23.30
C VAL C 26 -0.62 -32.00 -24.77
N THR C 27 -0.95 -30.95 -25.52
CA THR C 27 -1.18 -31.06 -26.95
C THR C 27 -0.71 -29.78 -27.63
N TYR C 28 0.17 -29.89 -28.62
CA TYR C 28 0.60 -28.69 -29.33
C TYR C 28 0.01 -28.68 -30.73
N ASP C 29 -0.69 -27.60 -31.05
CA ASP C 29 -1.28 -27.44 -32.37
C ASP C 29 -0.37 -26.50 -33.16
N LYS C 30 0.44 -27.08 -34.03
CA LYS C 30 1.39 -26.33 -34.85
C LYS C 30 0.74 -25.31 -35.79
N GLU C 31 -0.26 -25.77 -36.53
CA GLU C 31 -0.96 -24.91 -37.47
C GLU C 31 -1.58 -23.69 -36.78
N ASN C 32 -2.05 -23.89 -35.56
CA ASN C 32 -2.68 -22.80 -34.82
C ASN C 32 -1.76 -22.13 -33.79
N GLY C 33 -0.53 -22.62 -33.64
CA GLY C 33 0.41 -22.03 -32.71
C GLY C 33 -0.07 -21.99 -31.26
N MET C 34 -0.63 -23.10 -30.79
CA MET C 34 -1.15 -23.17 -29.43
C MET C 34 -0.61 -24.34 -28.63
N HIS C 35 -0.06 -24.05 -27.45
CA HIS C 35 0.44 -25.09 -26.56
C HIS C 35 -0.75 -25.28 -25.64
N LYS C 36 -1.38 -26.45 -25.71
CA LYS C 36 -2.56 -26.69 -24.91
C LYS C 36 -2.31 -27.71 -23.82
N LYS C 37 -2.59 -27.33 -22.59
CA LYS C 37 -2.35 -28.23 -21.48
C LYS C 37 -3.53 -28.26 -20.53
N VAL C 38 -3.92 -29.47 -20.16
CA VAL C 38 -5.01 -29.69 -19.24
C VAL C 38 -4.43 -30.30 -17.98
N PHE C 39 -4.74 -29.70 -16.84
CA PHE C 39 -4.31 -30.25 -15.57
C PHE C 39 -5.63 -30.58 -14.91
N TYR C 40 -5.86 -31.85 -14.63
CA TYR C 40 -7.14 -32.21 -14.04
C TYR C 40 -7.00 -32.82 -12.65
N SER C 41 -8.11 -32.80 -11.90
CA SER C 41 -8.11 -33.36 -10.55
C SER C 41 -9.45 -33.93 -10.17
N PHE C 42 -9.52 -35.24 -9.97
CA PHE C 42 -10.78 -35.84 -9.54
C PHE C 42 -10.82 -35.80 -8.02
N ILE C 43 -11.94 -35.35 -7.49
CA ILE C 43 -12.12 -35.27 -6.04
C ILE C 43 -13.46 -35.94 -5.80
N ASP C 44 -13.39 -37.19 -5.36
CA ASP C 44 -14.58 -37.96 -5.07
C ASP C 44 -14.71 -38.02 -3.55
N ASP C 45 -15.07 -36.88 -2.95
CA ASP C 45 -15.25 -36.74 -1.51
C ASP C 45 -16.60 -37.31 -1.12
N LYS C 46 -16.58 -38.38 -0.33
CA LYS C 46 -17.82 -39.04 0.04
C LYS C 46 -18.75 -38.25 0.96
N ASN C 47 -18.28 -37.12 1.49
CA ASN C 47 -19.12 -36.29 2.35
C ASN C 47 -19.70 -35.14 1.52
N HIS C 48 -19.41 -35.18 0.22
CA HIS C 48 -19.90 -34.19 -0.74
C HIS C 48 -20.95 -34.98 -1.53
N ASN C 49 -22.05 -34.36 -1.93
CA ASN C 49 -23.12 -35.07 -2.60
C ASN C 49 -22.85 -35.53 -4.04
N LYS C 50 -21.72 -35.09 -4.60
CA LYS C 50 -21.39 -35.48 -5.96
C LYS C 50 -19.90 -35.62 -6.18
N LYS C 51 -19.55 -36.30 -7.28
CA LYS C 51 -18.16 -36.46 -7.67
C LYS C 51 -17.77 -35.12 -8.30
N LEU C 52 -16.50 -34.74 -8.16
CA LEU C 52 -16.02 -33.48 -8.69
C LEU C 52 -14.76 -33.61 -9.56
N LEU C 53 -14.71 -32.81 -10.62
CA LEU C 53 -13.55 -32.80 -11.49
C LEU C 53 -13.15 -31.37 -11.69
N VAL C 54 -11.90 -31.05 -11.38
CA VAL C 54 -11.42 -29.70 -11.59
C VAL C 54 -10.54 -29.76 -12.81
N ILE C 55 -10.93 -29.03 -13.84
CA ILE C 55 -10.15 -29.01 -15.08
C ILE C 55 -9.51 -27.64 -15.18
N ARG C 56 -8.19 -27.59 -15.23
CA ARG C 56 -7.51 -26.30 -15.35
C ARG C 56 -6.92 -26.22 -16.75
N THR C 57 -7.36 -25.22 -17.52
CA THR C 57 -6.87 -25.03 -18.88
C THR C 57 -5.72 -24.05 -18.88
N LYS C 58 -4.53 -24.51 -19.27
CA LYS C 58 -3.37 -23.63 -19.28
C LYS C 58 -2.67 -23.65 -20.63
N GLY C 59 -1.34 -23.69 -20.62
CA GLY C 59 -0.59 -23.66 -21.85
C GLY C 59 -0.46 -22.21 -22.30
N THR C 60 -0.34 -21.99 -23.60
CA THR C 60 -0.23 -20.62 -24.09
C THR C 60 -0.47 -20.50 -25.58
N ILE C 61 -1.29 -19.52 -25.93
CA ILE C 61 -1.63 -19.23 -27.30
C ILE C 61 -0.68 -18.13 -27.79
N ALA C 62 0.13 -18.45 -28.80
CA ALA C 62 1.07 -17.47 -29.36
C ALA C 62 0.28 -16.29 -29.89
N GLY C 63 0.87 -15.09 -29.78
CA GLY C 63 0.20 -13.89 -30.25
C GLY C 63 0.10 -13.85 -31.78
N GLN C 64 1.25 -14.03 -32.42
CA GLN C 64 1.36 -14.08 -33.87
C GLN C 64 1.13 -12.74 -34.58
N TYR C 65 1.59 -11.69 -33.92
CA TYR C 65 1.52 -10.33 -34.41
C TYR C 65 2.51 -10.35 -35.58
N ARG C 66 1.99 -10.36 -36.80
CA ARG C 66 2.83 -10.44 -37.99
C ARG C 66 2.35 -9.67 -39.22
N VAL C 67 3.31 -9.27 -40.06
CA VAL C 67 3.03 -8.57 -41.31
C VAL C 67 2.69 -9.69 -42.29
N TYR C 68 1.45 -9.74 -42.75
CA TYR C 68 1.03 -10.80 -43.67
C TYR C 68 0.94 -10.40 -45.14
N SER C 69 0.46 -9.19 -45.41
CA SER C 69 0.32 -8.73 -46.79
C SER C 69 1.22 -7.55 -47.10
N GLU C 70 1.61 -7.42 -48.37
CA GLU C 70 2.45 -6.31 -48.79
C GLU C 70 2.21 -5.96 -50.25
N GLU C 71 1.07 -5.31 -50.51
CA GLU C 71 0.68 -4.90 -51.85
C GLU C 71 1.54 -3.71 -52.29
N GLY C 72 2.77 -3.98 -52.69
CA GLY C 72 3.65 -2.91 -53.11
C GLY C 72 4.58 -2.48 -51.99
N ALA C 73 4.75 -1.16 -51.84
CA ALA C 73 5.62 -0.62 -50.81
C ALA C 73 4.90 0.44 -49.99
N ASN C 74 3.81 0.97 -50.53
CA ASN C 74 3.04 2.00 -49.85
C ASN C 74 1.81 1.46 -49.13
N LYS C 75 1.66 0.14 -49.11
CA LYS C 75 0.53 -0.47 -48.41
C LYS C 75 0.87 -1.87 -47.91
N SER C 76 0.57 -2.13 -46.65
CA SER C 76 0.86 -3.41 -46.02
C SER C 76 -0.12 -3.66 -44.88
N GLY C 77 -0.37 -4.93 -44.58
CA GLY C 77 -1.29 -5.26 -43.51
C GLY C 77 -0.66 -6.09 -42.41
N LEU C 78 -1.09 -5.87 -41.17
CA LEU C 78 -0.58 -6.59 -40.02
C LEU C 78 -1.67 -7.40 -39.33
N ALA C 79 -1.39 -8.67 -39.09
CA ALA C 79 -2.34 -9.55 -38.41
C ALA C 79 -1.96 -9.53 -36.94
N TRP C 80 -2.92 -9.22 -36.07
CA TRP C 80 -2.65 -9.18 -34.64
C TRP C 80 -3.81 -9.77 -33.84
N PRO C 81 -3.51 -10.35 -32.65
CA PRO C 81 -4.52 -10.97 -31.79
C PRO C 81 -5.38 -9.98 -31.02
N SER C 82 -6.67 -9.90 -31.37
CA SER C 82 -7.58 -9.01 -30.68
C SER C 82 -8.32 -9.78 -29.59
N ALA C 83 -8.26 -11.10 -29.65
CA ALA C 83 -8.91 -11.90 -28.62
C ALA C 83 -8.35 -13.31 -28.54
N PHE C 84 -8.25 -13.81 -27.32
CA PHE C 84 -7.77 -15.15 -26.99
C PHE C 84 -8.97 -15.79 -26.31
N LYS C 85 -9.26 -17.04 -26.64
CA LYS C 85 -10.41 -17.69 -26.04
C LYS C 85 -10.15 -19.14 -25.66
N VAL C 86 -10.81 -19.57 -24.59
CA VAL C 86 -10.71 -20.93 -24.10
C VAL C 86 -12.13 -21.31 -23.71
N GLN C 87 -12.61 -22.42 -24.24
CA GLN C 87 -13.96 -22.85 -23.93
C GLN C 87 -14.02 -24.34 -23.71
N LEU C 88 -14.87 -24.75 -22.77
CA LEU C 88 -15.06 -26.15 -22.48
C LEU C 88 -16.53 -26.38 -22.73
N GLN C 89 -16.86 -27.50 -23.37
CA GLN C 89 -18.25 -27.77 -23.66
C GLN C 89 -18.59 -29.23 -23.53
N LEU C 90 -19.63 -29.50 -22.76
CA LEU C 90 -20.15 -30.84 -22.54
C LEU C 90 -21.27 -31.07 -23.55
N PRO C 91 -21.21 -32.19 -24.29
CA PRO C 91 -22.28 -32.43 -25.26
C PRO C 91 -23.59 -32.33 -24.50
N ASP C 92 -24.62 -31.77 -25.12
CA ASP C 92 -25.90 -31.58 -24.45
C ASP C 92 -26.55 -32.79 -23.77
N ASN C 93 -26.17 -34.00 -24.17
CA ASN C 93 -26.76 -35.20 -23.58
C ASN C 93 -26.06 -35.70 -22.29
N GLU C 94 -25.00 -35.04 -21.88
CA GLU C 94 -24.27 -35.42 -20.67
C GLU C 94 -25.03 -35.05 -19.40
N VAL C 95 -25.03 -35.95 -18.40
CA VAL C 95 -25.72 -35.64 -17.14
C VAL C 95 -24.79 -34.84 -16.22
N ALA C 96 -23.49 -34.90 -16.51
CA ALA C 96 -22.49 -34.16 -15.74
C ALA C 96 -22.73 -32.66 -16.00
N GLN C 97 -22.34 -31.80 -15.06
CA GLN C 97 -22.56 -30.38 -15.22
C GLN C 97 -21.39 -29.47 -14.85
N ILE C 98 -21.37 -28.28 -15.45
CA ILE C 98 -20.35 -27.31 -15.10
C ILE C 98 -20.93 -26.69 -13.84
N SER C 99 -20.19 -26.74 -12.75
CA SER C 99 -20.69 -26.22 -11.49
C SER C 99 -20.06 -24.92 -11.04
N ASP C 100 -18.82 -24.72 -11.43
CA ASP C 100 -18.12 -23.50 -11.04
C ASP C 100 -16.97 -23.25 -12.00
N TYR C 101 -16.36 -22.08 -11.87
CA TYR C 101 -15.28 -21.67 -12.75
C TYR C 101 -14.59 -20.48 -12.12
N TYR C 102 -13.36 -20.24 -12.54
CA TYR C 102 -12.59 -19.12 -12.02
C TYR C 102 -11.44 -18.87 -12.99
N PRO C 103 -11.11 -17.58 -13.25
CA PRO C 103 -11.72 -16.36 -12.69
C PRO C 103 -13.11 -16.00 -13.23
N ARG C 104 -13.70 -14.98 -12.61
CA ARG C 104 -15.02 -14.50 -13.00
C ARG C 104 -14.90 -13.01 -13.27
N ASN C 105 -16.02 -12.36 -13.59
CA ASN C 105 -15.95 -10.92 -13.88
C ASN C 105 -16.03 -10.14 -12.58
N SER C 106 -15.10 -9.22 -12.37
CA SER C 106 -15.15 -8.43 -11.15
C SER C 106 -15.60 -7.04 -11.51
N ILE C 107 -16.27 -6.39 -10.58
CA ILE C 107 -16.80 -5.05 -10.76
C ILE C 107 -15.67 -4.03 -10.85
N ASP C 108 -15.64 -3.25 -11.93
CA ASP C 108 -14.60 -2.24 -12.10
C ASP C 108 -15.00 -1.01 -11.28
N THR C 109 -14.02 -0.21 -10.89
CA THR C 109 -14.28 1.00 -10.13
C THR C 109 -13.53 2.16 -10.77
N LYS C 110 -13.79 3.35 -10.26
CA LYS C 110 -13.18 4.57 -10.75
C LYS C 110 -13.12 5.51 -9.55
N GLU C 111 -12.14 6.40 -9.52
CA GLU C 111 -12.02 7.36 -8.43
C GLU C 111 -12.44 8.72 -8.97
N TYR C 112 -13.20 9.44 -8.17
CA TYR C 112 -13.68 10.75 -8.58
C TYR C 112 -13.15 11.84 -7.67
N ASN C 113 -12.63 12.90 -8.28
CA ASN C 113 -12.10 14.04 -7.53
C ASN C 113 -12.81 15.33 -7.93
N SER C 114 -13.52 15.95 -7.00
CA SER C 114 -14.22 17.21 -7.25
C SER C 114 -13.42 18.32 -6.60
N THR C 115 -13.15 19.39 -7.35
CA THR C 115 -12.39 20.51 -6.82
C THR C 115 -13.05 21.86 -7.05
N LEU C 116 -13.24 22.61 -5.97
CA LEU C 116 -13.83 23.94 -6.03
C LEU C 116 -12.79 24.90 -5.49
N THR C 117 -12.68 26.07 -6.12
CA THR C 117 -11.70 27.05 -5.69
C THR C 117 -12.18 28.48 -5.91
N TYR C 118 -11.87 29.36 -4.97
CA TYR C 118 -12.22 30.77 -5.06
C TYR C 118 -11.05 31.59 -4.58
N GLY C 119 -10.82 32.72 -5.23
CA GLY C 119 -9.72 33.58 -4.84
C GLY C 119 -9.96 35.07 -4.96
N PHE C 120 -9.18 35.85 -4.21
CA PHE C 120 -9.28 37.30 -4.22
C PHE C 120 -7.86 37.81 -4.37
N ASN C 121 -7.70 38.98 -4.97
CA ASN C 121 -6.38 39.57 -5.16
C ASN C 121 -6.45 41.05 -5.48
N GLY C 122 -5.45 41.80 -5.01
CA GLY C 122 -5.41 43.23 -5.24
C GLY C 122 -4.11 43.62 -5.94
N ASN C 123 -4.16 44.69 -6.73
CA ASN C 123 -3.00 45.15 -7.47
C ASN C 123 -2.91 46.68 -7.38
N VAL C 124 -1.71 47.19 -7.12
CA VAL C 124 -1.49 48.63 -7.02
C VAL C 124 -0.42 49.08 -8.02
N THR C 125 -0.85 49.80 -9.05
CA THR C 125 0.03 50.28 -10.11
C THR C 125 0.97 51.41 -9.66
N GLY C 126 1.77 51.91 -10.59
CA GLY C 126 2.70 52.99 -10.30
C GLY C 126 3.47 53.40 -11.54
N ASP C 127 4.24 54.47 -11.44
CA ASP C 127 5.05 54.97 -12.55
C ASP C 127 5.74 56.26 -12.18
N ASP C 128 6.85 56.55 -12.87
CA ASP C 128 7.64 57.75 -12.60
C ASP C 128 6.83 59.04 -12.47
N THR C 129 5.93 59.27 -13.42
CA THR C 129 5.09 60.47 -13.42
C THR C 129 4.40 60.67 -12.08
N GLY C 130 4.11 59.58 -11.39
CA GLY C 130 3.45 59.66 -10.10
C GLY C 130 2.03 59.12 -10.11
N LYS C 131 1.69 58.38 -11.15
CA LYS C 131 0.35 57.81 -11.28
C LYS C 131 0.24 56.51 -10.48
N ILE C 132 -0.74 56.46 -9.58
CA ILE C 132 -0.96 55.27 -8.77
C ILE C 132 -2.28 54.61 -9.16
N GLY C 133 -2.20 53.34 -9.58
CA GLY C 133 -3.39 52.62 -10.00
C GLY C 133 -3.84 51.54 -9.03
N GLY C 134 -4.97 50.92 -9.34
CA GLY C 134 -5.50 49.87 -8.46
C GLY C 134 -6.15 48.74 -9.22
N LEU C 135 -6.36 47.62 -8.53
CA LEU C 135 -6.98 46.45 -9.15
C LEU C 135 -7.49 45.44 -8.13
N ILE C 136 -8.76 45.08 -8.24
CA ILE C 136 -9.38 44.10 -7.36
C ILE C 136 -10.16 43.11 -8.22
N GLY C 137 -9.87 41.83 -8.06
CA GLY C 137 -10.56 40.81 -8.83
C GLY C 137 -10.83 39.54 -8.06
N ALA C 138 -11.73 38.71 -8.59
CA ALA C 138 -12.09 37.45 -7.97
C ALA C 138 -12.12 36.34 -9.03
N ASN C 139 -12.18 35.10 -8.56
CA ASN C 139 -12.19 33.95 -9.47
C ASN C 139 -12.79 32.72 -8.80
N VAL C 140 -13.32 31.83 -9.63
CA VAL C 140 -13.92 30.59 -9.16
C VAL C 140 -13.60 29.50 -10.16
N SER C 141 -13.32 28.29 -9.67
CA SER C 141 -13.01 27.16 -10.53
C SER C 141 -13.69 25.92 -9.97
N ILE C 142 -14.31 25.15 -10.86
CA ILE C 142 -15.00 23.94 -10.43
C ILE C 142 -14.63 22.79 -11.37
N GLY C 143 -13.41 22.30 -11.24
CA GLY C 143 -12.98 21.21 -12.09
C GLY C 143 -13.03 19.86 -11.39
N HIS C 144 -12.99 18.78 -12.16
CA HIS C 144 -13.00 17.45 -11.57
C HIS C 144 -12.17 16.46 -12.36
N THR C 145 -11.46 15.60 -11.65
CA THR C 145 -10.63 14.59 -12.28
C THR C 145 -11.24 13.21 -12.04
N LEU C 146 -11.15 12.37 -13.07
CA LEU C 146 -11.69 11.02 -13.05
C LEU C 146 -10.52 10.04 -13.20
N LYS C 147 -10.41 9.06 -12.31
CA LYS C 147 -9.29 8.12 -12.40
C LYS C 147 -9.70 6.67 -12.44
N TYR C 148 -9.07 5.91 -13.32
CA TYR C 148 -9.34 4.47 -13.45
C TYR C 148 -8.19 3.74 -14.15
N VAL C 149 -8.13 2.42 -13.95
CA VAL C 149 -7.10 1.63 -14.56
C VAL C 149 -7.60 0.99 -15.85
N GLN C 150 -6.71 0.90 -16.83
CA GLN C 150 -7.04 0.33 -18.13
C GLN C 150 -6.04 -0.72 -18.53
N PRO C 151 -6.36 -1.99 -18.27
CA PRO C 151 -5.47 -3.11 -18.62
C PRO C 151 -5.43 -3.23 -20.14
N ASP C 152 -4.26 -3.56 -20.70
CA ASP C 152 -4.13 -3.68 -22.15
C ASP C 152 -5.12 -4.69 -22.67
N PHE C 153 -5.37 -5.71 -21.86
CA PHE C 153 -6.31 -6.77 -22.22
C PHE C 153 -7.24 -6.99 -21.04
N LYS C 154 -8.49 -7.34 -21.31
CA LYS C 154 -9.46 -7.63 -20.25
C LYS C 154 -9.64 -9.15 -20.22
N THR C 155 -9.76 -9.71 -19.03
CA THR C 155 -9.98 -11.16 -18.89
C THR C 155 -11.46 -11.28 -18.55
N ILE C 156 -12.24 -11.82 -19.46
CA ILE C 156 -13.67 -11.93 -19.24
C ILE C 156 -14.23 -13.34 -19.21
N LEU C 157 -15.07 -13.60 -18.23
CA LEU C 157 -15.74 -14.89 -18.13
C LEU C 157 -17.02 -14.71 -18.94
N GLU C 158 -17.18 -15.51 -19.97
CA GLU C 158 -18.38 -15.42 -20.80
C GLU C 158 -19.55 -16.08 -20.05
N SER C 159 -20.76 -15.65 -20.35
CA SER C 159 -21.95 -16.20 -19.71
C SER C 159 -21.95 -17.73 -19.86
N PRO C 160 -21.82 -18.45 -18.74
CA PRO C 160 -21.80 -19.91 -18.77
C PRO C 160 -23.17 -20.56 -18.60
N THR C 161 -23.22 -21.86 -18.84
CA THR C 161 -24.43 -22.66 -18.68
C THR C 161 -23.95 -23.87 -17.89
N ASP C 162 -24.77 -24.91 -17.76
CA ASP C 162 -24.32 -26.09 -17.04
C ASP C 162 -23.67 -27.05 -18.02
N LYS C 163 -23.50 -26.61 -19.26
CA LYS C 163 -22.87 -27.41 -20.32
C LYS C 163 -21.69 -26.72 -20.99
N LYS C 164 -21.66 -25.39 -20.96
CA LYS C 164 -20.56 -24.67 -21.59
C LYS C 164 -20.10 -23.43 -20.83
N VAL C 165 -18.79 -23.25 -20.79
CA VAL C 165 -18.18 -22.13 -20.09
C VAL C 165 -16.99 -21.71 -20.92
N GLY C 166 -16.70 -20.43 -20.93
CA GLY C 166 -15.57 -19.96 -21.69
C GLY C 166 -15.05 -18.64 -21.18
N TRP C 167 -13.86 -18.27 -21.62
CA TRP C 167 -13.23 -17.02 -21.26
C TRP C 167 -12.73 -16.40 -22.53
N LYS C 168 -12.58 -15.10 -22.51
CA LYS C 168 -12.03 -14.38 -23.65
C LYS C 168 -11.17 -13.26 -23.09
N VAL C 169 -9.94 -13.20 -23.56
CA VAL C 169 -9.01 -12.17 -23.14
C VAL C 169 -8.96 -11.30 -24.39
N ILE C 170 -9.66 -10.18 -24.30
CA ILE C 170 -9.81 -9.25 -25.42
C ILE C 170 -8.93 -8.03 -25.33
N PHE C 171 -8.45 -7.59 -26.49
CA PHE C 171 -7.63 -6.39 -26.55
C PHE C 171 -8.55 -5.26 -26.10
N ASN C 172 -8.05 -4.41 -25.22
CA ASN C 172 -8.83 -3.29 -24.69
C ASN C 172 -8.35 -1.99 -25.32
N ASN C 173 -7.12 -1.61 -25.02
CA ASN C 173 -6.47 -0.43 -25.60
C ASN C 173 -4.99 -0.49 -25.24
N MET C 174 -4.18 0.33 -25.89
CA MET C 174 -2.75 0.28 -25.66
C MET C 174 -2.07 1.59 -25.94
N VAL C 175 -0.88 1.75 -25.36
CA VAL C 175 -0.08 2.94 -25.55
C VAL C 175 0.87 2.68 -26.72
N ASN C 176 1.00 3.67 -27.60
CA ASN C 176 1.89 3.57 -28.74
C ASN C 176 2.96 4.65 -28.57
N GLN C 177 4.13 4.23 -28.11
CA GLN C 177 5.25 5.13 -27.89
C GLN C 177 4.82 6.38 -27.11
N ASN C 178 4.21 6.16 -25.95
CA ASN C 178 3.74 7.23 -25.06
C ASN C 178 2.51 8.00 -25.50
N TRP C 179 1.97 7.68 -26.67
CA TRP C 179 0.79 8.37 -27.16
C TRP C 179 -0.43 7.48 -27.08
N GLY C 180 -1.61 8.09 -27.06
CA GLY C 180 -2.84 7.31 -26.99
C GLY C 180 -3.48 7.41 -25.62
N PRO C 181 -3.95 6.28 -25.08
CA PRO C 181 -3.90 4.95 -25.71
C PRO C 181 -4.74 4.92 -26.98
N TYR C 182 -4.63 3.84 -27.74
CA TYR C 182 -5.43 3.69 -28.95
C TYR C 182 -6.16 2.36 -28.83
N ASP C 183 -7.28 2.23 -29.54
CA ASP C 183 -8.02 0.98 -29.49
C ASP C 183 -8.46 0.65 -30.91
N ARG C 184 -9.23 -0.43 -31.05
CA ARG C 184 -9.68 -0.86 -32.36
C ARG C 184 -10.56 0.13 -33.13
N ASP C 185 -10.97 1.22 -32.47
CA ASP C 185 -11.83 2.20 -33.11
C ASP C 185 -11.21 3.59 -33.19
N SER C 186 -10.02 3.75 -32.64
CA SER C 186 -9.36 5.04 -32.68
C SER C 186 -9.36 5.57 -34.12
N TRP C 187 -9.59 6.86 -34.26
CA TRP C 187 -9.60 7.46 -35.59
C TRP C 187 -9.29 8.93 -35.59
N ASN C 188 -8.35 9.27 -36.46
CA ASN C 188 -7.90 10.63 -36.64
C ASN C 188 -8.14 10.86 -38.12
N PRO C 189 -8.77 11.99 -38.51
CA PRO C 189 -9.06 12.29 -39.91
C PRO C 189 -7.82 12.31 -40.80
N VAL C 190 -6.66 12.57 -40.22
CA VAL C 190 -5.43 12.64 -40.98
C VAL C 190 -4.65 11.31 -41.00
N TYR C 191 -4.37 10.76 -39.82
CA TYR C 191 -3.63 9.51 -39.72
C TYR C 191 -4.46 8.22 -39.52
N GLY C 192 -5.79 8.35 -39.54
CA GLY C 192 -6.64 7.18 -39.35
C GLY C 192 -6.37 6.56 -38.00
N ASN C 193 -6.45 5.24 -37.91
CA ASN C 193 -6.18 4.55 -36.64
C ASN C 193 -4.66 4.36 -36.51
N GLN C 194 -4.05 4.98 -35.52
CA GLN C 194 -2.61 4.88 -35.33
C GLN C 194 -2.16 3.77 -34.38
N LEU C 195 -3.05 2.84 -34.08
CA LEU C 195 -2.76 1.75 -33.15
C LEU C 195 -1.33 1.21 -33.22
N PHE C 196 -0.92 0.68 -34.36
CA PHE C 196 0.43 0.10 -34.48
C PHE C 196 1.35 0.79 -35.48
N MET C 197 1.08 2.06 -35.72
CA MET C 197 1.85 2.87 -36.65
C MET C 197 3.16 3.27 -35.98
N LYS C 198 4.28 2.97 -36.63
CA LYS C 198 5.56 3.35 -36.05
C LYS C 198 5.80 4.84 -36.23
N THR C 199 5.69 5.32 -37.47
CA THR C 199 5.92 6.73 -37.75
C THR C 199 4.77 7.31 -38.55
N ARG C 200 4.63 8.62 -38.50
CA ARG C 200 3.57 9.31 -39.23
C ARG C 200 4.04 9.69 -40.64
N ASN C 201 5.31 10.05 -40.78
CA ASN C 201 5.83 10.46 -42.09
C ASN C 201 7.11 9.79 -42.58
N GLY C 202 7.47 8.66 -41.98
CA GLY C 202 8.68 7.97 -42.40
C GLY C 202 8.67 7.67 -43.88
N SER C 203 9.86 7.56 -44.49
CA SER C 203 9.94 7.26 -45.91
C SER C 203 10.15 5.77 -46.17
N MET C 204 10.08 4.96 -45.13
CA MET C 204 10.27 3.52 -45.28
C MET C 204 9.05 2.89 -45.94
N LYS C 205 9.15 1.62 -46.30
CA LYS C 205 7.99 0.97 -46.91
C LYS C 205 6.98 0.65 -45.82
N ALA C 206 5.74 0.44 -46.22
CA ALA C 206 4.66 0.13 -45.29
C ALA C 206 5.01 -1.05 -44.37
N ALA C 207 5.52 -2.12 -44.94
CA ALA C 207 5.87 -3.28 -44.13
C ALA C 207 6.77 -2.93 -42.96
N ASP C 208 7.54 -1.86 -43.08
CA ASP C 208 8.47 -1.44 -42.03
C ASP C 208 7.99 -0.26 -41.19
N ASN C 209 6.69 0.01 -41.21
CA ASN C 209 6.17 1.11 -40.43
C ASN C 209 5.15 0.65 -39.39
N PHE C 210 5.34 -0.58 -38.90
CA PHE C 210 4.47 -1.13 -37.89
C PHE C 210 5.26 -1.17 -36.60
N LEU C 211 4.60 -0.87 -35.49
CA LEU C 211 5.26 -0.84 -34.19
C LEU C 211 6.03 -2.13 -33.90
N ASP C 212 7.19 -1.96 -33.28
CA ASP C 212 8.04 -3.08 -32.89
C ASP C 212 7.30 -3.80 -31.75
N PRO C 213 7.00 -5.09 -31.92
CA PRO C 213 6.31 -5.89 -30.91
C PRO C 213 6.85 -5.75 -29.49
N ASN C 214 8.14 -5.52 -29.35
CA ASN C 214 8.74 -5.34 -28.04
C ASN C 214 8.26 -4.07 -27.37
N LYS C 215 7.72 -3.16 -28.18
CA LYS C 215 7.21 -1.89 -27.67
C LYS C 215 5.70 -1.93 -27.52
N ALA C 216 5.12 -3.11 -27.69
CA ALA C 216 3.67 -3.28 -27.55
C ALA C 216 3.46 -4.37 -26.50
N SER C 217 2.21 -4.58 -26.11
CA SER C 217 1.87 -5.61 -25.14
C SER C 217 2.49 -6.94 -25.58
N SER C 218 3.15 -7.62 -24.66
CA SER C 218 3.80 -8.87 -25.01
C SER C 218 2.81 -9.97 -25.40
N LEU C 219 1.54 -9.82 -25.06
CA LEU C 219 0.57 -10.85 -25.47
C LEU C 219 0.33 -10.80 -26.99
N LEU C 220 0.52 -9.63 -27.59
CA LEU C 220 0.33 -9.49 -29.03
C LEU C 220 1.27 -10.37 -29.84
N SER C 221 2.49 -10.56 -29.34
CA SER C 221 3.48 -11.37 -30.04
C SER C 221 3.79 -12.72 -29.38
N SER C 222 4.44 -12.68 -28.22
CA SER C 222 4.78 -13.93 -27.53
C SER C 222 3.55 -14.72 -27.11
N GLY C 223 2.49 -14.04 -26.74
CA GLY C 223 1.28 -14.76 -26.39
C GLY C 223 0.72 -14.66 -24.99
N PHE C 224 -0.43 -15.30 -24.82
CA PHE C 224 -1.18 -15.34 -23.58
C PHE C 224 -1.26 -16.76 -23.07
N SER C 225 -1.07 -16.93 -21.77
CA SER C 225 -1.11 -18.24 -21.14
C SER C 225 -2.39 -18.37 -20.32
N PRO C 226 -3.36 -19.15 -20.80
CA PRO C 226 -4.58 -19.28 -20.00
C PRO C 226 -4.25 -19.88 -18.63
N ASP C 227 -5.11 -19.63 -17.65
CA ASP C 227 -4.94 -20.18 -16.31
C ASP C 227 -6.32 -20.14 -15.68
N PHE C 228 -7.24 -20.84 -16.33
CA PHE C 228 -8.64 -20.92 -15.94
C PHE C 228 -8.95 -22.25 -15.28
N ALA C 229 -9.92 -22.24 -14.37
CA ALA C 229 -10.31 -23.47 -13.69
C ALA C 229 -11.81 -23.64 -13.91
N THR C 230 -12.21 -24.88 -14.22
CA THR C 230 -13.59 -25.23 -14.46
C THR C 230 -13.90 -26.40 -13.54
N VAL C 231 -15.00 -26.32 -12.80
CA VAL C 231 -15.37 -27.42 -11.92
C VAL C 231 -16.58 -28.13 -12.51
N ILE C 232 -16.47 -29.45 -12.63
CA ILE C 232 -17.55 -30.26 -13.17
C ILE C 232 -18.02 -31.25 -12.11
N THR C 233 -19.32 -31.30 -11.89
CA THR C 233 -19.88 -32.23 -10.92
C THR C 233 -20.54 -33.38 -11.66
N MET C 234 -20.66 -34.52 -10.98
CA MET C 234 -21.24 -35.71 -11.57
C MET C 234 -21.96 -36.55 -10.52
N ASP C 235 -23.18 -36.92 -10.83
CA ASP C 235 -23.98 -37.74 -9.92
C ASP C 235 -23.28 -39.09 -9.77
N ARG C 236 -23.09 -39.55 -8.53
CA ARG C 236 -22.43 -40.84 -8.32
C ARG C 236 -23.31 -41.99 -8.75
N LYS C 237 -24.61 -41.73 -8.87
CA LYS C 237 -25.57 -42.74 -9.24
C LYS C 237 -25.83 -42.80 -10.75
N ALA C 238 -25.22 -41.90 -11.49
CA ALA C 238 -25.41 -41.85 -12.94
C ALA C 238 -25.06 -43.18 -13.58
N SER C 239 -25.96 -43.66 -14.44
CA SER C 239 -25.75 -44.92 -15.15
C SER C 239 -24.47 -44.92 -15.98
N LYS C 240 -24.25 -43.85 -16.73
CA LYS C 240 -23.05 -43.75 -17.56
C LYS C 240 -22.01 -42.91 -16.82
N GLN C 241 -20.91 -43.53 -16.41
CA GLN C 241 -19.86 -42.84 -15.67
C GLN C 241 -18.72 -42.32 -16.55
N GLN C 242 -19.00 -42.17 -17.84
CA GLN C 242 -18.02 -41.61 -18.78
C GLN C 242 -18.66 -40.36 -19.34
N THR C 243 -17.84 -39.36 -19.61
CA THR C 243 -18.33 -38.08 -20.12
C THR C 243 -17.35 -37.53 -21.14
N ASN C 244 -17.86 -36.97 -22.22
CA ASN C 244 -16.99 -36.38 -23.21
C ASN C 244 -17.02 -34.87 -23.01
N ILE C 245 -15.91 -34.22 -23.30
CA ILE C 245 -15.88 -32.77 -23.18
C ILE C 245 -14.92 -32.24 -24.26
N ASP C 246 -15.31 -31.12 -24.86
CA ASP C 246 -14.50 -30.51 -25.90
C ASP C 246 -13.92 -29.23 -25.34
N VAL C 247 -12.62 -29.06 -25.54
CA VAL C 247 -11.96 -27.85 -25.07
C VAL C 247 -11.49 -27.14 -26.32
N ILE C 248 -11.83 -25.86 -26.44
CA ILE C 248 -11.45 -25.10 -27.60
C ILE C 248 -10.61 -23.87 -27.29
N TYR C 249 -9.45 -23.78 -27.91
CA TYR C 249 -8.57 -22.62 -27.76
C TYR C 249 -8.74 -21.84 -29.06
N GLU C 250 -8.90 -20.53 -28.96
CA GLU C 250 -9.08 -19.71 -30.15
C GLU C 250 -8.28 -18.43 -30.11
N ARG C 251 -8.00 -17.89 -31.28
CA ARG C 251 -7.32 -16.62 -31.43
C ARG C 251 -8.05 -15.88 -32.53
N VAL C 252 -8.52 -14.68 -32.22
CA VAL C 252 -9.23 -13.88 -33.18
C VAL C 252 -8.23 -12.82 -33.57
N ARG C 253 -7.98 -12.66 -34.86
CA ARG C 253 -7.02 -11.66 -35.30
C ARG C 253 -7.67 -10.52 -36.06
N ASP C 254 -7.13 -9.33 -35.85
CA ASP C 254 -7.61 -8.16 -36.56
C ASP C 254 -6.60 -7.91 -37.67
N ASP C 255 -7.00 -7.06 -38.60
CA ASP C 255 -6.17 -6.72 -39.74
C ASP C 255 -5.94 -5.21 -39.72
N TYR C 256 -4.74 -4.82 -39.29
CA TYR C 256 -4.38 -3.41 -39.22
C TYR C 256 -3.55 -3.09 -40.45
N GLN C 257 -4.08 -2.20 -41.30
CA GLN C 257 -3.39 -1.86 -42.53
C GLN C 257 -2.90 -0.42 -42.56
N LEU C 258 -1.77 -0.23 -43.23
CA LEU C 258 -1.19 1.10 -43.38
C LEU C 258 -1.04 1.40 -44.87
N HIS C 259 -1.21 2.67 -45.25
CA HIS C 259 -1.02 3.08 -46.63
C HIS C 259 -0.53 4.51 -46.64
N TRP C 260 0.25 4.85 -47.66
CA TRP C 260 0.78 6.19 -47.77
C TRP C 260 -0.24 7.01 -48.55
N THR C 261 -0.64 8.14 -47.98
CA THR C 261 -1.62 9.01 -48.62
C THR C 261 -0.97 9.82 -49.74
N SER C 262 0.24 10.30 -49.46
CA SER C 262 1.05 11.10 -50.38
C SER C 262 1.81 12.09 -49.51
N THR C 263 1.28 12.32 -48.32
CA THR C 263 1.88 13.25 -47.37
C THR C 263 2.09 12.67 -45.97
N ASN C 264 1.47 11.53 -45.70
CA ASN C 264 1.61 10.90 -44.38
C ASN C 264 1.03 9.49 -44.34
N TRP C 265 1.28 8.78 -43.25
CA TRP C 265 0.75 7.43 -43.11
C TRP C 265 -0.67 7.46 -42.54
N LYS C 266 -1.49 6.50 -42.96
CA LYS C 266 -2.85 6.39 -42.49
C LYS C 266 -3.17 4.92 -42.26
N GLY C 267 -3.61 4.58 -41.06
CA GLY C 267 -3.93 3.20 -40.76
C GLY C 267 -5.41 2.93 -40.60
N THR C 268 -5.78 1.67 -40.74
CA THR C 268 -7.17 1.26 -40.59
C THR C 268 -7.18 -0.11 -39.94
N ASN C 269 -8.22 -0.42 -39.20
CA ASN C 269 -8.30 -1.71 -38.54
C ASN C 269 -9.59 -2.46 -38.84
N THR C 270 -9.45 -3.67 -39.37
CA THR C 270 -10.59 -4.52 -39.67
C THR C 270 -10.72 -5.48 -38.50
N LYS C 271 -11.87 -5.46 -37.84
CA LYS C 271 -12.09 -6.33 -36.69
C LYS C 271 -12.43 -7.76 -37.08
N ASP C 272 -11.93 -8.71 -36.30
CA ASP C 272 -12.18 -10.14 -36.48
C ASP C 272 -12.01 -10.65 -37.90
N LYS C 273 -10.93 -10.25 -38.56
CA LYS C 273 -10.69 -10.70 -39.93
C LYS C 273 -10.52 -12.22 -39.97
N TRP C 274 -9.68 -12.75 -39.08
CA TRP C 274 -9.42 -14.19 -39.02
C TRP C 274 -9.73 -14.74 -37.64
N THR C 275 -9.93 -16.06 -37.58
CA THR C 275 -10.20 -16.76 -36.34
C THR C 275 -9.54 -18.13 -36.40
N ASP C 276 -8.64 -18.39 -35.46
CA ASP C 276 -7.94 -19.67 -35.41
C ASP C 276 -8.57 -20.48 -34.28
N ARG C 277 -9.29 -21.53 -34.65
CA ARG C 277 -9.98 -22.38 -33.69
C ARG C 277 -9.32 -23.74 -33.54
N SER C 278 -8.96 -24.10 -32.32
CA SER C 278 -8.32 -25.39 -32.07
C SER C 278 -9.14 -26.12 -31.01
N SER C 279 -9.86 -27.14 -31.45
CA SER C 279 -10.72 -27.91 -30.56
C SER C 279 -10.19 -29.31 -30.34
N GLU C 280 -10.48 -29.85 -29.16
CA GLU C 280 -10.04 -31.21 -28.86
C GLU C 280 -11.00 -31.95 -27.93
N ARG C 281 -11.21 -33.22 -28.23
CA ARG C 281 -12.12 -34.09 -27.48
C ARG C 281 -11.40 -34.86 -26.39
N TYR C 282 -11.87 -34.72 -25.17
CA TYR C 282 -11.30 -35.43 -24.02
C TYR C 282 -12.34 -36.38 -23.48
N LYS C 283 -11.86 -37.49 -22.94
CA LYS C 283 -12.70 -38.52 -22.36
C LYS C 283 -12.50 -38.44 -20.84
N ILE C 284 -13.61 -38.31 -20.11
CA ILE C 284 -13.57 -38.26 -18.64
C ILE C 284 -14.18 -39.53 -18.10
N ASP C 285 -13.40 -40.31 -17.37
CA ASP C 285 -13.90 -41.54 -16.79
C ASP C 285 -13.97 -41.34 -15.27
N TRP C 286 -15.18 -41.13 -14.77
CA TRP C 286 -15.42 -40.88 -13.35
C TRP C 286 -15.13 -42.08 -12.44
N GLU C 287 -15.13 -43.28 -13.01
CA GLU C 287 -14.86 -44.47 -12.22
C GLU C 287 -13.34 -44.76 -12.14
N LYS C 288 -12.62 -44.58 -13.23
CA LYS C 288 -11.18 -44.80 -13.24
C LYS C 288 -10.47 -43.55 -12.73
N GLU C 289 -11.18 -42.42 -12.80
CA GLU C 289 -10.62 -41.14 -12.39
C GLU C 289 -9.40 -40.77 -13.21
N GLU C 290 -9.63 -40.63 -14.51
CA GLU C 290 -8.60 -40.25 -15.45
C GLU C 290 -9.26 -39.55 -16.63
N MET C 291 -8.49 -38.69 -17.27
CA MET C 291 -8.94 -37.96 -18.43
C MET C 291 -7.97 -38.33 -19.53
N THR C 292 -8.49 -38.65 -20.71
CA THR C 292 -7.65 -39.02 -21.83
C THR C 292 -8.10 -38.27 -23.08
N ASN C 293 -7.18 -38.08 -24.02
CA ASN C 293 -7.51 -37.40 -25.28
C ASN C 293 -6.88 -38.21 -26.41
N ALA D 1 -12.10 -8.70 16.97
CA ALA D 1 -11.52 -10.06 16.74
C ALA D 1 -11.17 -10.69 18.07
N ASP D 2 -11.18 -12.03 18.12
CA ASP D 2 -10.88 -12.72 19.36
C ASP D 2 -9.67 -12.13 20.09
N SER D 3 -8.60 -11.87 19.35
CA SER D 3 -7.38 -11.33 19.95
C SER D 3 -7.57 -9.99 20.64
N ASP D 4 -8.54 -9.21 20.19
CA ASP D 4 -8.77 -7.91 20.81
C ASP D 4 -9.36 -8.11 22.20
N ILE D 5 -10.00 -9.26 22.39
CA ILE D 5 -10.59 -9.54 23.69
C ILE D 5 -9.86 -10.63 24.45
N ASN D 6 -8.56 -10.73 24.19
CA ASN D 6 -7.68 -11.69 24.87
C ASN D 6 -8.08 -13.16 24.78
N ILE D 7 -8.65 -13.55 23.66
CA ILE D 7 -9.06 -14.94 23.50
C ILE D 7 -8.30 -15.59 22.36
N LYS D 8 -7.91 -16.84 22.58
CA LYS D 8 -7.18 -17.60 21.56
C LYS D 8 -7.99 -17.59 20.27
N THR D 9 -7.35 -17.21 19.18
CA THR D 9 -7.99 -17.12 17.87
C THR D 9 -8.74 -18.39 17.47
N GLY D 10 -9.97 -18.21 16.98
CA GLY D 10 -10.78 -19.35 16.56
C GLY D 10 -11.56 -20.03 17.68
N THR D 11 -11.18 -19.76 18.93
CA THR D 11 -11.83 -20.36 20.07
C THR D 11 -13.36 -20.42 20.02
N THR D 12 -14.00 -19.34 19.61
CA THR D 12 -15.46 -19.32 19.56
C THR D 12 -16.03 -19.72 18.21
N ASP D 13 -15.18 -19.97 17.22
CA ASP D 13 -15.70 -20.35 15.92
C ASP D 13 -16.28 -21.74 15.99
N ILE D 14 -17.20 -22.02 15.08
CA ILE D 14 -17.89 -23.31 15.03
C ILE D 14 -17.38 -24.24 13.95
N GLY D 15 -17.58 -25.55 14.16
CA GLY D 15 -17.17 -26.53 13.17
C GLY D 15 -16.09 -27.53 13.54
N SER D 16 -15.43 -27.32 14.66
CA SER D 16 -14.37 -28.24 15.06
C SER D 16 -14.92 -29.58 15.54
N ASN D 17 -14.28 -30.64 15.09
CA ASN D 17 -14.66 -31.99 15.48
C ASN D 17 -16.09 -32.33 15.06
N THR D 18 -16.43 -31.92 13.85
CA THR D 18 -17.76 -32.15 13.30
C THR D 18 -17.62 -32.66 11.88
N THR D 19 -18.36 -33.71 11.57
CA THR D 19 -18.35 -34.25 10.22
C THR D 19 -19.34 -33.39 9.46
N VAL D 20 -18.81 -32.61 8.52
CA VAL D 20 -19.58 -31.68 7.71
C VAL D 20 -20.05 -32.33 6.41
N LYS D 21 -21.33 -32.23 6.13
CA LYS D 21 -21.90 -32.80 4.91
C LYS D 21 -22.14 -31.66 3.93
N THR D 22 -21.49 -31.74 2.77
CA THR D 22 -21.58 -30.71 1.76
C THR D 22 -22.26 -31.21 0.50
N GLY D 23 -22.61 -30.27 -0.38
CA GLY D 23 -23.27 -30.63 -1.62
C GLY D 23 -23.35 -29.51 -2.64
N ASP D 24 -23.42 -29.91 -3.91
CA ASP D 24 -23.51 -29.01 -5.06
C ASP D 24 -24.82 -29.28 -5.82
N LEU D 25 -25.56 -28.22 -6.13
CA LEU D 25 -26.83 -28.34 -6.86
C LEU D 25 -26.81 -27.33 -8.02
N VAL D 26 -26.72 -27.82 -9.24
CA VAL D 26 -26.67 -26.90 -10.39
C VAL D 26 -27.91 -26.91 -11.26
N THR D 27 -28.42 -25.72 -11.54
CA THR D 27 -29.60 -25.58 -12.39
C THR D 27 -29.34 -24.48 -13.40
N TYR D 28 -29.63 -24.75 -14.66
CA TYR D 28 -29.46 -23.73 -15.68
C TYR D 28 -30.83 -23.38 -16.28
N ASP D 29 -31.17 -22.10 -16.19
CA ASP D 29 -32.43 -21.60 -16.74
C ASP D 29 -32.14 -20.97 -18.10
N LYS D 30 -32.38 -21.75 -19.14
CA LYS D 30 -32.15 -21.35 -20.52
C LYS D 30 -32.87 -20.07 -20.90
N GLU D 31 -34.18 -20.02 -20.67
CA GLU D 31 -34.96 -18.85 -21.02
C GLU D 31 -34.50 -17.57 -20.33
N ASN D 32 -34.06 -17.68 -19.08
CA ASN D 32 -33.60 -16.50 -18.35
C ASN D 32 -32.09 -16.33 -18.42
N GLY D 33 -31.40 -17.26 -19.08
CA GLY D 33 -29.96 -17.17 -19.20
C GLY D 33 -29.27 -17.04 -17.85
N MET D 34 -29.61 -17.93 -16.93
CA MET D 34 -29.02 -17.91 -15.60
C MET D 34 -28.47 -19.26 -15.19
N HIS D 35 -27.20 -19.28 -14.85
CA HIS D 35 -26.55 -20.49 -14.36
C HIS D 35 -26.65 -20.40 -12.84
N LYS D 36 -27.53 -21.18 -12.25
CA LYS D 36 -27.72 -21.17 -10.80
C LYS D 36 -27.02 -22.32 -10.12
N LYS D 37 -26.21 -22.01 -9.11
CA LYS D 37 -25.49 -23.03 -8.38
C LYS D 37 -25.57 -22.78 -6.88
N VAL D 38 -25.92 -23.83 -6.16
CA VAL D 38 -25.99 -23.76 -4.72
C VAL D 38 -24.96 -24.73 -4.18
N PHE D 39 -24.12 -24.24 -3.28
CA PHE D 39 -23.12 -25.09 -2.65
C PHE D 39 -23.53 -24.99 -1.18
N TYR D 40 -23.93 -26.10 -0.59
CA TYR D 40 -24.36 -26.08 0.79
C TYR D 40 -23.45 -26.85 1.73
N SER D 41 -23.63 -26.60 3.02
CA SER D 41 -22.84 -27.29 4.03
C SER D 41 -23.62 -27.40 5.33
N PHE D 42 -23.87 -28.63 5.76
CA PHE D 42 -24.56 -28.86 7.01
C PHE D 42 -23.50 -28.97 8.09
N ILE D 43 -23.61 -28.14 9.12
CA ILE D 43 -22.65 -28.16 10.22
C ILE D 43 -23.40 -28.42 11.52
N ASP D 44 -23.43 -29.67 11.95
CA ASP D 44 -24.12 -30.01 13.19
C ASP D 44 -23.11 -30.14 14.34
N ASP D 45 -22.62 -29.00 14.81
CA ASP D 45 -21.67 -28.95 15.93
C ASP D 45 -22.40 -29.20 17.23
N LYS D 46 -22.01 -30.25 17.95
CA LYS D 46 -22.67 -30.58 19.20
C LYS D 46 -22.45 -29.60 20.36
N ASN D 47 -21.42 -28.77 20.28
CA ASN D 47 -21.20 -27.81 21.33
C ASN D 47 -21.88 -26.49 20.94
N HIS D 48 -22.71 -26.55 19.91
CA HIS D 48 -23.46 -25.39 19.43
C HIS D 48 -24.94 -25.70 19.68
N ASN D 49 -25.72 -24.69 20.08
CA ASN D 49 -27.13 -24.93 20.41
C ASN D 49 -28.04 -25.19 19.21
N LYS D 50 -27.51 -25.15 18.01
CA LYS D 50 -28.35 -25.41 16.85
C LYS D 50 -27.60 -26.00 15.67
N LYS D 51 -28.32 -26.68 14.79
CA LYS D 51 -27.69 -27.23 13.60
C LYS D 51 -27.57 -26.00 12.69
N LEU D 52 -26.58 -26.00 11.81
CA LEU D 52 -26.42 -24.88 10.87
C LEU D 52 -26.35 -25.41 9.45
N LEU D 53 -26.76 -24.56 8.52
CA LEU D 53 -26.70 -24.87 7.11
C LEU D 53 -26.11 -23.61 6.50
N VAL D 54 -25.06 -23.78 5.70
CA VAL D 54 -24.45 -22.65 5.04
C VAL D 54 -24.82 -22.84 3.58
N ILE D 55 -25.54 -21.86 3.05
CA ILE D 55 -25.96 -21.91 1.66
C ILE D 55 -25.23 -20.86 0.88
N ARG D 56 -24.44 -21.29 -0.09
CA ARG D 56 -23.70 -20.35 -0.91
C ARG D 56 -24.34 -20.35 -2.28
N THR D 57 -24.90 -19.20 -2.65
CA THR D 57 -25.56 -19.02 -3.94
C THR D 57 -24.54 -18.44 -4.92
N LYS D 58 -24.16 -19.24 -5.91
CA LYS D 58 -23.17 -18.80 -6.90
C LYS D 58 -23.69 -18.90 -8.33
N GLY D 59 -22.84 -19.31 -9.26
CA GLY D 59 -23.25 -19.42 -10.65
C GLY D 59 -23.11 -18.05 -11.27
N THR D 60 -23.83 -17.77 -12.35
CA THR D 60 -23.75 -16.46 -12.96
C THR D 60 -25.00 -16.11 -13.76
N ILE D 61 -25.41 -14.86 -13.65
CA ILE D 61 -26.56 -14.34 -14.36
C ILE D 61 -25.98 -13.60 -15.57
N ALA D 62 -26.39 -14.00 -16.78
CA ALA D 62 -25.87 -13.35 -17.98
C ALA D 62 -26.28 -11.88 -18.00
N GLY D 63 -25.42 -11.01 -18.53
CA GLY D 63 -25.73 -9.60 -18.60
C GLY D 63 -26.84 -9.36 -19.62
N GLN D 64 -26.69 -9.95 -20.80
CA GLN D 64 -27.67 -9.84 -21.88
C GLN D 64 -27.92 -8.44 -22.41
N TYR D 65 -26.83 -7.69 -22.51
CA TYR D 65 -26.82 -6.32 -23.04
C TYR D 65 -26.99 -6.51 -24.55
N ARG D 66 -28.07 -5.97 -25.12
CA ARG D 66 -28.28 -6.14 -26.55
C ARG D 66 -29.29 -5.21 -27.21
N VAL D 67 -29.05 -4.98 -28.51
CA VAL D 67 -29.93 -4.17 -29.33
C VAL D 67 -31.14 -5.06 -29.55
N TYR D 68 -32.30 -4.69 -29.01
CA TYR D 68 -33.49 -5.51 -29.16
C TYR D 68 -34.41 -5.01 -30.27
N SER D 69 -34.46 -3.70 -30.46
CA SER D 69 -35.33 -3.12 -31.49
C SER D 69 -34.60 -2.15 -32.41
N GLU D 70 -34.93 -2.23 -33.70
CA GLU D 70 -34.33 -1.36 -34.72
C GLU D 70 -35.42 -0.94 -35.69
N GLU D 71 -36.23 0.04 -35.28
CA GLU D 71 -37.32 0.53 -36.11
C GLU D 71 -36.91 1.76 -36.92
N GLY D 72 -35.99 1.57 -37.87
CA GLY D 72 -35.54 2.67 -38.69
C GLY D 72 -34.12 3.08 -38.34
N ALA D 73 -33.34 3.43 -39.36
CA ALA D 73 -31.95 3.83 -39.17
C ALA D 73 -31.82 5.01 -38.20
N ASN D 74 -32.93 5.65 -37.86
CA ASN D 74 -32.89 6.79 -36.95
C ASN D 74 -33.30 6.48 -35.51
N LYS D 75 -33.74 5.26 -35.26
CA LYS D 75 -34.15 4.88 -33.92
C LYS D 75 -33.83 3.41 -33.62
N SER D 76 -33.20 3.17 -32.47
CA SER D 76 -32.85 1.82 -32.06
C SER D 76 -32.89 1.73 -30.54
N GLY D 77 -33.12 0.52 -30.04
CA GLY D 77 -33.19 0.33 -28.61
C GLY D 77 -32.20 -0.71 -28.10
N LEU D 78 -31.71 -0.48 -26.88
CA LEU D 78 -30.75 -1.38 -26.23
C LEU D 78 -31.21 -1.73 -24.82
N ALA D 79 -31.40 -3.02 -24.57
CA ALA D 79 -31.81 -3.49 -23.25
C ALA D 79 -30.51 -3.82 -22.51
N TRP D 80 -30.43 -3.41 -21.25
CA TRP D 80 -29.23 -3.67 -20.45
C TRP D 80 -29.57 -3.93 -18.99
N PRO D 81 -28.73 -4.71 -18.29
CA PRO D 81 -28.92 -5.06 -16.87
C PRO D 81 -28.59 -3.95 -15.90
N SER D 82 -29.62 -3.37 -15.30
CA SER D 82 -29.44 -2.30 -14.34
C SER D 82 -29.38 -2.86 -12.92
N ALA D 83 -29.75 -4.13 -12.77
CA ALA D 83 -29.73 -4.77 -11.45
C ALA D 83 -29.78 -6.29 -11.53
N PHE D 84 -29.01 -6.94 -10.66
CA PHE D 84 -28.94 -8.40 -10.55
C PHE D 84 -29.39 -8.69 -9.13
N LYS D 85 -30.19 -9.73 -8.94
CA LYS D 85 -30.66 -10.06 -7.60
C LYS D 85 -30.68 -11.54 -7.29
N VAL D 86 -30.38 -11.86 -6.03
CA VAL D 86 -30.40 -13.22 -5.55
C VAL D 86 -31.13 -13.13 -4.22
N GLN D 87 -32.21 -13.90 -4.08
CA GLN D 87 -32.98 -13.86 -2.84
C GLN D 87 -33.33 -15.25 -2.33
N LEU D 88 -33.24 -15.41 -1.02
CA LEU D 88 -33.56 -16.67 -0.38
C LEU D 88 -34.69 -16.36 0.59
N GLN D 89 -35.65 -17.26 0.67
CA GLN D 89 -36.79 -17.04 1.54
C GLN D 89 -37.35 -18.32 2.13
N LEU D 90 -37.62 -18.30 3.43
CA LEU D 90 -38.20 -19.44 4.11
C LEU D 90 -39.70 -19.23 4.23
N PRO D 91 -40.49 -20.25 3.91
CA PRO D 91 -41.96 -20.13 4.00
C PRO D 91 -42.40 -19.75 5.43
N ASP D 92 -43.45 -18.94 5.50
CA ASP D 92 -43.98 -18.42 6.75
C ASP D 92 -44.03 -19.32 7.99
N ASN D 93 -44.46 -20.57 7.83
CA ASN D 93 -44.56 -21.47 8.97
C ASN D 93 -43.32 -22.33 9.25
N GLU D 94 -42.17 -21.90 8.71
CA GLU D 94 -40.93 -22.65 8.92
C GLU D 94 -40.29 -22.21 10.24
N VAL D 95 -39.97 -23.19 11.06
CA VAL D 95 -39.34 -22.92 12.35
C VAL D 95 -37.86 -22.56 12.18
N ALA D 96 -37.23 -23.04 11.11
CA ALA D 96 -35.83 -22.73 10.81
C ALA D 96 -35.72 -21.22 10.58
N GLN D 97 -34.54 -20.66 10.82
CA GLN D 97 -34.36 -19.22 10.65
C GLN D 97 -33.10 -18.79 9.93
N ILE D 98 -33.15 -17.57 9.41
CA ILE D 98 -32.01 -16.96 8.75
C ILE D 98 -31.27 -16.33 9.92
N SER D 99 -30.01 -16.71 10.08
CA SER D 99 -29.20 -16.25 11.18
C SER D 99 -28.09 -15.31 10.80
N ASP D 100 -27.48 -15.56 9.65
CA ASP D 100 -26.39 -14.70 9.20
C ASP D 100 -26.32 -14.71 7.67
N TYR D 101 -25.44 -13.87 7.14
CA TYR D 101 -25.31 -13.71 5.70
C TYR D 101 -24.07 -12.87 5.46
N TYR D 102 -23.46 -13.05 4.29
CA TYR D 102 -22.27 -12.29 3.95
C TYR D 102 -22.16 -12.31 2.43
N PRO D 103 -21.74 -11.19 1.82
CA PRO D 103 -21.36 -9.91 2.42
C PRO D 103 -22.51 -9.07 2.95
N ARG D 104 -22.17 -7.93 3.56
CA ARG D 104 -23.17 -7.03 4.11
C ARG D 104 -22.89 -5.62 3.62
N ASN D 105 -23.62 -4.62 4.13
CA ASN D 105 -23.39 -3.25 3.69
C ASN D 105 -22.23 -2.62 4.45
N SER D 106 -21.26 -2.10 3.72
CA SER D 106 -20.12 -1.47 4.37
C SER D 106 -20.28 0.04 4.32
N ILE D 107 -19.71 0.74 5.31
CA ILE D 107 -19.78 2.19 5.39
C ILE D 107 -18.80 2.76 4.36
N ASP D 108 -19.30 3.60 3.46
CA ASP D 108 -18.43 4.21 2.47
C ASP D 108 -17.72 5.41 3.06
N THR D 109 -16.59 5.76 2.49
CA THR D 109 -15.82 6.91 2.97
C THR D 109 -15.47 7.82 1.81
N LYS D 110 -14.88 8.96 2.13
CA LYS D 110 -14.51 9.94 1.14
C LYS D 110 -13.34 10.70 1.75
N GLU D 111 -12.39 11.10 0.93
CA GLU D 111 -11.26 11.86 1.44
C GLU D 111 -11.55 13.33 1.14
N TYR D 112 -11.30 14.18 2.11
CA TYR D 112 -11.54 15.61 1.96
C TYR D 112 -10.20 16.32 2.03
N ASN D 113 -9.98 17.24 1.09
CA ASN D 113 -8.76 18.03 1.03
C ASN D 113 -9.08 19.50 1.00
N SER D 114 -8.73 20.23 2.06
CA SER D 114 -8.97 21.66 2.11
C SER D 114 -7.62 22.36 1.97
N THR D 115 -7.54 23.31 1.06
CA THR D 115 -6.30 24.04 0.81
C THR D 115 -6.45 25.55 0.87
N LEU D 116 -5.56 26.18 1.62
CA LEU D 116 -5.57 27.63 1.75
C LEU D 116 -4.23 28.17 1.28
N THR D 117 -4.28 29.13 0.38
CA THR D 117 -3.05 29.72 -0.15
C THR D 117 -3.16 31.24 -0.30
N TYR D 118 -2.02 31.91 -0.18
CA TYR D 118 -1.95 33.35 -0.33
C TYR D 118 -0.48 33.72 -0.52
N GLY D 119 -0.23 34.69 -1.38
CA GLY D 119 1.13 35.12 -1.62
C GLY D 119 1.23 36.58 -2.03
N PHE D 120 2.46 36.98 -2.36
CA PHE D 120 2.75 38.34 -2.78
C PHE D 120 3.66 38.34 -4.01
N ASN D 121 3.66 39.44 -4.75
CA ASN D 121 4.50 39.55 -5.93
C ASN D 121 4.74 41.01 -6.33
N GLY D 122 5.99 41.33 -6.66
CA GLY D 122 6.33 42.68 -7.08
C GLY D 122 6.46 42.72 -8.59
N ASN D 123 6.82 43.87 -9.14
CA ASN D 123 6.97 43.98 -10.58
C ASN D 123 7.52 45.33 -11.02
N VAL D 124 8.84 45.39 -11.26
CA VAL D 124 9.49 46.62 -11.70
C VAL D 124 9.53 46.65 -13.24
N THR D 125 8.76 47.58 -13.81
CA THR D 125 8.68 47.71 -15.27
C THR D 125 9.49 48.91 -15.78
N GLY D 126 9.72 48.95 -17.09
CA GLY D 126 10.47 50.04 -17.68
C GLY D 126 10.53 49.96 -19.19
N ASP D 127 10.96 51.05 -19.82
CA ASP D 127 11.06 51.11 -21.27
C ASP D 127 12.24 51.99 -21.72
N ASP D 128 12.41 52.11 -23.03
CA ASP D 128 13.51 52.91 -23.58
C ASP D 128 13.34 54.40 -23.29
N THR D 129 12.13 54.92 -23.50
CA THR D 129 11.88 56.34 -23.27
C THR D 129 12.35 56.74 -21.88
N GLY D 130 12.35 55.79 -20.95
CA GLY D 130 12.79 56.08 -19.60
C GLY D 130 11.76 55.89 -18.51
N LYS D 131 10.54 55.54 -18.88
CA LYS D 131 9.47 55.35 -17.90
C LYS D 131 9.74 54.16 -16.98
N ILE D 132 9.86 54.44 -15.69
CA ILE D 132 10.12 53.40 -14.70
C ILE D 132 8.83 53.08 -13.94
N GLY D 133 8.30 51.87 -14.14
CA GLY D 133 7.08 51.47 -13.47
C GLY D 133 7.27 50.42 -12.38
N GLY D 134 6.20 50.13 -11.66
CA GLY D 134 6.27 49.14 -10.59
C GLY D 134 4.92 48.56 -10.22
N LEU D 135 4.93 47.47 -9.44
CA LEU D 135 3.69 46.83 -9.03
C LEU D 135 3.79 45.97 -7.77
N ILE D 136 2.70 45.93 -7.02
CA ILE D 136 2.62 45.15 -5.78
C ILE D 136 1.18 44.65 -5.64
N GLY D 137 1.02 43.32 -5.53
CA GLY D 137 -0.31 42.76 -5.41
C GLY D 137 -0.37 41.48 -4.57
N ALA D 138 -1.44 41.34 -3.80
CA ALA D 138 -1.63 40.18 -2.94
C ALA D 138 -2.59 39.19 -3.60
N ASN D 139 -2.73 38.02 -2.98
CA ASN D 139 -3.61 36.99 -3.51
C ASN D 139 -3.94 35.96 -2.44
N VAL D 140 -5.14 35.40 -2.52
CA VAL D 140 -5.60 34.40 -1.56
C VAL D 140 -6.47 33.37 -2.28
N SER D 141 -6.21 32.09 -2.04
CA SER D 141 -6.98 31.03 -2.65
C SER D 141 -7.44 30.02 -1.63
N ILE D 142 -8.73 29.71 -1.66
CA ILE D 142 -9.31 28.73 -0.76
C ILE D 142 -10.07 27.75 -1.62
N GLY D 143 -9.81 26.46 -1.42
CA GLY D 143 -10.50 25.47 -2.21
C GLY D 143 -10.39 24.09 -1.60
N HIS D 144 -11.33 23.24 -1.95
CA HIS D 144 -11.28 21.90 -1.41
C HIS D 144 -11.51 20.87 -2.50
N THR D 145 -10.94 19.69 -2.29
CA THR D 145 -11.09 18.62 -3.23
C THR D 145 -11.67 17.41 -2.49
N LEU D 146 -12.73 16.86 -3.05
CA LEU D 146 -13.41 15.71 -2.47
C LEU D 146 -13.06 14.49 -3.30
N LYS D 147 -12.61 13.42 -2.64
CA LYS D 147 -12.23 12.19 -3.33
C LYS D 147 -12.98 10.98 -2.79
N TYR D 148 -13.47 10.14 -3.69
CA TYR D 148 -14.20 8.92 -3.33
C TYR D 148 -14.23 7.96 -4.50
N VAL D 149 -14.35 6.67 -4.20
CA VAL D 149 -14.37 5.64 -5.22
C VAL D 149 -15.79 5.26 -5.60
N GLN D 150 -16.02 4.99 -6.88
CA GLN D 150 -17.35 4.63 -7.34
C GLN D 150 -17.34 3.35 -8.16
N PRO D 151 -17.81 2.25 -7.59
CA PRO D 151 -17.85 0.98 -8.33
C PRO D 151 -18.91 1.09 -9.41
N ASP D 152 -18.71 0.41 -10.53
CA ASP D 152 -19.67 0.44 -11.64
C ASP D 152 -21.02 -0.06 -11.15
N PHE D 153 -20.96 -1.06 -10.26
CA PHE D 153 -22.15 -1.65 -9.67
C PHE D 153 -21.95 -1.68 -8.15
N LYS D 154 -23.05 -1.58 -7.42
CA LYS D 154 -22.99 -1.66 -5.96
C LYS D 154 -23.52 -3.03 -5.56
N THR D 155 -22.86 -3.66 -4.58
CA THR D 155 -23.30 -4.96 -4.08
C THR D 155 -23.93 -4.58 -2.75
N ILE D 156 -25.25 -4.74 -2.65
CA ILE D 156 -26.00 -4.36 -1.47
C ILE D 156 -26.78 -5.47 -0.80
N LEU D 157 -26.71 -5.54 0.53
CA LEU D 157 -27.45 -6.55 1.27
C LEU D 157 -28.82 -5.94 1.54
N GLU D 158 -29.87 -6.61 1.09
CA GLU D 158 -31.23 -6.10 1.31
C GLU D 158 -31.63 -6.40 2.75
N SER D 159 -32.39 -5.48 3.35
CA SER D 159 -32.87 -5.62 4.73
C SER D 159 -33.40 -7.03 4.93
N PRO D 160 -32.68 -7.85 5.68
CA PRO D 160 -33.10 -9.23 5.93
C PRO D 160 -34.05 -9.37 7.12
N THR D 161 -34.67 -10.54 7.24
CA THR D 161 -35.57 -10.84 8.35
C THR D 161 -35.16 -12.26 8.74
N ASP D 162 -35.90 -12.89 9.65
CA ASP D 162 -35.54 -14.25 10.04
C ASP D 162 -36.10 -15.26 9.05
N LYS D 163 -36.76 -14.77 8.01
CA LYS D 163 -37.34 -15.61 6.96
C LYS D 163 -36.78 -15.32 5.57
N LYS D 164 -36.26 -14.11 5.37
CA LYS D 164 -35.74 -13.74 4.05
C LYS D 164 -34.47 -12.91 4.06
N VAL D 165 -33.68 -13.09 3.01
CA VAL D 165 -32.42 -12.37 2.85
C VAL D 165 -32.15 -12.30 1.36
N GLY D 166 -31.47 -11.23 0.95
CA GLY D 166 -31.16 -11.09 -0.45
C GLY D 166 -30.14 -9.99 -0.72
N TRP D 167 -29.57 -10.04 -1.92
CA TRP D 167 -28.59 -9.08 -2.36
C TRP D 167 -29.00 -8.56 -3.72
N LYS D 168 -28.69 -7.30 -3.98
CA LYS D 168 -28.96 -6.71 -5.27
C LYS D 168 -27.66 -6.01 -5.66
N VAL D 169 -27.21 -6.28 -6.88
CA VAL D 169 -26.01 -5.67 -7.42
C VAL D 169 -26.57 -4.72 -8.47
N ILE D 170 -26.59 -3.45 -8.13
CA ILE D 170 -27.18 -2.45 -8.99
C ILE D 170 -26.22 -1.55 -9.74
N PHE D 171 -26.60 -1.18 -10.96
CA PHE D 171 -25.78 -0.29 -11.75
C PHE D 171 -25.68 1.03 -10.98
N ASN D 172 -24.46 1.48 -10.77
CA ASN D 172 -24.21 2.73 -10.05
C ASN D 172 -23.99 3.81 -11.10
N ASN D 173 -22.80 3.84 -11.69
CA ASN D 173 -22.50 4.78 -12.77
C ASN D 173 -21.36 4.20 -13.60
N MET D 174 -21.12 4.77 -14.77
CA MET D 174 -20.08 4.24 -15.63
C MET D 174 -19.47 5.25 -16.58
N VAL D 175 -18.18 5.05 -16.87
CA VAL D 175 -17.47 5.92 -17.78
C VAL D 175 -17.72 5.48 -19.22
N ASN D 176 -18.01 6.43 -20.08
CA ASN D 176 -18.26 6.15 -21.50
C ASN D 176 -17.12 6.77 -22.30
N GLN D 177 -16.20 5.92 -22.77
CA GLN D 177 -15.06 6.36 -23.55
C GLN D 177 -14.39 7.58 -22.92
N ASN D 178 -14.03 7.45 -21.65
CA ASN D 178 -13.35 8.50 -20.89
C ASN D 178 -14.21 9.68 -20.44
N TRP D 179 -15.50 9.67 -20.79
CA TRP D 179 -16.39 10.77 -20.40
C TRP D 179 -17.34 10.37 -19.28
N GLY D 180 -17.98 11.35 -18.66
CA GLY D 180 -18.92 11.07 -17.59
C GLY D 180 -18.29 11.16 -16.21
N PRO D 181 -18.58 10.19 -15.32
CA PRO D 181 -19.45 9.04 -15.53
C PRO D 181 -20.90 9.41 -15.77
N TYR D 182 -21.66 8.48 -16.33
CA TYR D 182 -23.07 8.68 -16.58
C TYR D 182 -23.82 7.66 -15.75
N ASP D 183 -25.10 7.88 -15.53
CA ASP D 183 -25.88 6.91 -14.80
C ASP D 183 -27.26 6.86 -15.42
N ARG D 184 -28.21 6.26 -14.73
CA ARG D 184 -29.55 6.12 -15.29
C ARG D 184 -30.35 7.42 -15.38
N ASP D 185 -29.83 8.49 -14.79
CA ASP D 185 -30.53 9.76 -14.82
C ASP D 185 -29.76 10.86 -15.53
N SER D 186 -28.57 10.55 -16.02
CA SER D 186 -27.76 11.53 -16.73
C SER D 186 -28.59 12.18 -17.82
N TRP D 187 -28.50 13.50 -17.95
CA TRP D 187 -29.25 14.19 -18.97
C TRP D 187 -28.59 15.47 -19.49
N ASN D 188 -28.43 15.51 -20.80
CA ASN D 188 -27.84 16.62 -21.51
C ASN D 188 -28.98 17.19 -22.34
N PRO D 189 -29.27 18.50 -22.20
CA PRO D 189 -30.37 19.10 -22.97
C PRO D 189 -30.26 18.81 -24.47
N VAL D 190 -29.03 18.66 -24.95
CA VAL D 190 -28.80 18.39 -26.36
C VAL D 190 -28.78 16.90 -26.70
N TYR D 191 -28.00 16.13 -25.94
CA TYR D 191 -27.86 14.70 -26.21
C TYR D 191 -28.69 13.75 -25.37
N GLY D 192 -29.32 14.26 -24.32
CA GLY D 192 -30.12 13.39 -23.46
C GLY D 192 -29.17 12.58 -22.59
N ASN D 193 -29.42 11.29 -22.46
CA ASN D 193 -28.55 10.43 -21.66
C ASN D 193 -27.55 9.78 -22.60
N GLN D 194 -26.27 10.03 -22.38
CA GLN D 194 -25.21 9.49 -23.24
C GLN D 194 -24.60 8.20 -22.69
N LEU D 195 -25.29 7.59 -21.73
CA LEU D 195 -24.83 6.37 -21.10
C LEU D 195 -24.16 5.40 -22.07
N PHE D 196 -24.90 4.86 -23.04
CA PHE D 196 -24.32 3.91 -23.98
C PHE D 196 -24.18 4.40 -25.41
N MET D 197 -24.17 5.71 -25.57
CA MET D 197 -24.04 6.34 -26.88
C MET D 197 -22.58 6.24 -27.36
N LYS D 198 -22.36 5.67 -28.54
CA LYS D 198 -21.01 5.54 -29.05
C LYS D 198 -20.52 6.87 -29.64
N THR D 199 -21.29 7.43 -30.56
CA THR D 199 -20.91 8.71 -31.16
C THR D 199 -22.08 9.69 -31.06
N ARG D 200 -21.75 10.96 -30.96
CA ARG D 200 -22.78 12.00 -30.86
C ARG D 200 -23.31 12.47 -32.20
N ASN D 201 -22.46 12.48 -33.23
CA ASN D 201 -22.86 12.94 -34.56
C ASN D 201 -22.63 11.93 -35.70
N GLY D 202 -22.22 10.72 -35.34
CA GLY D 202 -21.96 9.68 -36.34
C GLY D 202 -23.07 9.47 -37.35
N SER D 203 -22.70 8.98 -38.53
CA SER D 203 -23.67 8.76 -39.61
C SER D 203 -24.22 7.34 -39.78
N MET D 204 -23.82 6.39 -38.95
CA MET D 204 -24.34 5.04 -39.12
C MET D 204 -25.77 4.87 -38.64
N LYS D 205 -26.27 3.64 -38.73
CA LYS D 205 -27.61 3.30 -38.29
C LYS D 205 -27.63 3.35 -36.77
N ALA D 206 -28.77 3.74 -36.20
CA ALA D 206 -28.94 3.83 -34.77
C ALA D 206 -28.48 2.55 -34.07
N ALA D 207 -28.81 1.41 -34.66
CA ALA D 207 -28.46 0.12 -34.10
C ALA D 207 -26.96 -0.11 -34.01
N ASP D 208 -26.18 0.76 -34.65
CA ASP D 208 -24.74 0.62 -34.65
C ASP D 208 -24.06 1.74 -33.88
N ASN D 209 -24.86 2.60 -33.25
CA ASN D 209 -24.31 3.71 -32.49
C ASN D 209 -24.32 3.48 -30.98
N PHE D 210 -24.38 2.21 -30.57
CA PHE D 210 -24.37 1.88 -29.14
C PHE D 210 -22.95 1.48 -28.72
N LEU D 211 -22.58 1.82 -27.49
CA LEU D 211 -21.26 1.49 -26.97
C LEU D 211 -20.92 0.02 -27.10
N ASP D 212 -19.68 -0.27 -27.48
CA ASP D 212 -19.18 -1.63 -27.63
C ASP D 212 -19.21 -2.22 -26.21
N PRO D 213 -19.85 -3.39 -26.03
CA PRO D 213 -19.91 -4.00 -24.70
C PRO D 213 -18.54 -4.23 -24.04
N ASN D 214 -17.51 -4.42 -24.86
CA ASN D 214 -16.15 -4.62 -24.34
C ASN D 214 -15.54 -3.33 -23.81
N LYS D 215 -16.15 -2.20 -24.14
CA LYS D 215 -15.66 -0.91 -23.67
C LYS D 215 -16.53 -0.43 -22.52
N ALA D 216 -17.34 -1.33 -21.98
CA ALA D 216 -18.21 -1.01 -20.87
C ALA D 216 -18.07 -2.10 -19.83
N SER D 217 -18.73 -1.93 -18.69
CA SER D 217 -18.66 -2.91 -17.61
C SER D 217 -19.00 -4.32 -18.09
N SER D 218 -18.11 -5.26 -17.79
CA SER D 218 -18.29 -6.66 -18.20
C SER D 218 -19.59 -7.25 -17.68
N LEU D 219 -20.08 -6.75 -16.55
CA LEU D 219 -21.33 -7.26 -16.01
C LEU D 219 -22.49 -7.01 -16.96
N LEU D 220 -22.40 -5.92 -17.72
CA LEU D 220 -23.47 -5.59 -18.65
C LEU D 220 -23.77 -6.69 -19.67
N SER D 221 -22.72 -7.34 -20.18
CA SER D 221 -22.89 -8.38 -21.18
C SER D 221 -22.67 -9.80 -20.70
N SER D 222 -21.41 -10.15 -20.45
CA SER D 222 -21.09 -11.50 -20.00
C SER D 222 -21.80 -11.89 -18.69
N GLY D 223 -22.06 -10.92 -17.83
CA GLY D 223 -22.78 -11.24 -16.61
C GLY D 223 -22.08 -11.14 -15.27
N PHE D 224 -22.86 -11.37 -14.22
CA PHE D 224 -22.43 -11.30 -12.84
C PHE D 224 -22.50 -12.66 -12.17
N SER D 225 -21.48 -12.99 -11.39
CA SER D 225 -21.43 -14.26 -10.67
C SER D 225 -21.68 -14.05 -9.19
N PRO D 226 -22.90 -14.34 -8.72
CA PRO D 226 -23.17 -14.16 -7.30
C PRO D 226 -22.17 -14.99 -6.49
N ASP D 227 -21.90 -14.56 -5.27
CA ASP D 227 -20.98 -15.25 -4.39
C ASP D 227 -21.41 -14.85 -2.99
N PHE D 228 -22.65 -15.20 -2.66
CA PHE D 228 -23.26 -14.85 -1.40
C PHE D 228 -23.45 -16.08 -0.52
N ALA D 229 -23.44 -15.86 0.78
CA ALA D 229 -23.62 -16.92 1.75
C ALA D 229 -24.66 -16.50 2.77
N THR D 230 -25.46 -17.45 3.20
CA THR D 230 -26.47 -17.18 4.22
C THR D 230 -26.47 -18.41 5.09
N VAL D 231 -26.54 -18.20 6.39
CA VAL D 231 -26.55 -19.32 7.30
C VAL D 231 -27.95 -19.44 7.86
N ILE D 232 -28.45 -20.67 7.88
CA ILE D 232 -29.78 -20.92 8.41
C ILE D 232 -29.54 -21.81 9.60
N THR D 233 -30.15 -21.47 10.73
CA THR D 233 -30.00 -22.27 11.94
C THR D 233 -31.28 -23.05 12.20
N MET D 234 -31.15 -24.17 12.88
CA MET D 234 -32.32 -25.00 13.16
C MET D 234 -32.23 -25.70 14.50
N ASP D 235 -33.32 -25.66 15.24
CA ASP D 235 -33.38 -26.30 16.55
C ASP D 235 -33.48 -27.82 16.37
N ARG D 236 -32.64 -28.56 17.09
CA ARG D 236 -32.65 -30.03 16.99
C ARG D 236 -33.94 -30.65 17.50
N LYS D 237 -34.66 -29.91 18.34
CA LYS D 237 -35.90 -30.38 18.92
C LYS D 237 -37.12 -29.94 18.12
N ALA D 238 -36.91 -29.11 17.09
CA ALA D 238 -38.01 -28.66 16.26
C ALA D 238 -38.73 -29.91 15.79
N SER D 239 -40.06 -29.89 15.86
CA SER D 239 -40.90 -31.02 15.46
C SER D 239 -40.72 -31.49 14.01
N LYS D 240 -40.68 -30.55 13.09
CA LYS D 240 -40.52 -30.85 11.66
C LYS D 240 -39.07 -30.58 11.24
N GLN D 241 -38.33 -31.63 10.93
CA GLN D 241 -36.92 -31.49 10.53
C GLN D 241 -36.70 -31.39 9.02
N GLN D 242 -37.69 -30.91 8.30
CA GLN D 242 -37.59 -30.71 6.86
C GLN D 242 -37.95 -29.25 6.61
N THR D 243 -37.12 -28.56 5.83
CA THR D 243 -37.36 -27.16 5.55
C THR D 243 -37.36 -26.87 4.06
N ASN D 244 -38.27 -26.00 3.63
CA ASN D 244 -38.32 -25.59 2.23
C ASN D 244 -37.73 -24.20 2.15
N ILE D 245 -37.02 -23.92 1.07
CA ILE D 245 -36.47 -22.60 0.90
C ILE D 245 -36.49 -22.27 -0.59
N ASP D 246 -37.05 -21.12 -0.91
CA ASP D 246 -37.16 -20.67 -2.29
C ASP D 246 -36.05 -19.69 -2.61
N VAL D 247 -35.45 -19.85 -3.78
CA VAL D 247 -34.35 -19.00 -4.20
C VAL D 247 -34.63 -18.30 -5.51
N ILE D 248 -34.52 -16.98 -5.49
CA ILE D 248 -34.75 -16.21 -6.70
C ILE D 248 -33.47 -15.61 -7.28
N TYR D 249 -33.25 -15.84 -8.57
CA TYR D 249 -32.15 -15.23 -9.28
C TYR D 249 -32.91 -14.28 -10.19
N GLU D 250 -32.48 -13.03 -10.23
CA GLU D 250 -33.21 -12.06 -11.02
C GLU D 250 -32.33 -11.08 -11.74
N ARG D 251 -32.86 -10.56 -12.85
CA ARG D 251 -32.17 -9.56 -13.65
C ARG D 251 -33.21 -8.50 -13.99
N VAL D 252 -32.88 -7.24 -13.69
CA VAL D 252 -33.76 -6.13 -13.99
C VAL D 252 -33.10 -5.40 -15.16
N ARG D 253 -33.83 -5.26 -16.27
CA ARG D 253 -33.27 -4.58 -17.44
C ARG D 253 -33.86 -3.21 -17.75
N ASP D 254 -32.99 -2.29 -18.11
CA ASP D 254 -33.42 -0.96 -18.48
C ASP D 254 -33.48 -0.93 -20.00
N ASP D 255 -34.12 0.09 -20.55
CA ASP D 255 -34.29 0.25 -21.99
C ASP D 255 -33.66 1.57 -22.40
N TYR D 256 -32.51 1.49 -23.08
CA TYR D 256 -31.78 2.66 -23.53
C TYR D 256 -31.99 2.86 -25.04
N GLN D 257 -32.66 3.96 -25.39
CA GLN D 257 -32.98 4.25 -26.79
C GLN D 257 -32.23 5.42 -27.40
N LEU D 258 -31.91 5.27 -28.68
CA LEU D 258 -31.20 6.30 -29.43
C LEU D 258 -31.98 6.71 -30.68
N HIS D 259 -32.18 8.01 -30.85
CA HIS D 259 -32.88 8.53 -32.01
C HIS D 259 -32.11 9.74 -32.54
N TRP D 260 -32.02 9.83 -33.86
CA TRP D 260 -31.32 10.91 -34.54
C TRP D 260 -32.23 12.13 -34.63
N THR D 261 -31.77 13.27 -34.11
CA THR D 261 -32.55 14.52 -34.13
C THR D 261 -32.36 15.34 -35.40
N SER D 262 -31.82 14.73 -36.45
CA SER D 262 -31.58 15.41 -37.71
C SER D 262 -30.27 16.21 -37.64
N THR D 263 -29.79 16.47 -36.42
CA THR D 263 -28.55 17.21 -36.24
C THR D 263 -27.55 16.43 -35.39
N ASN D 264 -28.07 15.60 -34.49
CA ASN D 264 -27.22 14.79 -33.62
C ASN D 264 -28.00 13.67 -32.96
N TRP D 265 -27.29 12.76 -32.29
CA TRP D 265 -27.93 11.64 -31.61
C TRP D 265 -28.40 12.06 -30.22
N LYS D 266 -29.54 11.54 -29.80
CA LYS D 266 -30.09 11.85 -28.48
C LYS D 266 -30.53 10.53 -27.82
N GLY D 267 -30.04 10.30 -26.61
CA GLY D 267 -30.36 9.07 -25.91
C GLY D 267 -31.35 9.16 -24.78
N THR D 268 -32.10 8.08 -24.60
CA THR D 268 -33.10 8.01 -23.54
C THR D 268 -33.01 6.68 -22.80
N ASN D 269 -33.24 6.73 -21.50
CA ASN D 269 -33.20 5.52 -20.70
C ASN D 269 -34.45 5.37 -19.86
N THR D 270 -35.09 4.21 -19.97
CA THR D 270 -36.30 3.92 -19.21
C THR D 270 -35.94 2.81 -18.23
N LYS D 271 -36.19 3.08 -16.95
CA LYS D 271 -35.88 2.15 -15.86
C LYS D 271 -36.78 0.95 -15.68
N ASP D 272 -36.18 -0.16 -15.27
CA ASP D 272 -36.89 -1.40 -14.97
C ASP D 272 -37.96 -1.77 -15.99
N LYS D 273 -37.61 -1.66 -17.26
CA LYS D 273 -38.52 -1.97 -18.35
C LYS D 273 -38.89 -3.45 -18.31
N TRP D 274 -37.90 -4.31 -18.12
CA TRP D 274 -38.15 -5.75 -18.09
C TRP D 274 -37.55 -6.39 -16.85
N THR D 275 -38.11 -7.52 -16.44
CA THR D 275 -37.59 -8.26 -15.29
C THR D 275 -37.64 -9.75 -15.56
N ASP D 276 -36.49 -10.40 -15.44
CA ASP D 276 -36.41 -11.83 -15.65
C ASP D 276 -36.23 -12.47 -14.25
N ARG D 277 -37.15 -13.34 -13.89
CA ARG D 277 -37.14 -14.02 -12.59
C ARG D 277 -37.09 -15.53 -12.71
N SER D 278 -36.11 -16.15 -12.05
CA SER D 278 -35.98 -17.61 -12.05
C SER D 278 -36.09 -18.07 -10.59
N SER D 279 -37.13 -18.83 -10.29
CA SER D 279 -37.36 -19.30 -8.95
C SER D 279 -37.12 -20.79 -8.85
N GLU D 280 -36.56 -21.21 -7.72
CA GLU D 280 -36.26 -22.60 -7.49
C GLU D 280 -36.50 -22.95 -6.03
N ARG D 281 -37.18 -24.06 -5.78
CA ARG D 281 -37.39 -24.47 -4.40
C ARG D 281 -36.45 -25.61 -4.06
N TYR D 282 -35.79 -25.49 -2.90
CA TYR D 282 -34.88 -26.52 -2.42
C TYR D 282 -35.50 -27.10 -1.18
N LYS D 283 -35.30 -28.39 -0.97
CA LYS D 283 -35.82 -29.06 0.21
C LYS D 283 -34.63 -29.36 1.12
N ILE D 284 -34.73 -28.91 2.38
CA ILE D 284 -33.66 -29.12 3.35
C ILE D 284 -34.07 -30.20 4.33
N ASP D 285 -33.27 -31.26 4.44
CA ASP D 285 -33.54 -32.34 5.36
C ASP D 285 -32.42 -32.30 6.40
N TRP D 286 -32.75 -31.80 7.60
CA TRP D 286 -31.76 -31.67 8.67
C TRP D 286 -31.37 -33.00 9.33
N GLU D 287 -32.10 -34.07 9.05
CA GLU D 287 -31.76 -35.36 9.65
C GLU D 287 -30.77 -36.08 8.76
N LYS D 288 -31.05 -36.14 7.46
CA LYS D 288 -30.14 -36.80 6.55
C LYS D 288 -29.07 -35.79 6.14
N GLU D 289 -29.27 -34.54 6.51
CA GLU D 289 -28.33 -33.49 6.17
C GLU D 289 -28.08 -33.50 4.67
N GLU D 290 -29.16 -33.30 3.92
CA GLU D 290 -29.08 -33.25 2.49
C GLU D 290 -29.99 -32.14 2.04
N MET D 291 -29.66 -31.54 0.90
CA MET D 291 -30.45 -30.48 0.34
C MET D 291 -30.68 -30.88 -1.12
N THR D 292 -31.94 -30.83 -1.57
CA THR D 292 -32.24 -31.22 -2.94
C THR D 292 -33.16 -30.23 -3.67
N ASN D 293 -33.24 -30.38 -4.99
CA ASN D 293 -34.09 -29.56 -5.83
C ASN D 293 -34.48 -30.40 -7.03
N ALA E 1 1.93 -6.38 21.66
CA ALA E 1 1.61 -7.83 21.52
C ALA E 1 2.63 -8.70 22.25
N ASP E 2 2.24 -9.95 22.50
CA ASP E 2 3.10 -10.90 23.20
C ASP E 2 4.55 -10.88 22.71
N SER E 3 4.74 -10.89 21.39
CA SER E 3 6.09 -10.90 20.81
C SER E 3 6.86 -9.64 21.14
N ASP E 4 6.16 -8.57 21.44
CA ASP E 4 6.80 -7.30 21.76
C ASP E 4 7.37 -7.29 23.18
N ILE E 5 6.93 -8.23 24.00
CA ILE E 5 7.43 -8.32 25.36
C ILE E 5 8.10 -9.67 25.61
N ASN E 6 8.76 -10.15 24.56
CA ASN E 6 9.50 -11.41 24.59
C ASN E 6 8.73 -12.65 25.03
N ILE E 7 7.42 -12.63 24.82
CA ILE E 7 6.59 -13.78 25.19
C ILE E 7 6.03 -14.49 23.96
N LYS E 8 6.08 -15.81 24.00
CA LYS E 8 5.60 -16.64 22.91
C LYS E 8 4.17 -16.24 22.56
N THR E 9 3.92 -16.06 21.27
CA THR E 9 2.61 -15.66 20.76
C THR E 9 1.48 -16.56 21.26
N GLY E 10 0.39 -15.95 21.71
CA GLY E 10 -0.75 -16.71 22.20
C GLY E 10 -0.65 -17.15 23.65
N THR E 11 0.56 -17.10 24.22
CA THR E 11 0.80 -17.51 25.59
C THR E 11 -0.22 -17.02 26.63
N THR E 12 -0.58 -15.74 26.57
CA THR E 12 -1.53 -15.20 27.55
C THR E 12 -2.99 -15.19 27.16
N ASP E 13 -3.35 -15.83 26.04
CA ASP E 13 -4.74 -15.85 25.63
C ASP E 13 -5.55 -16.87 26.43
N ILE E 14 -6.85 -16.61 26.49
CA ILE E 14 -7.80 -17.46 27.20
C ILE E 14 -8.45 -18.40 26.20
N GLY E 15 -8.83 -19.58 26.67
CA GLY E 15 -9.51 -20.51 25.79
C GLY E 15 -8.87 -21.85 25.56
N SER E 16 -7.56 -21.94 25.77
CA SER E 16 -6.84 -23.19 25.55
C SER E 16 -7.38 -24.34 26.41
N ASN E 17 -7.40 -25.54 25.84
CA ASN E 17 -7.86 -26.73 26.54
C ASN E 17 -9.22 -26.57 27.19
N THR E 18 -10.13 -25.92 26.48
CA THR E 18 -11.45 -25.70 27.02
C THR E 18 -12.52 -26.03 26.00
N THR E 19 -13.56 -26.73 26.43
CA THR E 19 -14.67 -27.05 25.55
C THR E 19 -15.55 -25.83 25.61
N VAL E 20 -15.68 -25.14 24.50
CA VAL E 20 -16.50 -23.93 24.43
C VAL E 20 -17.94 -24.26 24.02
N LYS E 21 -18.90 -23.69 24.73
CA LYS E 21 -20.31 -23.91 24.43
C LYS E 21 -20.85 -22.67 23.73
N THR E 22 -21.28 -22.85 22.48
CA THR E 22 -21.78 -21.73 21.71
C THR E 22 -23.23 -21.88 21.32
N GLY E 23 -23.83 -20.77 20.92
CA GLY E 23 -25.22 -20.79 20.53
C GLY E 23 -25.65 -19.61 19.67
N ASP E 24 -26.76 -19.81 18.98
CA ASP E 24 -27.34 -18.81 18.10
C ASP E 24 -28.79 -18.59 18.53
N LEU E 25 -29.20 -17.34 18.62
CA LEU E 25 -30.56 -16.99 19.02
C LEU E 25 -31.00 -15.85 18.11
N VAL E 26 -32.04 -16.08 17.30
CA VAL E 26 -32.52 -15.08 16.36
C VAL E 26 -33.92 -14.56 16.66
N THR E 27 -34.08 -13.25 16.51
CA THR E 27 -35.35 -12.59 16.76
C THR E 27 -35.64 -11.51 15.72
N TYR E 28 -36.78 -11.61 15.05
CA TYR E 28 -37.11 -10.58 14.09
C TYR E 28 -38.23 -9.71 14.64
N ASP E 29 -37.98 -8.40 14.67
CA ASP E 29 -38.97 -7.43 15.14
C ASP E 29 -39.57 -6.75 13.91
N LYS E 30 -40.75 -7.22 13.51
CA LYS E 30 -41.47 -6.71 12.34
C LYS E 30 -41.79 -5.22 12.45
N GLU E 31 -42.43 -4.85 13.55
CA GLU E 31 -42.82 -3.47 13.79
C GLU E 31 -41.66 -2.48 13.65
N ASN E 32 -40.48 -2.88 14.14
CA ASN E 32 -39.30 -2.03 14.06
C ASN E 32 -38.38 -2.42 12.90
N GLY E 33 -38.71 -3.49 12.19
CA GLY E 33 -37.87 -3.90 11.07
C GLY E 33 -36.43 -4.20 11.50
N MET E 34 -36.28 -5.09 12.48
CA MET E 34 -34.96 -5.45 12.97
C MET E 34 -34.74 -6.94 13.10
N HIS E 35 -33.70 -7.43 12.43
CA HIS E 35 -33.32 -8.83 12.48
C HIS E 35 -32.24 -8.85 13.57
N LYS E 36 -32.58 -9.42 14.72
CA LYS E 36 -31.66 -9.44 15.84
C LYS E 36 -31.10 -10.82 16.06
N LYS E 37 -29.77 -10.89 16.12
CA LYS E 37 -29.12 -12.17 16.30
C LYS E 37 -28.00 -12.10 17.32
N VAL E 38 -28.07 -13.01 18.27
CA VAL E 38 -27.05 -13.11 19.30
C VAL E 38 -26.25 -14.39 19.06
N PHE E 39 -24.94 -14.25 19.00
CA PHE E 39 -24.09 -15.41 18.85
C PHE E 39 -23.25 -15.39 20.12
N TYR E 40 -23.44 -16.38 20.98
CA TYR E 40 -22.73 -16.40 22.24
C TYR E 40 -21.74 -17.55 22.36
N SER E 41 -20.80 -17.39 23.29
CA SER E 41 -19.79 -18.40 23.56
C SER E 41 -19.42 -18.40 25.03
N PHE E 42 -19.60 -19.55 25.68
CA PHE E 42 -19.24 -19.70 27.08
C PHE E 42 -17.85 -20.30 27.09
N ILE E 43 -16.91 -19.59 27.70
CA ILE E 43 -15.55 -20.06 27.79
C ILE E 43 -15.20 -20.19 29.27
N ASP E 44 -15.26 -21.43 29.78
CA ASP E 44 -14.94 -21.69 31.17
C ASP E 44 -13.55 -22.31 31.25
N ASP E 45 -12.54 -21.46 31.05
CA ASP E 45 -11.15 -21.88 31.11
C ASP E 45 -10.70 -21.93 32.57
N LYS E 46 -10.31 -23.11 33.04
CA LYS E 46 -9.93 -23.30 34.44
C LYS E 46 -8.65 -22.63 34.93
N ASN E 47 -7.84 -22.13 34.00
CA ASN E 47 -6.62 -21.45 34.38
C ASN E 47 -6.90 -19.94 34.38
N HIS E 48 -8.16 -19.58 34.17
CA HIS E 48 -8.61 -18.18 34.19
C HIS E 48 -9.43 -18.02 35.47
N ASN E 49 -9.32 -16.86 36.12
CA ASN E 49 -10.03 -16.65 37.39
C ASN E 49 -11.54 -16.47 37.28
N LYS E 50 -12.09 -16.56 36.07
CA LYS E 50 -13.53 -16.41 35.91
C LYS E 50 -14.10 -17.08 34.66
N LYS E 51 -15.40 -17.30 34.69
CA LYS E 51 -16.07 -17.87 33.53
C LYS E 51 -16.29 -16.68 32.60
N LEU E 52 -16.32 -16.92 31.30
CA LEU E 52 -16.56 -15.84 30.36
C LEU E 52 -17.70 -16.20 29.42
N LEU E 53 -18.38 -15.17 28.97
CA LEU E 53 -19.46 -15.31 28.01
C LEU E 53 -19.14 -14.23 27.00
N VAL E 54 -18.99 -14.61 25.74
CA VAL E 54 -18.72 -13.64 24.70
C VAL E 54 -20.04 -13.53 23.98
N ILE E 55 -20.59 -12.32 23.93
CA ILE E 55 -21.86 -12.09 23.29
C ILE E 55 -21.66 -11.23 22.06
N ARG E 56 -21.86 -11.80 20.88
CA ARG E 56 -21.73 -11.05 19.63
C ARG E 56 -23.14 -10.70 19.14
N THR E 57 -23.41 -9.39 19.06
CA THR E 57 -24.70 -8.88 18.60
C THR E 57 -24.61 -8.54 17.13
N LYS E 58 -25.31 -9.32 16.30
CA LYS E 58 -25.27 -9.10 14.87
C LYS E 58 -26.67 -8.83 14.32
N GLY E 59 -27.02 -9.44 13.19
CA GLY E 59 -28.33 -9.19 12.63
C GLY E 59 -28.26 -7.97 11.73
N THR E 60 -29.39 -7.35 11.48
CA THR E 60 -29.43 -6.16 10.62
C THR E 60 -30.60 -5.24 10.97
N ILE E 61 -30.29 -3.96 11.11
CA ILE E 61 -31.31 -2.96 11.40
C ILE E 61 -31.63 -2.26 10.07
N ALA E 62 -32.86 -2.41 9.59
CA ALA E 62 -33.25 -1.81 8.33
C ALA E 62 -33.09 -0.28 8.41
N GLY E 63 -32.67 0.33 7.30
CA GLY E 63 -32.49 1.77 7.27
C GLY E 63 -33.83 2.46 7.26
N GLN E 64 -34.68 2.07 6.31
CA GLN E 64 -36.03 2.62 6.18
C GLN E 64 -36.10 4.08 5.77
N TYR E 65 -35.25 4.44 4.80
CA TYR E 65 -35.19 5.77 4.22
C TYR E 65 -36.42 5.86 3.31
N ARG E 66 -37.41 6.65 3.70
CA ARG E 66 -38.62 6.76 2.89
C ARG E 66 -39.51 7.98 3.16
N VAL E 67 -40.26 8.38 2.14
CA VAL E 67 -41.18 9.52 2.25
C VAL E 67 -42.34 9.10 3.13
N TYR E 68 -42.48 9.73 4.29
CA TYR E 68 -43.53 9.39 5.24
C TYR E 68 -44.73 10.33 5.18
N SER E 69 -44.54 11.51 4.59
CA SER E 69 -45.63 12.48 4.51
C SER E 69 -45.58 13.35 3.27
N GLU E 70 -46.73 13.88 2.88
CA GLU E 70 -46.82 14.75 1.72
C GLU E 70 -48.11 15.56 1.74
N GLU E 71 -47.98 16.87 1.91
CA GLU E 71 -49.13 17.76 1.93
C GLU E 71 -49.18 18.54 0.62
N GLY E 72 -50.09 18.16 -0.26
CA GLY E 72 -50.19 18.83 -1.54
C GLY E 72 -49.09 18.27 -2.44
N ALA E 73 -48.39 19.15 -3.14
CA ALA E 73 -47.33 18.71 -4.03
C ALA E 73 -46.07 19.56 -3.87
N ASN E 74 -46.14 20.57 -3.01
CA ASN E 74 -44.99 21.43 -2.78
C ASN E 74 -44.38 21.20 -1.41
N LYS E 75 -44.89 20.21 -0.69
CA LYS E 75 -44.40 19.93 0.65
C LYS E 75 -44.36 18.43 0.91
N SER E 76 -43.22 17.94 1.41
CA SER E 76 -43.08 16.52 1.68
C SER E 76 -41.95 16.25 2.68
N GLY E 77 -42.09 15.15 3.43
CA GLY E 77 -41.08 14.79 4.42
C GLY E 77 -40.51 13.40 4.22
N LEU E 78 -39.22 13.25 4.56
CA LEU E 78 -38.51 11.99 4.43
C LEU E 78 -37.92 11.53 5.76
N ALA E 79 -38.28 10.32 6.17
CA ALA E 79 -37.73 9.78 7.41
C ALA E 79 -36.46 9.01 7.04
N TRP E 80 -35.34 9.34 7.67
CA TRP E 80 -34.09 8.65 7.42
C TRP E 80 -33.35 8.31 8.72
N PRO E 81 -32.53 7.25 8.70
CA PRO E 81 -31.79 6.84 9.89
C PRO E 81 -30.52 7.64 10.17
N SER E 82 -30.55 8.42 11.25
CA SER E 82 -29.38 9.21 11.61
C SER E 82 -28.53 8.45 12.63
N ALA E 83 -29.10 7.40 13.22
CA ALA E 83 -28.34 6.63 14.19
C ALA E 83 -28.86 5.21 14.34
N PHE E 84 -27.91 4.28 14.48
CA PHE E 84 -28.21 2.88 14.67
C PHE E 84 -27.55 2.55 16.00
N LYS E 85 -28.26 1.89 16.91
CA LYS E 85 -27.65 1.58 18.19
C LYS E 85 -27.93 0.17 18.70
N VAL E 86 -26.95 -0.34 19.43
CA VAL E 86 -27.02 -1.65 20.05
C VAL E 86 -26.51 -1.45 21.47
N GLN E 87 -27.29 -1.90 22.44
CA GLN E 87 -26.92 -1.78 23.84
C GLN E 87 -27.21 -3.04 24.63
N LEU E 88 -26.35 -3.32 25.59
CA LEU E 88 -26.53 -4.46 26.45
C LEU E 88 -26.53 -3.93 27.88
N GLN E 89 -27.43 -4.44 28.70
CA GLN E 89 -27.49 -3.97 30.06
C GLN E 89 -27.76 -5.07 31.06
N LEU E 90 -26.89 -5.16 32.06
CA LEU E 90 -27.04 -6.15 33.12
C LEU E 90 -27.76 -5.44 34.27
N PRO E 91 -28.69 -6.14 34.94
CA PRO E 91 -29.41 -5.52 36.06
C PRO E 91 -28.45 -5.16 37.19
N ASP E 92 -28.80 -4.11 37.95
CA ASP E 92 -27.96 -3.65 39.04
C ASP E 92 -27.73 -4.69 40.15
N ASN E 93 -28.65 -5.65 40.29
CA ASN E 93 -28.48 -6.68 41.30
C ASN E 93 -27.70 -7.89 40.77
N GLU E 94 -27.10 -7.76 39.59
CA GLU E 94 -26.33 -8.84 39.01
C GLU E 94 -24.88 -8.78 39.48
N VAL E 95 -24.27 -9.94 39.70
CA VAL E 95 -22.88 -10.03 40.14
C VAL E 95 -21.96 -10.19 38.93
N ALA E 96 -22.52 -10.56 37.79
CA ALA E 96 -21.73 -10.70 36.56
C ALA E 96 -21.34 -9.29 36.10
N GLN E 97 -20.19 -9.16 35.45
CA GLN E 97 -19.73 -7.86 34.99
C GLN E 97 -19.34 -7.80 33.51
N ILE E 98 -19.42 -6.59 32.95
CA ILE E 98 -19.01 -6.36 31.57
C ILE E 98 -17.52 -6.07 31.72
N SER E 99 -16.72 -6.94 31.10
CA SER E 99 -15.27 -6.88 31.19
C SER E 99 -14.53 -6.31 30.00
N ASP E 100 -15.05 -6.56 28.81
CA ASP E 100 -14.41 -6.04 27.60
C ASP E 100 -15.48 -5.87 26.51
N TYR E 101 -15.07 -5.39 25.35
CA TYR E 101 -15.99 -5.14 24.26
C TYR E 101 -15.19 -4.76 23.04
N TYR E 102 -15.78 -4.92 21.86
CA TYR E 102 -15.10 -4.60 20.62
C TYR E 102 -16.11 -4.43 19.50
N PRO E 103 -15.92 -3.44 18.62
CA PRO E 103 -14.83 -2.46 18.59
C PRO E 103 -14.88 -1.38 19.66
N ARG E 104 -13.86 -0.51 19.64
CA ARG E 104 -13.75 0.60 20.57
C ARG E 104 -13.49 1.88 19.74
N ASN E 105 -13.29 3.01 20.40
CA ASN E 105 -13.05 4.23 19.65
C ASN E 105 -11.61 4.37 19.16
N SER E 106 -11.47 4.58 17.86
CA SER E 106 -10.14 4.75 17.27
C SER E 106 -9.79 6.22 17.27
N ILE E 107 -8.50 6.51 17.31
CA ILE E 107 -8.06 7.87 17.29
C ILE E 107 -7.99 8.27 15.83
N ASP E 108 -8.72 9.32 15.46
CA ASP E 108 -8.73 9.79 14.09
C ASP E 108 -7.43 10.54 13.78
N THR E 109 -7.03 10.55 12.52
CA THR E 109 -5.80 11.24 12.12
C THR E 109 -6.11 12.16 10.94
N LYS E 110 -5.13 13.00 10.62
CA LYS E 110 -5.28 13.94 9.52
C LYS E 110 -3.89 14.12 8.97
N GLU E 111 -3.77 14.41 7.68
CA GLU E 111 -2.46 14.62 7.10
C GLU E 111 -2.31 16.11 6.83
N TYR E 112 -1.10 16.62 7.02
CA TYR E 112 -0.85 18.02 6.81
C TYR E 112 0.21 18.22 5.76
N ASN E 113 -0.05 19.14 4.82
CA ASN E 113 0.90 19.45 3.75
C ASN E 113 1.18 20.95 3.79
N SER E 114 2.41 21.29 4.09
CA SER E 114 2.82 22.69 4.16
C SER E 114 3.64 23.03 2.93
N THR E 115 3.23 24.08 2.22
CA THR E 115 3.92 24.48 1.00
C THR E 115 4.40 25.92 0.96
N LEU E 116 5.69 26.09 0.75
CA LEU E 116 6.29 27.42 0.64
C LEU E 116 7.07 27.47 -0.67
N THR E 117 6.80 28.47 -1.48
CA THR E 117 7.46 28.58 -2.78
C THR E 117 7.83 30.02 -3.20
N TYR E 118 9.09 30.18 -3.62
CA TYR E 118 9.63 31.48 -4.08
C TYR E 118 9.77 31.47 -5.59
N GLY E 119 9.74 32.65 -6.20
CA GLY E 119 9.89 32.73 -7.64
C GLY E 119 10.13 34.12 -8.19
N PHE E 120 10.97 34.21 -9.22
CA PHE E 120 11.28 35.47 -9.88
C PHE E 120 11.24 35.25 -11.39
N ASN E 121 11.20 36.33 -12.16
CA ASN E 121 11.14 36.22 -13.61
C ASN E 121 11.54 37.49 -14.36
N GLY E 122 12.22 37.31 -15.50
CA GLY E 122 12.64 38.44 -16.31
C GLY E 122 11.73 38.57 -17.51
N ASN E 123 11.64 39.77 -18.07
CA ASN E 123 10.78 40.00 -19.22
C ASN E 123 11.30 41.12 -20.12
N VAL E 124 11.08 40.97 -21.42
CA VAL E 124 11.53 41.96 -22.41
C VAL E 124 10.49 42.06 -23.53
N THR E 125 9.91 43.25 -23.69
CA THR E 125 8.91 43.48 -24.73
C THR E 125 9.50 44.33 -25.84
N GLY E 126 8.81 44.42 -26.97
CA GLY E 126 9.28 45.21 -28.09
C GLY E 126 8.23 45.34 -29.17
N ASP E 127 8.36 46.37 -30.00
CA ASP E 127 7.42 46.61 -31.08
C ASP E 127 8.11 46.97 -32.40
N ASP E 128 7.33 47.10 -33.46
CA ASP E 128 7.87 47.45 -34.77
C ASP E 128 8.54 48.81 -34.72
N THR E 129 8.04 49.68 -33.83
CA THR E 129 8.61 51.02 -33.68
C THR E 129 9.86 50.96 -32.81
N GLY E 130 10.49 49.79 -32.78
CA GLY E 130 11.71 49.58 -32.01
C GLY E 130 11.74 49.97 -30.54
N LYS E 131 10.61 49.86 -29.85
CA LYS E 131 10.57 50.21 -28.44
C LYS E 131 10.99 49.06 -27.54
N ILE E 132 12.12 49.23 -26.84
CA ILE E 132 12.63 48.21 -25.93
C ILE E 132 12.15 48.50 -24.51
N GLY E 133 11.69 47.46 -23.81
CA GLY E 133 11.22 47.65 -22.45
C GLY E 133 11.19 46.36 -21.66
N GLY E 134 12.01 46.29 -20.61
CA GLY E 134 12.07 45.08 -19.80
C GLY E 134 11.22 45.08 -18.54
N LEU E 135 11.01 43.89 -17.99
CA LEU E 135 10.21 43.74 -16.77
C LEU E 135 10.76 42.67 -15.84
N ILE E 136 11.12 43.07 -14.62
CA ILE E 136 11.63 42.15 -13.62
C ILE E 136 10.60 42.02 -12.51
N GLY E 137 10.32 40.78 -12.09
CA GLY E 137 9.34 40.57 -11.05
C GLY E 137 9.63 39.36 -10.18
N ALA E 138 9.01 39.33 -8.99
CA ALA E 138 9.19 38.23 -8.05
C ALA E 138 7.85 37.81 -7.46
N ASN E 139 7.88 36.86 -6.53
CA ASN E 139 6.67 36.37 -5.87
C ASN E 139 6.94 35.27 -4.85
N VAL E 140 6.04 35.15 -3.88
CA VAL E 140 6.12 34.14 -2.82
C VAL E 140 4.70 33.66 -2.59
N SER E 141 4.54 32.56 -1.85
CA SER E 141 3.21 32.06 -1.56
C SER E 141 3.26 30.99 -0.49
N ILE E 142 2.42 31.13 0.52
CA ILE E 142 2.36 30.17 1.61
C ILE E 142 1.07 29.38 1.40
N GLY E 143 1.19 28.07 1.36
CA GLY E 143 0.02 27.23 1.17
C GLY E 143 -0.11 26.17 2.23
N HIS E 144 -1.33 25.71 2.45
CA HIS E 144 -1.57 24.69 3.45
C HIS E 144 -2.67 23.76 2.95
N THR E 145 -2.38 22.47 2.85
CA THR E 145 -3.41 21.54 2.44
C THR E 145 -3.64 20.58 3.60
N LEU E 146 -4.91 20.40 3.96
CA LEU E 146 -5.28 19.53 5.05
C LEU E 146 -5.95 18.31 4.45
N LYS E 147 -5.61 17.12 4.94
CA LYS E 147 -6.20 15.90 4.40
C LYS E 147 -6.67 14.92 5.46
N TYR E 148 -7.88 14.39 5.27
CA TYR E 148 -8.46 13.41 6.18
C TYR E 148 -9.66 12.69 5.56
N VAL E 149 -9.92 11.47 6.04
CA VAL E 149 -11.02 10.65 5.55
C VAL E 149 -12.28 10.90 6.36
N GLN E 150 -13.43 10.86 5.67
CA GLN E 150 -14.73 11.07 6.30
C GLN E 150 -15.72 9.97 5.98
N PRO E 151 -15.94 9.05 6.95
CA PRO E 151 -16.89 7.94 6.74
C PRO E 151 -18.34 8.45 6.75
N ASP E 152 -19.20 7.86 5.93
CA ASP E 152 -20.60 8.28 5.86
C ASP E 152 -21.22 8.19 7.24
N PHE E 153 -20.81 7.17 8.00
CA PHE E 153 -21.29 6.96 9.37
C PHE E 153 -20.06 6.67 10.24
N LYS E 154 -20.11 7.06 11.50
CA LYS E 154 -19.00 6.78 12.42
C LYS E 154 -19.50 5.70 13.36
N THR E 155 -18.65 4.74 13.68
CA THR E 155 -19.02 3.68 14.61
C THR E 155 -18.41 4.05 15.96
N ILE E 156 -19.28 4.28 16.94
CA ILE E 156 -18.81 4.70 18.24
C ILE E 156 -19.18 3.84 19.42
N LEU E 157 -18.19 3.52 20.23
CA LEU E 157 -18.41 2.76 21.44
C LEU E 157 -18.79 3.79 22.51
N GLU E 158 -19.98 3.65 23.08
CA GLU E 158 -20.43 4.59 24.09
C GLU E 158 -19.76 4.25 25.42
N SER E 159 -19.59 5.24 26.28
CA SER E 159 -18.96 5.03 27.59
C SER E 159 -19.61 3.88 28.33
N PRO E 160 -18.85 2.79 28.55
CA PRO E 160 -19.44 1.67 29.27
C PRO E 160 -19.18 1.68 30.77
N THR E 161 -19.93 0.86 31.49
CA THR E 161 -19.74 0.72 32.92
C THR E 161 -19.54 -0.79 33.07
N ASP E 162 -19.69 -1.32 34.28
CA ASP E 162 -19.52 -2.75 34.49
C ASP E 162 -20.85 -3.46 34.35
N LYS E 163 -21.89 -2.69 34.07
CA LYS E 163 -23.23 -3.24 33.89
C LYS E 163 -23.88 -2.85 32.55
N LYS E 164 -23.31 -1.85 31.88
CA LYS E 164 -23.89 -1.41 30.61
C LYS E 164 -22.85 -1.00 29.56
N VAL E 165 -23.15 -1.33 28.31
CA VAL E 165 -22.27 -1.03 27.19
C VAL E 165 -23.15 -0.87 25.95
N GLY E 166 -22.69 -0.05 25.01
CA GLY E 166 -23.45 0.16 23.81
C GLY E 166 -22.61 0.76 22.71
N TRP E 167 -23.16 0.76 21.50
CA TRP E 167 -22.50 1.30 20.33
C TRP E 167 -23.53 2.13 19.60
N LYS E 168 -23.05 3.13 18.87
CA LYS E 168 -23.93 3.94 18.05
C LYS E 168 -23.19 4.21 16.76
N VAL E 169 -23.86 3.92 15.65
CA VAL E 169 -23.33 4.14 14.33
C VAL E 169 -24.18 5.31 13.88
N ILE E 170 -23.55 6.48 13.83
CA ILE E 170 -24.25 7.72 13.50
C ILE E 170 -23.92 8.31 12.16
N PHE E 171 -24.93 8.94 11.55
CA PHE E 171 -24.71 9.59 10.27
C PHE E 171 -23.71 10.70 10.53
N ASN E 172 -22.70 10.78 9.66
CA ASN E 172 -21.64 11.78 9.78
C ASN E 172 -21.85 12.86 8.72
N ASN E 173 -21.60 12.50 7.47
CA ASN E 173 -21.82 13.40 6.35
C ASN E 173 -21.93 12.54 5.09
N MET E 174 -22.47 13.11 4.03
CA MET E 174 -22.64 12.34 2.80
C MET E 174 -22.57 13.20 1.56
N VAL E 175 -22.06 12.58 0.49
CA VAL E 175 -21.93 13.24 -0.80
C VAL E 175 -23.25 13.08 -1.56
N ASN E 176 -23.78 14.20 -2.04
CA ASN E 176 -25.03 14.20 -2.80
C ASN E 176 -24.75 14.54 -4.26
N GLN E 177 -24.81 13.52 -5.11
CA GLN E 177 -24.57 13.68 -6.54
C GLN E 177 -23.34 14.55 -6.82
N ASN E 178 -22.21 14.15 -6.24
CA ASN E 178 -20.93 14.85 -6.42
C ASN E 178 -20.73 16.14 -5.62
N TRP E 179 -21.81 16.72 -5.09
CA TRP E 179 -21.71 17.96 -4.33
C TRP E 179 -21.64 17.68 -2.84
N GLY E 180 -21.31 18.71 -2.07
CA GLY E 180 -21.22 18.57 -0.63
C GLY E 180 -19.81 18.39 -0.11
N PRO E 181 -19.61 17.48 0.85
CA PRO E 181 -20.67 16.66 1.45
C PRO E 181 -21.59 17.44 2.38
N TYR E 182 -22.79 16.91 2.59
CA TYR E 182 -23.77 17.56 3.45
C TYR E 182 -23.95 16.76 4.74
N ASP E 183 -24.45 17.42 5.77
CA ASP E 183 -24.69 16.74 7.04
C ASP E 183 -26.00 17.25 7.63
N ARG E 184 -26.30 16.86 8.86
CA ARG E 184 -27.55 17.27 9.50
C ARG E 184 -27.71 18.76 9.76
N ASP E 185 -26.62 19.53 9.68
CA ASP E 185 -26.69 20.96 9.94
C ASP E 185 -26.43 21.86 8.74
N SER E 186 -26.06 21.25 7.61
CA SER E 186 -25.78 22.01 6.40
C SER E 186 -26.91 22.99 6.11
N TRP E 187 -26.53 24.22 5.79
CA TRP E 187 -27.54 25.22 5.47
C TRP E 187 -27.09 26.23 4.44
N ASN E 188 -27.95 26.41 3.46
CA ASN E 188 -27.72 27.34 2.35
C ASN E 188 -28.96 28.23 2.43
N PRO E 189 -28.78 29.55 2.35
CA PRO E 189 -29.88 30.52 2.42
C PRO E 189 -30.99 30.30 1.41
N VAL E 190 -30.62 29.94 0.18
CA VAL E 190 -31.58 29.71 -0.89
C VAL E 190 -32.21 28.31 -0.91
N TYR E 191 -31.38 27.29 -0.71
CA TYR E 191 -31.85 25.90 -0.75
C TYR E 191 -31.98 25.21 0.61
N GLY E 192 -31.55 25.86 1.67
CA GLY E 192 -31.62 25.27 2.99
C GLY E 192 -30.64 24.11 3.08
N ASN E 193 -31.04 23.02 3.71
CA ASN E 193 -30.20 21.83 3.83
C ASN E 193 -30.50 20.96 2.62
N GLN E 194 -29.50 20.74 1.76
CA GLN E 194 -29.67 19.97 0.55
C GLN E 194 -29.28 18.50 0.69
N LEU E 195 -29.18 18.02 1.92
CA LEU E 195 -28.79 16.63 2.17
C LEU E 195 -29.41 15.60 1.21
N PHE E 196 -30.73 15.49 1.18
CA PHE E 196 -31.37 14.53 0.29
C PHE E 196 -32.23 15.14 -0.81
N MET E 197 -31.83 16.33 -1.26
CA MET E 197 -32.53 17.04 -2.32
C MET E 197 -32.07 16.49 -3.66
N LYS E 198 -33.01 16.06 -4.49
CA LYS E 198 -32.64 15.53 -5.80
C LYS E 198 -32.32 16.67 -6.77
N THR E 199 -33.24 17.62 -6.93
CA THR E 199 -33.02 18.76 -7.82
C THR E 199 -33.27 20.06 -7.07
N ARG E 200 -32.71 21.15 -7.59
CA ARG E 200 -32.88 22.45 -6.96
C ARG E 200 -34.09 23.20 -7.50
N ASN E 201 -34.42 23.00 -8.77
CA ASN E 201 -35.55 23.69 -9.40
C ASN E 201 -36.49 22.78 -10.18
N GLY E 202 -36.47 21.48 -9.91
CA GLY E 202 -37.34 20.56 -10.60
C GLY E 202 -38.81 20.86 -10.45
N SER E 203 -39.59 20.59 -11.51
CA SER E 203 -41.02 20.86 -11.49
C SER E 203 -41.88 19.70 -10.99
N MET E 204 -41.25 18.63 -10.52
CA MET E 204 -42.00 17.49 -10.01
C MET E 204 -42.53 17.81 -8.63
N LYS E 205 -43.36 16.91 -8.09
CA LYS E 205 -43.91 17.12 -6.77
C LYS E 205 -42.81 16.80 -5.75
N ALA E 206 -42.98 17.33 -4.54
CA ALA E 206 -42.02 17.16 -3.46
C ALA E 206 -41.61 15.70 -3.19
N ALA E 207 -42.60 14.82 -3.08
CA ALA E 207 -42.31 13.41 -2.80
C ALA E 207 -41.41 12.77 -3.85
N ASP E 208 -41.30 13.40 -5.02
CA ASP E 208 -40.47 12.87 -6.09
C ASP E 208 -39.14 13.57 -6.19
N ASN E 209 -38.86 14.51 -5.29
CA ASN E 209 -37.60 15.22 -5.39
C ASN E 209 -36.60 14.85 -4.29
N PHE E 210 -36.67 13.61 -3.83
CA PHE E 210 -35.76 13.13 -2.82
C PHE E 210 -34.71 12.26 -3.48
N LEU E 211 -33.47 12.38 -3.03
CA LEU E 211 -32.38 11.60 -3.59
C LEU E 211 -32.76 10.13 -3.64
N ASP E 212 -32.42 9.48 -4.74
CA ASP E 212 -32.71 8.05 -4.88
C ASP E 212 -31.85 7.29 -3.88
N PRO E 213 -32.45 6.39 -3.10
CA PRO E 213 -31.67 5.62 -2.13
C PRO E 213 -30.43 4.93 -2.71
N ASN E 214 -30.53 4.45 -3.94
CA ASN E 214 -29.41 3.80 -4.61
C ASN E 214 -28.22 4.76 -4.73
N LYS E 215 -28.51 6.05 -4.78
CA LYS E 215 -27.46 7.06 -4.92
C LYS E 215 -27.01 7.65 -3.60
N ALA E 216 -27.44 7.06 -2.49
CA ALA E 216 -27.03 7.53 -1.17
C ALA E 216 -26.43 6.34 -0.44
N SER E 217 -25.94 6.57 0.78
CA SER E 217 -25.35 5.50 1.57
C SER E 217 -26.33 4.33 1.72
N SER E 218 -25.84 3.12 1.48
CA SER E 218 -26.70 1.94 1.57
C SER E 218 -27.24 1.70 2.98
N LEU E 219 -26.65 2.30 4.00
CA LEU E 219 -27.16 2.12 5.35
C LEU E 219 -28.50 2.82 5.53
N LEU E 220 -28.68 3.93 4.83
CA LEU E 220 -29.91 4.71 4.91
C LEU E 220 -31.18 3.92 4.59
N SER E 221 -31.10 3.00 3.63
CA SER E 221 -32.27 2.22 3.25
C SER E 221 -32.17 0.74 3.60
N SER E 222 -31.34 -0.01 2.88
CA SER E 222 -31.18 -1.42 3.15
C SER E 222 -30.78 -1.68 4.61
N GLY E 223 -29.93 -0.83 5.17
CA GLY E 223 -29.59 -1.00 6.57
C GLY E 223 -28.18 -1.31 7.02
N PHE E 224 -28.03 -1.34 8.34
CA PHE E 224 -26.77 -1.58 9.03
C PHE E 224 -26.76 -2.91 9.79
N SER E 225 -25.69 -3.68 9.62
CA SER E 225 -25.55 -4.98 10.28
C SER E 225 -24.52 -4.85 11.39
N PRO E 226 -24.98 -4.81 12.66
CA PRO E 226 -24.03 -4.70 13.77
C PRO E 226 -23.11 -5.92 13.81
N ASP E 227 -21.92 -5.72 14.34
CA ASP E 227 -20.96 -6.79 14.49
C ASP E 227 -20.13 -6.38 15.68
N PHE E 228 -20.78 -6.31 16.84
CA PHE E 228 -20.15 -5.90 18.08
C PHE E 228 -20.03 -7.09 19.02
N ALA E 229 -19.00 -7.08 19.85
CA ALA E 229 -18.75 -8.16 20.80
C ALA E 229 -18.67 -7.60 22.21
N THR E 230 -19.32 -8.32 23.13
CA THR E 230 -19.32 -7.95 24.54
C THR E 230 -18.81 -9.14 25.33
N VAL E 231 -17.94 -8.87 26.29
CA VAL E 231 -17.39 -9.92 27.14
C VAL E 231 -17.89 -9.72 28.57
N ILE E 232 -18.53 -10.75 29.11
CA ILE E 232 -19.03 -10.69 30.47
C ILE E 232 -18.32 -11.75 31.33
N THR E 233 -17.84 -11.34 32.49
CA THR E 233 -17.15 -12.24 33.40
C THR E 233 -18.04 -12.61 34.58
N MET E 234 -17.89 -13.84 35.06
CA MET E 234 -18.68 -14.30 36.19
C MET E 234 -17.81 -15.08 37.15
N ASP E 235 -17.97 -14.79 38.44
CA ASP E 235 -17.21 -15.47 39.47
C ASP E 235 -17.80 -16.87 39.66
N ARG E 236 -16.96 -17.90 39.64
CA ARG E 236 -17.46 -19.25 39.81
C ARG E 236 -18.07 -19.52 41.18
N LYS E 237 -17.82 -18.62 42.13
CA LYS E 237 -18.35 -18.79 43.48
C LYS E 237 -19.55 -17.91 43.79
N ALA E 238 -19.98 -17.11 42.82
CA ALA E 238 -21.13 -16.25 43.05
C ALA E 238 -22.32 -17.15 43.39
N SER E 239 -23.07 -16.77 44.41
CA SER E 239 -24.23 -17.54 44.84
C SER E 239 -25.19 -17.80 43.69
N LYS E 240 -25.42 -16.75 42.89
CA LYS E 240 -26.33 -16.81 41.75
C LYS E 240 -25.56 -17.03 40.46
N GLN E 241 -25.87 -18.11 39.76
CA GLN E 241 -25.22 -18.44 38.50
C GLN E 241 -26.18 -18.28 37.33
N GLN E 242 -27.08 -17.31 37.47
CA GLN E 242 -28.04 -16.98 36.43
C GLN E 242 -28.06 -15.47 36.32
N THR E 243 -27.93 -14.98 35.10
CA THR E 243 -27.90 -13.56 34.86
C THR E 243 -28.88 -13.16 33.77
N ASN E 244 -29.55 -12.03 33.95
CA ASN E 244 -30.46 -11.56 32.93
C ASN E 244 -29.74 -10.41 32.29
N ILE E 245 -29.97 -10.23 31.01
CA ILE E 245 -29.34 -9.14 30.30
C ILE E 245 -30.32 -8.70 29.25
N ASP E 246 -30.43 -7.38 29.09
CA ASP E 246 -31.33 -6.80 28.11
C ASP E 246 -30.50 -6.24 26.98
N VAL E 247 -30.88 -6.61 25.76
CA VAL E 247 -30.19 -6.14 24.56
C VAL E 247 -31.18 -5.23 23.87
N ILE E 248 -30.70 -4.05 23.47
CA ILE E 248 -31.56 -3.09 22.80
C ILE E 248 -31.00 -2.68 21.44
N TYR E 249 -31.86 -2.77 20.43
CA TYR E 249 -31.52 -2.36 19.07
C TYR E 249 -32.37 -1.13 18.80
N GLU E 250 -31.76 -0.07 18.30
CA GLU E 250 -32.49 1.16 18.04
C GLU E 250 -32.17 1.81 16.71
N ARG E 251 -33.13 2.60 16.23
CA ARG E 251 -32.94 3.37 15.02
C ARG E 251 -33.47 4.75 15.36
N VAL E 252 -32.63 5.76 15.21
CA VAL E 252 -33.05 7.13 15.48
C VAL E 252 -33.24 7.72 14.08
N ARG E 253 -34.43 8.24 13.83
CA ARG E 253 -34.73 8.80 12.52
C ARG E 253 -34.86 10.31 12.55
N ASP E 254 -34.31 10.95 11.53
CA ASP E 254 -34.41 12.40 11.40
C ASP E 254 -35.53 12.62 10.41
N ASP E 255 -35.98 13.87 10.32
CA ASP E 255 -37.06 14.24 9.43
C ASP E 255 -36.57 15.33 8.49
N TYR E 256 -36.36 14.96 7.23
CA TYR E 256 -35.87 15.87 6.19
C TYR E 256 -37.01 16.36 5.31
N GLN E 257 -37.42 17.61 5.49
CA GLN E 257 -38.54 18.16 4.72
C GLN E 257 -38.17 19.04 3.54
N LEU E 258 -38.90 18.86 2.44
CA LEU E 258 -38.71 19.65 1.22
C LEU E 258 -39.96 20.48 0.91
N HIS E 259 -39.76 21.72 0.48
CA HIS E 259 -40.87 22.58 0.11
C HIS E 259 -40.43 23.55 -0.97
N TRP E 260 -41.34 23.84 -1.89
CA TRP E 260 -41.08 24.75 -2.99
C TRP E 260 -41.30 26.19 -2.52
N THR E 261 -40.33 27.06 -2.80
CA THR E 261 -40.43 28.47 -2.39
C THR E 261 -40.99 29.33 -3.52
N SER E 262 -41.71 28.70 -4.44
CA SER E 262 -42.29 29.40 -5.59
C SER E 262 -41.22 29.69 -6.63
N THR E 263 -39.95 29.53 -6.24
CA THR E 263 -38.83 29.79 -7.13
C THR E 263 -37.83 28.64 -7.17
N ASN E 264 -37.68 27.92 -6.06
CA ASN E 264 -36.74 26.79 -6.01
C ASN E 264 -37.06 25.88 -4.83
N TRP E 265 -36.31 24.79 -4.72
CA TRP E 265 -36.53 23.85 -3.63
C TRP E 265 -35.70 24.21 -2.40
N LYS E 266 -36.28 24.05 -1.21
CA LYS E 266 -35.58 24.35 0.03
C LYS E 266 -35.85 23.23 1.03
N GLY E 267 -34.79 22.68 1.61
CA GLY E 267 -34.98 21.59 2.57
C GLY E 267 -34.56 21.90 3.99
N THR E 268 -35.19 21.22 4.94
CA THR E 268 -34.86 21.38 6.35
C THR E 268 -34.74 20.00 6.98
N ASN E 269 -33.94 19.89 8.03
CA ASN E 269 -33.77 18.62 8.71
C ASN E 269 -34.01 18.80 10.20
N THR E 270 -34.83 17.92 10.76
CA THR E 270 -35.18 17.94 12.17
C THR E 270 -34.58 16.67 12.77
N LYS E 271 -33.71 16.86 13.76
CA LYS E 271 -33.02 15.76 14.41
C LYS E 271 -33.79 14.94 15.44
N ASP E 272 -33.54 13.63 15.41
CA ASP E 272 -34.12 12.69 16.33
C ASP E 272 -35.63 12.83 16.50
N LYS E 273 -36.35 12.87 15.38
CA LYS E 273 -37.80 13.03 15.43
C LYS E 273 -38.48 11.74 15.88
N TRP E 274 -37.92 10.61 15.48
CA TRP E 274 -38.49 9.32 15.86
C TRP E 274 -37.39 8.40 16.34
N THR E 275 -37.75 7.51 17.25
CA THR E 275 -36.82 6.52 17.80
C THR E 275 -37.54 5.19 17.86
N ASP E 276 -36.97 4.20 17.18
CA ASP E 276 -37.54 2.85 17.17
C ASP E 276 -36.68 2.03 18.11
N ARG E 277 -37.24 1.66 19.25
CA ARG E 277 -36.50 0.90 20.25
C ARG E 277 -37.06 -0.51 20.38
N SER E 278 -36.17 -1.49 20.18
CA SER E 278 -36.55 -2.89 20.27
C SER E 278 -35.69 -3.56 21.35
N SER E 279 -36.35 -3.98 22.43
CA SER E 279 -35.64 -4.59 23.54
C SER E 279 -36.03 -6.02 23.78
N GLU E 280 -35.06 -6.80 24.22
CA GLU E 280 -35.33 -8.20 24.50
C GLU E 280 -34.48 -8.68 25.67
N ARG E 281 -35.08 -9.52 26.52
CA ARG E 281 -34.38 -10.04 27.68
C ARG E 281 -33.91 -11.46 27.46
N TYR E 282 -32.65 -11.70 27.77
CA TYR E 282 -32.05 -13.02 27.63
C TYR E 282 -31.68 -13.52 29.01
N LYS E 283 -31.69 -14.84 29.16
CA LYS E 283 -31.31 -15.47 30.42
C LYS E 283 -29.99 -16.20 30.19
N ILE E 284 -29.03 -15.93 31.07
CA ILE E 284 -27.72 -16.55 30.99
C ILE E 284 -27.59 -17.57 32.13
N ASP E 285 -27.39 -18.83 31.79
CA ASP E 285 -27.23 -19.85 32.82
C ASP E 285 -25.76 -20.21 32.75
N TRP E 286 -24.98 -19.74 33.73
CA TRP E 286 -23.55 -20.02 33.74
C TRP E 286 -23.23 -21.46 34.06
N GLU E 287 -24.19 -22.15 34.67
CA GLU E 287 -23.98 -23.55 35.01
C GLU E 287 -24.21 -24.48 33.83
N LYS E 288 -25.35 -24.33 33.16
CA LYS E 288 -25.62 -25.17 32.01
C LYS E 288 -24.86 -24.62 30.81
N GLU E 289 -24.32 -23.41 30.99
CA GLU E 289 -23.60 -22.74 29.92
C GLU E 289 -24.48 -22.64 28.67
N GLU E 290 -25.60 -21.96 28.84
CA GLU E 290 -26.51 -21.75 27.74
C GLU E 290 -27.18 -20.41 27.94
N MET E 291 -27.61 -19.81 26.84
CA MET E 291 -28.27 -18.54 26.88
C MET E 291 -29.60 -18.76 26.14
N THR E 292 -30.68 -18.25 26.71
CA THR E 292 -31.99 -18.40 26.08
C THR E 292 -32.72 -17.06 26.07
N ASN E 293 -33.83 -17.00 25.34
CA ASN E 293 -34.64 -15.79 25.28
C ASN E 293 -36.10 -16.20 25.15
N ALA F 1 14.67 -8.75 13.94
CA ALA F 1 13.95 -10.05 14.07
C ALA F 1 14.94 -11.20 14.26
N ASP F 2 14.45 -12.34 14.72
CA ASP F 2 15.34 -13.47 14.94
C ASP F 2 15.99 -13.95 13.66
N SER F 3 15.24 -13.94 12.56
CA SER F 3 15.78 -14.38 11.29
C SER F 3 16.96 -13.49 10.88
N ASP F 4 16.98 -12.25 11.38
CA ASP F 4 18.07 -11.35 11.04
C ASP F 4 19.36 -11.77 11.71
N ILE F 5 19.22 -12.55 12.78
CA ILE F 5 20.37 -13.03 13.50
C ILE F 5 20.46 -14.55 13.42
N ASN F 6 19.90 -15.08 12.34
CA ASN F 6 19.91 -16.52 12.07
C ASN F 6 19.43 -17.44 13.18
N ILE F 7 18.38 -17.02 13.89
CA ILE F 7 17.83 -17.83 14.96
C ILE F 7 16.39 -18.23 14.64
N LYS F 8 16.07 -19.50 14.83
CA LYS F 8 14.72 -19.97 14.57
C LYS F 8 13.76 -19.01 15.26
N THR F 9 12.77 -18.54 14.52
CA THR F 9 11.79 -17.59 15.01
C THR F 9 11.10 -18.06 16.30
N GLY F 10 11.11 -17.20 17.32
CA GLY F 10 10.48 -17.52 18.59
C GLY F 10 11.32 -18.34 19.56
N THR F 11 12.52 -18.71 19.15
CA THR F 11 13.41 -19.51 20.00
C THR F 11 13.74 -18.86 21.36
N THR F 12 13.85 -17.54 21.41
CA THR F 12 14.18 -16.91 22.68
C THR F 12 12.97 -16.41 23.44
N ASP F 13 11.78 -16.64 22.89
CA ASP F 13 10.55 -16.20 23.55
C ASP F 13 10.29 -17.08 24.76
N ILE F 14 9.56 -16.51 25.72
CA ILE F 14 9.21 -17.17 26.98
C ILE F 14 7.79 -17.74 26.99
N GLY F 15 7.56 -18.78 27.78
CA GLY F 15 6.21 -19.33 27.86
C GLY F 15 5.99 -20.79 27.49
N SER F 16 6.89 -21.40 26.72
CA SER F 16 6.68 -22.80 26.34
C SER F 16 6.75 -23.74 27.56
N ASN F 17 6.03 -24.85 27.48
CA ASN F 17 5.97 -25.83 28.57
C ASN F 17 5.77 -25.16 29.92
N THR F 18 4.80 -24.26 29.96
CA THR F 18 4.48 -23.54 31.19
C THR F 18 2.97 -23.37 31.27
N THR F 19 2.43 -23.60 32.46
CA THR F 19 1.00 -23.43 32.67
C THR F 19 0.83 -21.99 33.13
N VAL F 20 0.14 -21.19 32.31
CA VAL F 20 -0.08 -19.79 32.60
C VAL F 20 -1.43 -19.57 33.29
N LYS F 21 -1.40 -18.82 34.39
CA LYS F 21 -2.59 -18.51 35.14
C LYS F 21 -3.02 -17.09 34.82
N THR F 22 -4.25 -16.95 34.33
CA THR F 22 -4.76 -15.65 33.96
C THR F 22 -5.97 -15.26 34.80
N GLY F 23 -6.36 -13.99 34.68
CA GLY F 23 -7.50 -13.49 35.44
C GLY F 23 -7.97 -12.12 34.98
N ASP F 24 -9.21 -11.79 35.32
CA ASP F 24 -9.84 -10.52 34.97
C ASP F 24 -10.34 -9.86 36.25
N LEU F 25 -10.11 -8.56 36.36
CA LEU F 25 -10.56 -7.79 37.52
C LEU F 25 -11.22 -6.52 36.99
N VAL F 26 -12.53 -6.39 37.20
CA VAL F 26 -13.24 -5.22 36.71
C VAL F 26 -13.77 -4.34 37.83
N THR F 27 -13.52 -3.04 37.69
CA THR F 27 -13.97 -2.07 38.66
C THR F 27 -14.55 -0.88 37.91
N TYR F 28 -15.70 -0.39 38.37
CA TYR F 28 -16.31 0.77 37.74
C TYR F 28 -16.40 1.92 38.73
N ASP F 29 -15.76 3.04 38.41
CA ASP F 29 -15.81 4.20 39.27
C ASP F 29 -16.88 5.13 38.72
N LYS F 30 -18.03 5.16 39.39
CA LYS F 30 -19.14 5.98 38.97
C LYS F 30 -18.81 7.48 39.04
N GLU F 31 -18.29 7.92 40.18
CA GLU F 31 -17.93 9.33 40.35
C GLU F 31 -17.03 9.85 39.23
N ASN F 32 -16.05 9.05 38.84
CA ASN F 32 -15.13 9.47 37.78
C ASN F 32 -15.46 8.88 36.41
N GLY F 33 -16.55 8.13 36.32
CA GLY F 33 -16.95 7.55 35.05
C GLY F 33 -15.85 6.78 34.35
N MET F 34 -15.30 5.80 35.05
CA MET F 34 -14.23 4.98 34.51
C MET F 34 -14.45 3.50 34.72
N HIS F 35 -14.55 2.77 33.61
CA HIS F 35 -14.70 1.32 33.64
C HIS F 35 -13.25 0.83 33.61
N LYS F 36 -12.80 0.27 34.72
CA LYS F 36 -11.43 -0.19 34.82
C LYS F 36 -11.34 -1.69 34.82
N LYS F 37 -10.49 -2.23 33.95
CA LYS F 37 -10.32 -3.65 33.85
C LYS F 37 -8.87 -4.06 33.76
N VAL F 38 -8.48 -4.97 34.61
CA VAL F 38 -7.13 -5.49 34.61
C VAL F 38 -7.22 -6.93 34.08
N PHE F 39 -6.35 -7.26 33.13
CA PHE F 39 -6.29 -8.61 32.60
C PHE F 39 -4.86 -9.01 32.90
N TYR F 40 -4.68 -9.98 33.78
CA TYR F 40 -3.32 -10.39 34.14
C TYR F 40 -2.96 -11.80 33.70
N SER F 41 -1.66 -12.08 33.61
CA SER F 41 -1.18 -13.40 33.23
C SER F 41 0.11 -13.73 33.97
N PHE F 42 0.10 -14.82 34.73
CA PHE F 42 1.28 -15.26 35.45
C PHE F 42 2.02 -16.29 34.62
N ILE F 43 3.27 -15.98 34.29
CA ILE F 43 4.09 -16.90 33.51
C ILE F 43 5.32 -17.20 34.34
N ASP F 44 5.32 -18.37 34.95
CA ASP F 44 6.43 -18.82 35.78
C ASP F 44 7.18 -19.88 34.97
N ASP F 45 7.90 -19.41 33.96
CA ASP F 45 8.68 -20.28 33.08
C ASP F 45 9.98 -20.64 33.79
N LYS F 46 10.17 -21.93 34.06
CA LYS F 46 11.35 -22.40 34.79
C LYS F 46 12.69 -22.27 34.07
N ASN F 47 12.67 -22.02 32.77
CA ASN F 47 13.92 -21.83 32.05
C ASN F 47 14.17 -20.32 31.92
N HIS F 48 13.40 -19.55 32.67
CA HIS F 48 13.56 -18.11 32.69
C HIS F 48 14.05 -17.84 34.11
N ASN F 49 14.95 -16.87 34.26
CA ASN F 49 15.52 -16.60 35.57
C ASN F 49 14.58 -15.94 36.58
N LYS F 50 13.37 -15.60 36.16
CA LYS F 50 12.44 -14.96 37.07
C LYS F 50 10.99 -15.25 36.77
N LYS F 51 10.14 -15.03 37.76
CA LYS F 51 8.71 -15.20 37.57
C LYS F 51 8.29 -13.99 36.77
N LEU F 52 7.21 -14.13 36.02
CA LEU F 52 6.70 -13.04 35.20
C LEU F 52 5.21 -12.80 35.35
N LEU F 53 4.84 -11.52 35.36
CA LEU F 53 3.45 -11.11 35.44
C LEU F 53 3.22 -10.08 34.35
N VAL F 54 2.18 -10.31 33.54
CA VAL F 54 1.84 -9.37 32.50
C VAL F 54 0.51 -8.78 32.93
N ILE F 55 0.50 -7.47 33.16
CA ILE F 55 -0.71 -6.79 33.57
C ILE F 55 -1.21 -5.91 32.43
N ARG F 56 -2.38 -6.25 31.90
CA ARG F 56 -2.95 -5.44 30.83
C ARG F 56 -4.04 -4.57 31.41
N THR F 57 -3.87 -3.26 31.29
CA THR F 57 -4.84 -2.30 31.80
C THR F 57 -5.74 -1.86 30.64
N LYS F 58 -7.03 -2.14 30.74
CA LYS F 58 -7.96 -1.81 29.66
C LYS F 58 -9.18 -1.01 30.16
N GLY F 59 -10.38 -1.45 29.80
CA GLY F 59 -11.57 -0.72 30.22
C GLY F 59 -11.76 0.54 29.39
N THR F 60 -12.44 1.52 29.95
CA THR F 60 -12.68 2.77 29.25
C THR F 60 -12.88 3.98 30.16
N ILE F 61 -12.23 5.07 29.81
CA ILE F 61 -12.36 6.33 30.53
C ILE F 61 -13.28 7.21 29.68
N ALA F 62 -14.47 7.51 30.20
CA ALA F 62 -15.43 8.33 29.48
C ALA F 62 -14.82 9.69 29.14
N GLY F 63 -15.22 10.26 28.02
CA GLY F 63 -14.69 11.56 27.62
C GLY F 63 -15.25 12.65 28.52
N GLN F 64 -16.58 12.70 28.60
CA GLN F 64 -17.28 13.67 29.43
C GLN F 64 -17.21 15.11 28.94
N TYR F 65 -17.18 15.26 27.63
CA TYR F 65 -17.17 16.56 26.94
C TYR F 65 -18.56 17.14 27.17
N ARG F 66 -18.67 18.20 27.95
CA ARG F 66 -19.97 18.79 28.24
C ARG F 66 -19.99 20.23 28.70
N VAL F 67 -21.11 20.90 28.44
CA VAL F 67 -21.30 22.29 28.83
C VAL F 67 -21.60 22.25 30.33
N TYR F 68 -20.73 22.86 31.13
CA TYR F 68 -20.90 22.85 32.57
C TYR F 68 -21.43 24.15 33.17
N SER F 69 -21.17 25.28 32.49
CA SER F 69 -21.62 26.56 33.00
C SER F 69 -22.44 27.39 32.02
N GLU F 70 -23.33 28.21 32.58
CA GLU F 70 -24.18 29.07 31.79
C GLU F 70 -24.55 30.34 32.58
N GLU F 71 -23.90 31.44 32.24
CA GLU F 71 -24.16 32.73 32.88
C GLU F 71 -24.78 33.63 31.82
N GLY F 72 -26.09 33.55 31.66
CA GLY F 72 -26.75 34.35 30.66
C GLY F 72 -26.74 33.62 29.33
N ALA F 73 -26.95 34.35 28.24
CA ALA F 73 -26.96 33.75 26.91
C ALA F 73 -25.72 34.13 26.13
N ASN F 74 -24.85 34.92 26.75
CA ASN F 74 -23.61 35.38 26.11
C ASN F 74 -22.38 34.60 26.56
N LYS F 75 -22.47 33.92 27.70
CA LYS F 75 -21.33 33.18 28.22
C LYS F 75 -21.66 31.73 28.55
N SER F 76 -20.68 30.85 28.34
CA SER F 76 -20.84 29.43 28.63
C SER F 76 -19.49 28.71 28.59
N GLY F 77 -19.38 27.64 29.39
CA GLY F 77 -18.15 26.87 29.45
C GLY F 77 -18.32 25.39 29.19
N LEU F 78 -17.35 24.81 28.48
CA LEU F 78 -17.34 23.40 28.13
C LEU F 78 -16.18 22.68 28.80
N ALA F 79 -16.45 21.55 29.42
CA ALA F 79 -15.39 20.77 30.05
C ALA F 79 -15.08 19.70 29.02
N TRP F 80 -13.79 19.49 28.74
CA TRP F 80 -13.39 18.48 27.76
C TRP F 80 -12.06 17.84 28.17
N PRO F 81 -11.87 16.55 27.81
CA PRO F 81 -10.65 15.81 28.13
C PRO F 81 -9.45 16.12 27.25
N SER F 82 -8.39 16.65 27.85
CA SER F 82 -7.18 16.95 27.09
C SER F 82 -6.18 15.82 27.32
N ALA F 83 -6.43 15.00 28.33
CA ALA F 83 -5.51 13.91 28.60
C ALA F 83 -6.17 12.76 29.35
N PHE F 84 -5.82 11.54 28.96
CA PHE F 84 -6.32 10.33 29.62
C PHE F 84 -5.04 9.68 30.10
N LYS F 85 -5.02 9.22 31.35
CA LYS F 85 -3.82 8.61 31.88
C LYS F 85 -4.05 7.29 32.58
N VAL F 86 -3.03 6.45 32.52
CA VAL F 86 -3.04 5.13 33.16
C VAL F 86 -1.63 4.95 33.71
N GLN F 87 -1.54 4.63 34.99
CA GLN F 87 -0.25 4.46 35.63
C GLN F 87 -0.26 3.30 36.60
N LEU F 88 0.86 2.59 36.68
CA LEU F 88 0.95 1.48 37.62
C LEU F 88 2.13 1.80 38.51
N GLN F 89 2.00 1.49 39.79
CA GLN F 89 3.08 1.80 40.71
C GLN F 89 3.32 0.79 41.80
N LEU F 90 4.55 0.31 41.89
CA LEU F 90 4.93 -0.62 42.92
C LEU F 90 5.47 0.22 44.07
N PRO F 91 5.05 -0.06 45.31
CA PRO F 91 5.58 0.72 46.43
C PRO F 91 7.09 0.51 46.44
N ASP F 92 7.86 1.53 46.82
CA ASP F 92 9.31 1.44 46.79
C ASP F 92 9.98 0.24 47.47
N ASN F 93 9.34 -0.32 48.49
CA ASN F 93 9.92 -1.46 49.22
C ASN F 93 9.84 -2.82 48.49
N GLU F 94 8.96 -2.92 47.49
CA GLU F 94 8.79 -4.18 46.75
C GLU F 94 10.07 -4.63 46.05
N VAL F 95 10.36 -5.93 46.09
CA VAL F 95 11.54 -6.45 45.40
C VAL F 95 11.20 -6.66 43.92
N ALA F 96 9.90 -6.78 43.62
CA ALA F 96 9.43 -6.97 42.26
C ALA F 96 9.76 -5.73 41.44
N GLN F 97 9.99 -5.91 40.15
CA GLN F 97 10.32 -4.78 39.29
C GLN F 97 9.53 -4.71 37.98
N ILE F 98 9.37 -3.50 37.48
CA ILE F 98 8.71 -3.29 36.20
C ILE F 98 9.84 -3.58 35.23
N SER F 99 9.60 -4.50 34.31
CA SER F 99 10.61 -4.94 33.36
C SER F 99 10.37 -4.52 31.93
N ASP F 100 9.12 -4.44 31.53
CA ASP F 100 8.80 -4.06 30.16
C ASP F 100 7.41 -3.45 30.10
N TYR F 101 7.03 -2.97 28.94
CA TYR F 101 5.74 -2.32 28.74
C TYR F 101 5.50 -2.13 27.25
N TYR F 102 4.24 -2.03 26.88
CA TYR F 102 3.88 -1.85 25.49
C TYR F 102 2.48 -1.21 25.44
N PRO F 103 2.27 -0.22 24.55
CA PRO F 103 3.21 0.35 23.57
C PRO F 103 4.25 1.31 24.15
N ARG F 104 5.23 1.67 23.31
CA ARG F 104 6.29 2.59 23.67
C ARG F 104 6.26 3.78 22.71
N ASN F 105 7.23 4.69 22.78
CA ASN F 105 7.24 5.83 21.87
C ASN F 105 7.93 5.48 20.55
N SER F 106 7.33 5.84 19.43
CA SER F 106 7.95 5.54 18.15
C SER F 106 8.45 6.82 17.51
N ILE F 107 9.50 6.71 16.71
CA ILE F 107 10.05 7.87 16.03
C ILE F 107 9.07 8.33 14.94
N ASP F 108 8.71 9.60 14.97
CA ASP F 108 7.80 10.18 13.98
C ASP F 108 8.61 10.57 12.75
N THR F 109 7.97 10.56 11.59
CA THR F 109 8.64 10.94 10.35
C THR F 109 7.86 12.02 9.63
N LYS F 110 8.47 12.57 8.60
CA LYS F 110 7.88 13.63 7.82
C LYS F 110 8.40 13.45 6.40
N GLU F 111 7.62 13.86 5.40
CA GLU F 111 8.07 13.75 4.03
C GLU F 111 8.45 15.13 3.52
N TYR F 112 9.50 15.19 2.72
CA TYR F 112 9.98 16.46 2.19
C TYR F 112 10.03 16.45 0.67
N ASN F 113 9.49 17.49 0.06
CA ASN F 113 9.48 17.61 -1.39
C ASN F 113 10.11 18.94 -1.83
N SER F 114 11.22 18.85 -2.56
CA SER F 114 11.91 20.04 -3.07
C SER F 114 11.56 20.18 -4.55
N THR F 115 11.10 21.35 -4.94
CA THR F 115 10.72 21.58 -6.32
C THR F 115 11.39 22.78 -6.98
N LEU F 116 12.34 22.51 -7.86
CA LEU F 116 13.03 23.56 -8.60
C LEU F 116 12.52 23.48 -10.03
N THR F 117 11.94 24.57 -10.53
CA THR F 117 11.43 24.57 -11.88
C THR F 117 11.83 25.79 -12.71
N TYR F 118 12.25 25.53 -13.95
CA TYR F 118 12.68 26.56 -14.90
C TYR F 118 11.59 26.83 -15.93
N GLY F 119 11.56 28.05 -16.46
CA GLY F 119 10.57 28.38 -17.45
C GLY F 119 10.96 29.44 -18.47
N PHE F 120 10.60 29.21 -19.72
CA PHE F 120 10.87 30.13 -20.81
C PHE F 120 9.61 30.29 -21.67
N ASN F 121 9.31 31.53 -22.05
CA ASN F 121 8.12 31.80 -22.87
C ASN F 121 8.29 33.05 -23.73
N GLY F 122 7.87 32.95 -24.99
CA GLY F 122 7.98 34.07 -25.90
C GLY F 122 6.60 34.55 -26.29
N ASN F 123 6.53 35.35 -27.35
CA ASN F 123 5.25 35.87 -27.81
C ASN F 123 5.36 36.74 -29.06
N VAL F 124 4.23 37.01 -29.68
CA VAL F 124 4.15 37.84 -30.88
C VAL F 124 2.78 38.52 -30.92
N THR F 125 2.79 39.85 -31.05
CA THR F 125 1.55 40.63 -31.09
C THR F 125 1.40 41.41 -32.39
N GLY F 126 0.16 41.68 -32.77
CA GLY F 126 -0.08 42.41 -34.01
C GLY F 126 -1.50 42.95 -34.11
N ASP F 127 -1.67 44.23 -33.83
CA ASP F 127 -2.98 44.87 -33.90
C ASP F 127 -3.44 44.95 -35.36
N ASP F 128 -4.72 45.23 -35.56
CA ASP F 128 -5.30 45.32 -36.90
C ASP F 128 -4.80 46.52 -37.69
N THR F 129 -3.67 47.09 -37.28
CA THR F 129 -3.11 48.25 -37.97
C THR F 129 -1.71 47.96 -38.52
N GLY F 130 -1.34 46.68 -38.55
CA GLY F 130 -0.04 46.31 -39.08
C GLY F 130 1.09 46.37 -38.07
N LYS F 131 0.82 46.92 -36.88
CA LYS F 131 1.85 47.02 -35.85
C LYS F 131 2.20 45.64 -35.29
N ILE F 132 3.50 45.37 -35.18
CA ILE F 132 3.97 44.09 -34.67
C ILE F 132 4.61 44.29 -33.29
N GLY F 133 4.62 43.23 -32.48
CA GLY F 133 5.19 43.31 -31.16
C GLY F 133 5.82 41.99 -30.73
N GLY F 134 6.77 42.07 -29.81
CA GLY F 134 7.42 40.87 -29.33
C GLY F 134 7.49 40.82 -27.82
N LEU F 135 7.74 39.63 -27.27
CA LEU F 135 7.84 39.44 -25.82
C LEU F 135 8.63 38.17 -25.50
N ILE F 136 9.67 38.33 -24.68
CA ILE F 136 10.51 37.21 -24.28
C ILE F 136 10.81 37.33 -22.79
N GLY F 137 10.34 36.35 -22.01
CA GLY F 137 10.57 36.37 -20.59
C GLY F 137 10.94 35.01 -20.04
N ALA F 138 11.59 34.98 -18.88
CA ALA F 138 12.00 33.75 -18.23
C ALA F 138 11.42 33.69 -16.83
N ASN F 139 11.65 32.60 -16.12
CA ASN F 139 11.13 32.43 -14.77
C ASN F 139 11.74 31.24 -14.05
N VAL F 140 11.89 31.37 -12.73
CA VAL F 140 12.44 30.32 -11.88
C VAL F 140 11.65 30.31 -10.58
N SER F 141 11.67 29.18 -9.87
CA SER F 141 10.95 29.07 -8.61
C SER F 141 11.36 27.85 -7.83
N ILE F 142 11.54 28.04 -6.53
CA ILE F 142 11.94 26.95 -5.65
C ILE F 142 10.85 26.71 -4.61
N GLY F 143 10.23 25.54 -4.68
CA GLY F 143 9.18 25.22 -3.73
C GLY F 143 9.53 24.06 -2.81
N HIS F 144 8.98 24.12 -1.61
CA HIS F 144 9.19 23.07 -0.62
C HIS F 144 7.81 22.70 -0.10
N THR F 145 7.57 21.41 0.04
CA THR F 145 6.30 20.94 0.59
C THR F 145 6.63 19.94 1.69
N LEU F 146 6.04 20.17 2.86
CA LEU F 146 6.26 19.32 4.01
C LEU F 146 5.01 18.47 4.29
N LYS F 147 5.18 17.18 4.50
CA LYS F 147 4.05 16.29 4.77
C LYS F 147 4.25 15.43 6.02
N TYR F 148 3.21 15.32 6.84
CA TYR F 148 3.26 14.51 8.04
C TYR F 148 1.84 14.28 8.57
N VAL F 149 1.67 13.22 9.34
CA VAL F 149 0.36 12.89 9.90
C VAL F 149 0.26 13.38 11.32
N GLN F 150 -0.92 13.86 11.69
CA GLN F 150 -1.16 14.37 13.03
C GLN F 150 -2.39 13.71 13.62
N PRO F 151 -2.18 12.78 14.57
CA PRO F 151 -3.32 12.09 15.20
C PRO F 151 -4.02 13.07 16.13
N ASP F 152 -5.34 12.94 16.27
CA ASP F 152 -6.11 13.82 17.15
C ASP F 152 -5.52 13.77 18.55
N PHE F 153 -5.17 12.56 18.97
CA PHE F 153 -4.55 12.33 20.27
C PHE F 153 -3.27 11.51 20.09
N LYS F 154 -2.22 11.86 20.84
CA LYS F 154 -0.96 11.13 20.79
C LYS F 154 -0.95 10.11 21.94
N THR F 155 -0.52 8.89 21.68
CA THR F 155 -0.43 7.86 22.71
C THR F 155 1.03 7.84 23.15
N ILE F 156 1.30 8.27 24.38
CA ILE F 156 2.69 8.36 24.86
C ILE F 156 3.06 7.50 26.06
N LEU F 157 4.21 6.85 25.99
CA LEU F 157 4.69 6.04 27.11
C LEU F 157 5.51 7.02 27.95
N GLU F 158 5.10 7.24 29.19
CA GLU F 158 5.84 8.15 30.05
C GLU F 158 7.10 7.48 30.54
N SER F 159 8.09 8.30 30.89
CA SER F 159 9.38 7.80 31.37
C SER F 159 9.16 6.84 32.53
N PRO F 160 9.50 5.56 32.34
CA PRO F 160 9.32 4.56 33.40
C PRO F 160 10.57 4.32 34.25
N THR F 161 10.35 3.71 35.42
CA THR F 161 11.43 3.36 36.31
C THR F 161 11.14 1.89 36.57
N ASP F 162 11.88 1.26 37.47
CA ASP F 162 11.63 -0.14 37.76
C ASP F 162 10.49 -0.26 38.78
N LYS F 163 9.87 0.85 39.16
CA LYS F 163 8.78 0.85 40.14
C LYS F 163 7.48 1.44 39.62
N LYS F 164 7.56 2.28 38.59
CA LYS F 164 6.37 2.89 38.03
C LYS F 164 6.44 3.10 36.53
N VAL F 165 5.30 2.91 35.87
CA VAL F 165 5.18 3.08 34.44
C VAL F 165 3.81 3.69 34.19
N GLY F 166 3.65 4.34 33.05
CA GLY F 166 2.36 4.92 32.75
C GLY F 166 2.27 5.44 31.33
N TRP F 167 1.05 5.70 30.89
CA TRP F 167 0.86 6.21 29.55
C TRP F 167 -0.06 7.40 29.65
N LYS F 168 0.09 8.34 28.73
CA LYS F 168 -0.79 9.49 28.68
C LYS F 168 -1.22 9.63 27.22
N VAL F 169 -2.53 9.72 27.02
CA VAL F 169 -3.10 9.88 25.69
C VAL F 169 -3.57 11.32 25.74
N ILE F 170 -2.80 12.20 25.12
CA ILE F 170 -3.09 13.63 25.13
C ILE F 170 -3.70 14.22 23.88
N PHE F 171 -4.53 15.23 24.08
CA PHE F 171 -5.14 15.89 22.94
C PHE F 171 -4.01 16.60 22.21
N ASN F 172 -3.96 16.40 20.90
CA ASN F 172 -2.93 16.97 20.04
C ASN F 172 -3.55 18.16 19.29
N ASN F 173 -4.32 17.87 18.25
CA ASN F 173 -5.03 18.90 17.49
C ASN F 173 -6.25 18.28 16.84
N MET F 174 -7.13 19.11 16.31
CA MET F 174 -8.36 18.60 15.72
C MET F 174 -8.98 19.55 14.72
N VAL F 175 -9.54 18.98 13.66
CA VAL F 175 -10.20 19.75 12.61
C VAL F 175 -11.57 20.18 13.13
N ASN F 176 -11.95 21.43 12.86
CA ASN F 176 -13.27 21.91 13.28
C ASN F 176 -14.06 22.26 12.03
N GLN F 177 -15.01 21.39 11.68
CA GLN F 177 -15.85 21.59 10.51
C GLN F 177 -15.03 21.98 9.28
N ASN F 178 -13.95 21.26 9.03
CA ASN F 178 -13.07 21.50 7.88
C ASN F 178 -12.04 22.63 8.03
N TRP F 179 -12.10 23.38 9.13
CA TRP F 179 -11.15 24.47 9.36
C TRP F 179 -10.07 23.96 10.31
N GLY F 180 -9.04 24.77 10.55
CA GLY F 180 -7.98 24.37 11.45
C GLY F 180 -6.80 23.69 10.78
N PRO F 181 -6.23 22.66 11.41
CA PRO F 181 -6.68 22.13 12.70
C PRO F 181 -6.38 23.08 13.86
N TYR F 182 -7.15 22.95 14.94
CA TYR F 182 -6.98 23.79 16.12
C TYR F 182 -6.43 22.97 17.27
N ASP F 183 -5.69 23.62 18.16
CA ASP F 183 -5.16 22.94 19.34
C ASP F 183 -5.42 23.79 20.57
N ARG F 184 -4.85 23.42 21.70
CA ARG F 184 -5.07 24.16 22.94
C ARG F 184 -4.56 25.59 22.99
N ASP F 185 -3.68 25.96 22.07
CA ASP F 185 -3.12 27.31 22.06
C ASP F 185 -3.57 28.14 20.85
N SER F 186 -4.43 27.58 20.02
CA SER F 186 -4.90 28.29 18.83
C SER F 186 -5.45 29.66 19.19
N TRP F 187 -4.97 30.68 18.50
CA TRP F 187 -5.48 32.00 18.80
C TRP F 187 -5.63 32.91 17.60
N ASN F 188 -6.81 33.53 17.53
CA ASN F 188 -7.18 34.45 16.47
C ASN F 188 -7.58 35.72 17.20
N PRO F 189 -7.03 36.88 16.79
CA PRO F 189 -7.35 38.15 17.44
C PRO F 189 -8.85 38.41 17.58
N VAL F 190 -9.61 37.97 16.58
CA VAL F 190 -11.06 38.16 16.56
C VAL F 190 -11.86 37.11 17.34
N TYR F 191 -11.71 35.85 16.97
CA TYR F 191 -12.47 34.78 17.61
C TYR F 191 -11.75 34.05 18.75
N GLY F 192 -10.47 34.33 18.92
CA GLY F 192 -9.69 33.66 19.96
C GLY F 192 -9.47 32.22 19.56
N ASN F 193 -9.62 31.29 20.50
CA ASN F 193 -9.46 29.88 20.18
C ASN F 193 -10.81 29.32 19.74
N GLN F 194 -10.89 28.88 18.49
CA GLN F 194 -12.14 28.37 17.93
C GLN F 194 -12.25 26.84 18.02
N LEU F 195 -11.36 26.22 18.79
CA LEU F 195 -11.32 24.78 18.96
C LEU F 195 -12.70 24.12 18.90
N PHE F 196 -13.58 24.49 19.83
CA PHE F 196 -14.92 23.88 19.86
C PHE F 196 -16.05 24.85 19.56
N MET F 197 -15.74 25.92 18.82
CA MET F 197 -16.72 26.93 18.46
C MET F 197 -17.54 26.48 17.26
N LYS F 198 -18.84 26.32 17.45
CA LYS F 198 -19.72 25.88 16.37
C LYS F 198 -19.88 26.98 15.30
N THR F 199 -20.28 28.18 15.72
CA THR F 199 -20.43 29.27 14.76
C THR F 199 -19.64 30.49 15.19
N ARG F 200 -19.14 31.23 14.21
CA ARG F 200 -18.37 32.44 14.48
C ARG F 200 -19.27 33.54 15.06
N ASN F 201 -20.48 33.66 14.52
CA ASN F 201 -21.41 34.67 14.99
C ASN F 201 -22.87 34.27 14.88
N GLY F 202 -23.17 33.02 15.19
CA GLY F 202 -24.56 32.56 15.14
C GLY F 202 -25.37 33.35 16.14
N SER F 203 -26.70 33.26 16.04
CA SER F 203 -27.59 33.99 16.93
C SER F 203 -28.03 33.24 18.19
N MET F 204 -27.71 31.95 18.27
CA MET F 204 -28.11 31.16 19.43
C MET F 204 -27.39 31.53 20.72
N LYS F 205 -27.76 30.85 21.80
CA LYS F 205 -27.15 31.10 23.10
C LYS F 205 -25.73 30.54 23.10
N ALA F 206 -24.93 30.99 24.06
CA ALA F 206 -23.56 30.54 24.17
C ALA F 206 -23.48 29.02 24.38
N ALA F 207 -24.40 28.49 25.18
CA ALA F 207 -24.44 27.05 25.48
C ALA F 207 -24.79 26.19 24.28
N ASP F 208 -25.31 26.82 23.23
CA ASP F 208 -25.69 26.10 22.03
C ASP F 208 -24.73 26.39 20.89
N ASN F 209 -23.59 26.99 21.20
CA ASN F 209 -22.63 27.31 20.15
C ASN F 209 -21.35 26.49 20.23
N PHE F 210 -21.43 25.34 20.89
CA PHE F 210 -20.28 24.45 21.02
C PHE F 210 -20.42 23.34 19.98
N LEU F 211 -19.29 22.95 19.38
CA LEU F 211 -19.29 21.91 18.36
C LEU F 211 -20.03 20.65 18.80
N ASP F 212 -20.76 20.07 17.86
CA ASP F 212 -21.51 18.83 18.09
C ASP F 212 -20.44 17.78 18.42
N PRO F 213 -20.55 17.11 19.57
CA PRO F 213 -19.54 16.10 19.93
C PRO F 213 -19.37 15.06 18.82
N ASN F 214 -20.45 14.76 18.10
CA ASN F 214 -20.40 13.80 17.01
C ASN F 214 -19.50 14.29 15.87
N LYS F 215 -19.30 15.61 15.81
CA LYS F 215 -18.45 16.20 14.78
C LYS F 215 -17.03 16.42 15.30
N ALA F 216 -16.76 15.93 16.51
CA ALA F 216 -15.43 16.06 17.11
C ALA F 216 -14.93 14.66 17.43
N SER F 217 -13.66 14.55 17.81
CA SER F 217 -13.08 13.25 18.13
C SER F 217 -13.94 12.50 19.13
N SER F 218 -14.24 11.24 18.82
CA SER F 218 -15.09 10.45 19.70
C SER F 218 -14.49 10.26 21.09
N LEU F 219 -13.19 10.47 21.24
CA LEU F 219 -12.56 10.33 22.55
C LEU F 219 -13.03 11.45 23.50
N LEU F 220 -13.30 12.63 22.95
CA LEU F 220 -13.75 13.76 23.75
C LEU F 220 -15.01 13.49 24.54
N SER F 221 -15.95 12.77 23.94
CA SER F 221 -17.20 12.46 24.61
C SER F 221 -17.31 11.00 25.08
N SER F 222 -17.47 10.07 24.13
CA SER F 222 -17.61 8.65 24.46
C SER F 222 -16.45 8.07 25.28
N GLY F 223 -15.22 8.49 24.97
CA GLY F 223 -14.11 8.00 25.77
C GLY F 223 -12.97 7.27 25.09
N PHE F 224 -11.96 6.98 25.90
CA PHE F 224 -10.75 6.29 25.46
C PHE F 224 -10.63 4.95 26.16
N SER F 225 -10.29 3.91 25.40
CA SER F 225 -10.15 2.57 25.98
C SER F 225 -8.66 2.21 26.02
N PRO F 226 -8.05 2.32 27.20
CA PRO F 226 -6.63 1.98 27.27
C PRO F 226 -6.42 0.54 26.84
N ASP F 227 -5.23 0.26 26.32
CA ASP F 227 -4.88 -1.10 25.94
C ASP F 227 -3.37 -1.17 26.13
N PHE F 228 -2.95 -1.10 27.40
CA PHE F 228 -1.54 -1.12 27.73
C PHE F 228 -1.13 -2.39 28.46
N ALA F 229 0.11 -2.81 28.26
CA ALA F 229 0.63 -3.99 28.93
C ALA F 229 1.89 -3.59 29.71
N THR F 230 1.97 -4.08 30.94
CA THR F 230 3.10 -3.82 31.83
C THR F 230 3.61 -5.18 32.26
N VAL F 231 4.90 -5.40 32.11
CA VAL F 231 5.50 -6.66 32.51
C VAL F 231 6.26 -6.48 33.81
N ILE F 232 5.96 -7.33 34.79
CA ILE F 232 6.64 -7.24 36.08
C ILE F 232 7.34 -8.55 36.36
N THR F 233 8.60 -8.47 36.76
CA THR F 233 9.37 -9.67 37.07
C THR F 233 9.59 -9.82 38.56
N MET F 234 9.85 -11.05 39.00
CA MET F 234 10.04 -11.31 40.41
C MET F 234 11.00 -12.46 40.65
N ASP F 235 11.94 -12.24 41.55
CA ASP F 235 12.92 -13.26 41.88
C ASP F 235 12.24 -14.41 42.59
N ARG F 236 12.55 -15.65 42.21
CA ARG F 236 11.93 -16.82 42.83
C ARG F 236 12.36 -17.09 44.25
N LYS F 237 13.49 -16.52 44.65
CA LYS F 237 14.00 -16.71 45.99
C LYS F 237 13.54 -15.61 46.92
N ALA F 238 12.88 -14.60 46.36
CA ALA F 238 12.39 -13.49 47.16
C ALA F 238 11.69 -14.05 48.39
N SER F 239 12.11 -13.57 49.56
CA SER F 239 11.53 -14.03 50.80
C SER F 239 10.03 -13.78 50.86
N LYS F 240 9.62 -12.57 50.46
CA LYS F 240 8.22 -12.16 50.46
C LYS F 240 7.64 -12.34 49.04
N GLN F 241 6.71 -13.28 48.87
CA GLN F 241 6.13 -13.55 47.56
C GLN F 241 4.78 -12.90 47.28
N GLN F 242 4.54 -11.76 47.91
CA GLN F 242 3.30 -11.02 47.69
C GLN F 242 3.75 -9.62 47.29
N THR F 243 3.00 -8.99 46.39
CA THR F 243 3.36 -7.65 45.95
C THR F 243 2.13 -6.77 45.84
N ASN F 244 2.25 -5.53 46.28
CA ASN F 244 1.16 -4.58 46.18
C ASN F 244 1.47 -3.72 44.98
N ILE F 245 0.42 -3.20 44.34
CA ILE F 245 0.63 -2.34 43.18
C ILE F 245 -0.61 -1.50 43.01
N ASP F 246 -0.42 -0.19 42.85
CA ASP F 246 -1.55 0.71 42.67
C ASP F 246 -1.71 0.98 41.18
N VAL F 247 -2.96 1.13 40.75
CA VAL F 247 -3.26 1.42 39.35
C VAL F 247 -4.10 2.67 39.34
N ILE F 248 -3.66 3.67 38.59
CA ILE F 248 -4.40 4.91 38.54
C ILE F 248 -4.87 5.25 37.14
N TYR F 249 -6.17 5.49 37.02
CA TYR F 249 -6.74 5.90 35.75
C TYR F 249 -7.02 7.37 36.01
N GLU F 250 -6.70 8.20 35.03
CA GLU F 250 -6.88 9.61 35.21
C GLU F 250 -7.43 10.28 33.96
N ARG F 251 -8.07 11.43 34.17
CA ARG F 251 -8.61 12.24 33.09
C ARG F 251 -8.34 13.69 33.47
N VAL F 252 -7.72 14.43 32.57
CA VAL F 252 -7.46 15.83 32.80
C VAL F 252 -8.38 16.60 31.85
N ARG F 253 -9.22 17.46 32.41
CA ARG F 253 -10.15 18.24 31.61
C ARG F 253 -9.76 19.71 31.48
N ASP F 254 -9.93 20.24 30.28
CA ASP F 254 -9.64 21.62 30.03
C ASP F 254 -10.95 22.36 30.15
N ASP F 255 -10.86 23.68 30.26
CA ASP F 255 -12.02 24.54 30.42
C ASP F 255 -12.08 25.44 29.18
N TYR F 256 -13.05 25.16 28.31
CA TYR F 256 -13.21 25.93 27.08
C TYR F 256 -14.41 26.86 27.15
N GLN F 257 -14.13 28.15 27.23
CA GLN F 257 -15.19 29.14 27.34
C GLN F 257 -15.44 29.97 26.10
N LEU F 258 -16.73 30.23 25.86
CA LEU F 258 -17.18 31.03 24.73
C LEU F 258 -17.98 32.23 25.24
N HIS F 259 -17.68 33.41 24.72
CA HIS F 259 -18.43 34.60 25.14
C HIS F 259 -18.70 35.45 23.92
N TRP F 260 -19.84 36.13 23.94
CA TRP F 260 -20.24 37.01 22.84
C TRP F 260 -19.55 38.36 23.06
N THR F 261 -18.89 38.87 22.02
CA THR F 261 -18.18 40.14 22.10
C THR F 261 -19.02 41.30 21.59
N SER F 262 -20.27 41.00 21.22
CA SER F 262 -21.22 41.98 20.70
C SER F 262 -21.13 42.07 19.18
N THR F 263 -20.24 41.29 18.58
CA THR F 263 -20.08 41.27 17.13
C THR F 263 -19.79 39.85 16.66
N ASN F 264 -19.10 39.07 17.49
CA ASN F 264 -18.77 37.71 17.12
C ASN F 264 -18.37 36.88 18.34
N TRP F 265 -18.53 35.56 18.21
CA TRP F 265 -18.17 34.65 19.30
C TRP F 265 -16.67 34.58 19.46
N LYS F 266 -16.21 34.54 20.70
CA LYS F 266 -14.78 34.45 20.97
C LYS F 266 -14.55 33.31 21.95
N GLY F 267 -13.56 32.48 21.66
CA GLY F 267 -13.27 31.34 22.52
C GLY F 267 -11.99 31.42 23.33
N THR F 268 -12.05 30.86 24.53
CA THR F 268 -10.92 30.84 25.44
C THR F 268 -10.77 29.42 26.00
N ASN F 269 -9.52 28.97 26.12
CA ASN F 269 -9.28 27.63 26.66
C ASN F 269 -8.29 27.65 27.82
N THR F 270 -8.72 27.12 28.95
CA THR F 270 -7.90 27.04 30.15
C THR F 270 -7.43 25.60 30.33
N LYS F 271 -6.11 25.41 30.31
CA LYS F 271 -5.52 24.08 30.45
C LYS F 271 -5.53 23.42 31.82
N ASP F 272 -5.82 22.12 31.81
CA ASP F 272 -5.80 21.31 33.02
C ASP F 272 -6.55 21.87 34.21
N LYS F 273 -7.73 22.42 33.94
CA LYS F 273 -8.58 23.01 34.97
C LYS F 273 -8.99 21.99 36.02
N TRP F 274 -9.29 20.77 35.57
CA TRP F 274 -9.73 19.70 36.46
C TRP F 274 -9.02 18.36 36.21
N THR F 275 -8.79 17.62 37.27
CA THR F 275 -8.16 16.31 37.17
C THR F 275 -8.99 15.29 37.92
N ASP F 276 -9.43 14.25 37.20
CA ASP F 276 -10.21 13.20 37.83
C ASP F 276 -9.25 12.03 38.03
N ARG F 277 -8.98 11.69 39.28
CA ARG F 277 -8.04 10.62 39.57
C ARG F 277 -8.66 9.43 40.30
N SER F 278 -8.65 8.28 39.63
CA SER F 278 -9.19 7.03 40.22
C SER F 278 -8.05 6.05 40.43
N SER F 279 -7.77 5.79 41.69
CA SER F 279 -6.69 4.89 42.09
C SER F 279 -7.25 3.61 42.73
N GLU F 280 -6.53 2.52 42.57
CA GLU F 280 -6.94 1.25 43.16
C GLU F 280 -5.73 0.37 43.42
N ARG F 281 -5.73 -0.27 44.58
CA ARG F 281 -4.63 -1.15 44.97
C ARG F 281 -4.96 -2.62 44.70
N TYR F 282 -4.00 -3.34 44.13
CA TYR F 282 -4.18 -4.76 43.84
C TYR F 282 -3.13 -5.54 44.60
N LYS F 283 -3.44 -6.79 44.90
CA LYS F 283 -2.51 -7.65 45.60
C LYS F 283 -2.03 -8.72 44.63
N ILE F 284 -0.72 -8.88 44.52
CA ILE F 284 -0.15 -9.88 43.65
C ILE F 284 0.45 -11.00 44.48
N ASP F 285 -0.13 -12.18 44.36
CA ASP F 285 0.39 -13.33 45.08
C ASP F 285 1.11 -14.20 44.04
N TRP F 286 2.43 -14.17 44.11
CA TRP F 286 3.28 -14.91 43.18
C TRP F 286 3.25 -16.41 43.38
N GLU F 287 2.72 -16.85 44.52
CA GLU F 287 2.64 -18.28 44.79
C GLU F 287 1.28 -18.82 44.38
N LYS F 288 0.21 -18.15 44.79
CA LYS F 288 -1.13 -18.58 44.41
C LYS F 288 -1.31 -18.28 42.94
N GLU F 289 -0.46 -17.38 42.43
CA GLU F 289 -0.54 -16.95 41.05
C GLU F 289 -1.93 -16.40 40.77
N GLU F 290 -2.27 -15.37 41.54
CA GLU F 290 -3.54 -14.67 41.41
C GLU F 290 -3.33 -13.21 41.80
N MET F 291 -4.24 -12.36 41.32
CA MET F 291 -4.23 -10.94 41.60
C MET F 291 -5.61 -10.64 42.16
N THR F 292 -5.68 -9.80 43.18
CA THR F 292 -6.97 -9.46 43.77
C THR F 292 -7.02 -7.99 44.11
N ASN F 293 -8.23 -7.43 44.14
CA ASN F 293 -8.42 -6.03 44.48
C ASN F 293 -9.42 -6.03 45.63
N ALA G 1 16.87 -14.91 1.34
CA ALA G 1 15.86 -15.87 1.86
C ALA G 1 16.23 -17.31 1.46
N ASP G 2 15.97 -18.25 2.35
CA ASP G 2 16.30 -19.65 2.06
C ASP G 2 15.62 -20.13 0.78
N SER G 3 14.38 -19.71 0.58
CA SER G 3 13.63 -20.12 -0.60
C SER G 3 14.25 -19.61 -1.89
N ASP G 4 15.04 -18.54 -1.80
CA ASP G 4 15.70 -17.98 -2.98
C ASP G 4 16.86 -18.85 -3.43
N ILE G 5 17.35 -19.69 -2.53
CA ILE G 5 18.45 -20.57 -2.89
C ILE G 5 17.99 -22.02 -2.79
N ASN G 6 16.71 -22.22 -3.06
CA ASN G 6 16.07 -23.52 -3.06
C ASN G 6 16.23 -24.39 -1.82
N ILE G 7 16.21 -23.74 -0.67
CA ILE G 7 16.35 -24.43 0.60
C ILE G 7 15.12 -24.19 1.47
N LYS G 8 14.58 -25.27 2.04
CA LYS G 8 13.42 -25.17 2.91
C LYS G 8 13.66 -24.06 3.94
N THR G 9 12.65 -23.21 4.11
CA THR G 9 12.73 -22.09 5.05
C THR G 9 13.06 -22.53 6.49
N GLY G 10 14.04 -21.87 7.09
CA GLY G 10 14.44 -22.18 8.45
C GLY G 10 15.42 -23.35 8.62
N THR G 11 15.75 -24.01 7.52
CA THR G 11 16.66 -25.15 7.56
C THR G 11 18.03 -24.76 8.12
N THR G 12 18.36 -23.49 7.96
CA THR G 12 19.63 -22.94 8.38
C THR G 12 19.65 -22.25 9.73
N ASP G 13 18.49 -21.95 10.29
CA ASP G 13 18.46 -21.29 11.59
C ASP G 13 18.96 -22.11 12.75
N ILE G 14 19.46 -21.42 13.76
CA ILE G 14 20.02 -22.03 14.97
C ILE G 14 18.95 -22.13 16.05
N GLY G 15 19.06 -23.14 16.92
CA GLY G 15 18.10 -23.26 18.00
C GLY G 15 17.14 -24.43 18.10
N SER G 16 16.91 -25.14 17.01
CA SER G 16 15.97 -26.26 17.09
C SER G 16 16.50 -27.39 17.95
N ASN G 17 15.58 -28.09 18.63
CA ASN G 17 15.95 -29.22 19.47
C ASN G 17 16.98 -28.81 20.52
N THR G 18 16.79 -27.62 21.10
CA THR G 18 17.71 -27.08 22.10
C THR G 18 16.94 -26.43 23.24
N THR G 19 17.29 -26.75 24.48
CA THR G 19 16.62 -26.10 25.60
C THR G 19 17.33 -24.78 25.78
N VAL G 20 16.59 -23.69 25.59
CA VAL G 20 17.14 -22.34 25.68
C VAL G 20 16.97 -21.75 27.08
N LYS G 21 18.01 -21.15 27.61
CA LYS G 21 17.95 -20.54 28.94
C LYS G 21 17.85 -19.02 28.81
N THR G 22 16.79 -18.46 29.36
CA THR G 22 16.56 -17.02 29.27
C THR G 22 16.49 -16.35 30.63
N GLY G 23 16.70 -15.04 30.62
CA GLY G 23 16.66 -14.27 31.84
C GLY G 23 16.41 -12.79 31.63
N ASP G 24 15.98 -12.13 32.70
CA ASP G 24 15.68 -10.71 32.67
C ASP G 24 16.41 -10.00 33.84
N LEU G 25 17.11 -8.91 33.52
CA LEU G 25 17.82 -8.14 34.55
C LEU G 25 17.44 -6.66 34.42
N VAL G 26 16.84 -6.10 35.48
CA VAL G 26 16.42 -4.72 35.44
C VAL G 26 17.20 -3.84 36.42
N THR G 27 17.68 -2.70 35.91
CA THR G 27 18.42 -1.77 36.74
C THR G 27 17.96 -0.33 36.49
N TYR G 28 17.44 0.33 37.52
CA TYR G 28 17.01 1.69 37.36
C TYR G 28 18.05 2.65 37.92
N ASP G 29 18.59 3.49 37.05
CA ASP G 29 19.58 4.49 37.41
C ASP G 29 18.80 5.80 37.53
N LYS G 30 18.48 6.19 38.76
CA LYS G 30 17.70 7.40 39.02
C LYS G 30 18.32 8.71 38.57
N GLU G 31 19.59 8.94 38.95
CA GLU G 31 20.28 10.17 38.59
C GLU G 31 20.31 10.40 37.08
N ASN G 32 20.43 9.32 36.32
CA ASN G 32 20.47 9.42 34.87
C ASN G 32 19.10 9.14 34.22
N GLY G 33 18.08 8.92 35.05
CA GLY G 33 16.74 8.66 34.53
C GLY G 33 16.71 7.59 33.44
N MET G 34 17.27 6.44 33.76
CA MET G 34 17.33 5.35 32.81
C MET G 34 16.83 4.01 33.31
N HIS G 35 15.81 3.48 32.64
CA HIS G 35 15.27 2.17 32.98
C HIS G 35 16.06 1.25 32.06
N LYS G 36 17.01 0.53 32.64
CA LYS G 36 17.86 -0.37 31.88
C LYS G 36 17.49 -1.83 32.09
N LYS G 37 17.06 -2.49 31.02
CA LYS G 37 16.68 -3.88 31.11
C LYS G 37 17.41 -4.69 30.06
N VAL G 38 17.93 -5.85 30.49
CA VAL G 38 18.63 -6.76 29.60
C VAL G 38 17.81 -8.04 29.56
N PHE G 39 17.48 -8.50 28.35
CA PHE G 39 16.75 -9.75 28.22
C PHE G 39 17.72 -10.63 27.45
N TYR G 40 18.20 -11.68 28.11
CA TYR G 40 19.16 -12.57 27.50
C TYR G 40 18.64 -13.97 27.23
N SER G 41 19.34 -14.70 26.37
CA SER G 41 18.97 -16.05 26.02
C SER G 41 20.21 -16.84 25.63
N PHE G 42 20.46 -17.94 26.33
CA PHE G 42 21.61 -18.76 26.00
C PHE G 42 21.11 -19.86 25.05
N ILE G 43 21.80 -20.02 23.94
CA ILE G 43 21.43 -21.04 22.97
C ILE G 43 22.64 -21.90 22.73
N ASP G 44 22.63 -23.09 23.30
CA ASP G 44 23.74 -24.02 23.12
C ASP G 44 23.26 -25.12 22.17
N ASP G 45 23.26 -24.82 20.87
CA ASP G 45 22.84 -25.75 19.82
C ASP G 45 24.00 -26.64 19.43
N LYS G 46 23.95 -27.90 19.83
CA LYS G 46 25.03 -28.83 19.56
C LYS G 46 25.38 -29.04 18.09
N ASN G 47 24.51 -28.60 17.19
CA ASN G 47 24.80 -28.73 15.76
C ASN G 47 25.41 -27.43 15.23
N HIS G 48 25.62 -26.47 16.11
CA HIS G 48 26.23 -25.19 15.77
C HIS G 48 27.64 -25.27 16.38
N ASN G 49 28.63 -24.65 15.73
CA ASN G 49 30.01 -24.72 16.21
C ASN G 49 30.35 -23.90 17.46
N LYS G 50 29.39 -23.15 17.98
CA LYS G 50 29.65 -22.35 19.16
C LYS G 50 28.42 -22.12 20.00
N LYS G 51 28.63 -21.72 21.25
CA LYS G 51 27.53 -21.40 22.14
C LYS G 51 27.13 -19.99 21.73
N LEU G 52 25.85 -19.67 21.91
CA LEU G 52 25.36 -18.34 21.58
C LEU G 52 24.66 -17.75 22.79
N LEU G 53 24.80 -16.44 22.91
CA LEU G 53 24.14 -15.68 23.96
C LEU G 53 23.56 -14.52 23.16
N VAL G 54 22.27 -14.31 23.28
CA VAL G 54 21.62 -13.22 22.60
C VAL G 54 21.25 -12.26 23.70
N ILE G 55 21.82 -11.05 23.66
CA ILE G 55 21.52 -10.06 24.68
C ILE G 55 20.62 -9.01 24.06
N ARG G 56 19.46 -8.80 24.66
CA ARG G 56 18.56 -7.78 24.16
C ARG G 56 18.59 -6.63 25.17
N THR G 57 18.93 -5.44 24.71
CA THR G 57 18.99 -4.26 25.60
C THR G 57 17.74 -3.43 25.32
N LYS G 58 16.85 -3.37 26.31
CA LYS G 58 15.59 -2.64 26.17
C LYS G 58 15.42 -1.53 27.19
N GLY G 59 14.26 -1.50 27.85
CA GLY G 59 13.98 -0.46 28.82
C GLY G 59 13.88 0.87 28.08
N THR G 60 13.95 1.98 28.81
CA THR G 60 13.89 3.27 28.13
C THR G 60 14.67 4.37 28.81
N ILE G 61 15.31 5.19 28.00
CA ILE G 61 16.09 6.32 28.48
C ILE G 61 15.16 7.53 28.42
N ALA G 62 14.92 8.12 29.58
CA ALA G 62 14.05 9.27 29.67
C ALA G 62 14.56 10.37 28.74
N GLY G 63 13.65 11.11 28.12
CA GLY G 63 14.07 12.18 27.23
C GLY G 63 14.67 13.31 28.05
N GLN G 64 13.85 13.87 28.94
CA GLN G 64 14.24 14.95 29.85
C GLN G 64 14.34 16.35 29.24
N TYR G 65 13.52 16.57 28.21
CA TYR G 65 13.42 17.86 27.54
C TYR G 65 12.94 18.79 28.65
N ARG G 66 13.72 19.82 28.97
CA ARG G 66 13.30 20.68 30.07
C ARG G 66 13.92 22.06 30.10
N VAL G 67 13.13 23.00 30.58
CA VAL G 67 13.57 24.37 30.74
C VAL G 67 14.23 24.35 32.11
N TYR G 68 15.53 24.05 32.12
CA TYR G 68 16.26 23.97 33.38
C TYR G 68 16.87 25.32 33.77
N SER G 69 17.21 26.12 32.76
CA SER G 69 17.84 27.42 32.93
C SER G 69 16.90 28.60 32.77
N GLU G 70 16.86 29.44 33.80
CA GLU G 70 15.99 30.61 33.80
C GLU G 70 16.84 31.77 34.34
N GLU G 71 17.26 32.66 33.45
CA GLU G 71 18.10 33.80 33.84
C GLU G 71 17.39 35.14 33.61
N GLY G 72 16.20 35.26 34.19
CA GLY G 72 15.43 36.48 34.02
C GLY G 72 14.35 36.29 32.98
N ALA G 73 13.55 37.33 32.77
CA ALA G 73 12.46 37.30 31.80
C ALA G 73 12.90 37.46 30.35
N ASN G 74 14.21 37.53 30.11
CA ASN G 74 14.71 37.67 28.74
C ASN G 74 15.69 36.57 28.35
N LYS G 75 15.91 35.62 29.25
CA LYS G 75 16.83 34.53 28.98
C LYS G 75 16.42 33.23 29.65
N SER G 76 16.45 32.15 28.89
CA SER G 76 16.07 30.84 29.42
C SER G 76 16.71 29.72 28.60
N GLY G 77 16.99 28.61 29.26
CA GLY G 77 17.60 27.48 28.59
C GLY G 77 16.82 26.19 28.69
N LEU G 78 16.78 25.48 27.57
CA LEU G 78 16.08 24.21 27.45
C LEU G 78 17.12 23.13 27.14
N ALA G 79 17.17 22.11 27.99
CA ALA G 79 18.12 21.02 27.78
C ALA G 79 17.35 19.88 27.10
N TRP G 80 17.85 19.41 25.97
CA TRP G 80 17.17 18.34 25.24
C TRP G 80 18.09 17.22 24.73
N PRO G 81 17.55 16.00 24.58
CA PRO G 81 18.28 14.82 24.11
C PRO G 81 18.54 14.85 22.62
N SER G 82 19.81 15.03 22.26
CA SER G 82 20.18 15.06 20.85
C SER G 82 20.66 13.69 20.40
N ALA G 83 20.92 12.82 21.36
CA ALA G 83 21.38 11.46 21.05
C ALA G 83 21.16 10.52 22.23
N PHE G 84 20.80 9.28 21.91
CA PHE G 84 20.58 8.23 22.89
C PHE G 84 21.54 7.15 22.45
N LYS G 85 22.25 6.52 23.36
CA LYS G 85 23.17 5.48 22.97
C LYS G 85 23.14 4.26 23.87
N VAL G 86 23.44 3.12 23.29
CA VAL G 86 23.49 1.87 24.02
C VAL G 86 24.74 1.23 23.48
N GLN G 87 25.56 0.72 24.38
CA GLN G 87 26.81 0.12 23.97
C GLN G 87 27.11 -1.08 24.81
N LEU G 88 27.61 -2.12 24.17
CA LEU G 88 27.98 -3.32 24.88
C LEU G 88 29.46 -3.49 24.57
N GLN G 89 30.22 -3.94 25.57
CA GLN G 89 31.65 -4.09 25.39
C GLN G 89 32.28 -5.25 26.15
N LEU G 90 33.05 -6.06 25.44
CA LEU G 90 33.75 -7.20 26.02
C LEU G 90 35.21 -6.78 26.29
N PRO G 91 35.77 -7.18 27.44
CA PRO G 91 37.16 -6.79 27.71
C PRO G 91 38.13 -7.39 26.70
N ASP G 92 39.26 -6.72 26.48
CA ASP G 92 40.24 -7.18 25.51
C ASP G 92 40.79 -8.58 25.79
N ASN G 93 40.68 -9.03 27.04
CA ASN G 93 41.17 -10.36 27.40
C ASN G 93 40.16 -11.48 27.06
N GLU G 94 38.89 -11.14 26.97
CA GLU G 94 37.84 -12.12 26.68
C GLU G 94 38.03 -12.88 25.36
N VAL G 95 37.64 -14.15 25.38
CA VAL G 95 37.73 -14.99 24.19
C VAL G 95 36.38 -15.02 23.47
N ALA G 96 35.32 -14.60 24.17
CA ALA G 96 33.98 -14.53 23.59
C ALA G 96 34.01 -13.41 22.56
N GLN G 97 33.16 -13.48 21.54
CA GLN G 97 33.14 -12.46 20.49
C GLN G 97 31.76 -11.97 20.09
N ILE G 98 31.72 -10.72 19.63
CA ILE G 98 30.48 -10.15 19.13
C ILE G 98 30.34 -10.74 17.73
N SER G 99 29.24 -11.42 17.51
CA SER G 99 29.00 -12.10 16.25
C SER G 99 28.00 -11.44 15.33
N ASP G 100 26.93 -10.91 15.89
CA ASP G 100 25.92 -10.27 15.07
C ASP G 100 25.18 -9.27 15.94
N TYR G 101 24.36 -8.46 15.31
CA TYR G 101 23.63 -7.40 16.00
C TYR G 101 22.50 -6.91 15.09
N TYR G 102 21.47 -6.35 15.69
CA TYR G 102 20.34 -5.86 14.94
C TYR G 102 19.65 -4.82 15.84
N PRO G 103 19.15 -3.73 15.26
CA PRO G 103 19.15 -3.37 13.84
C PRO G 103 20.51 -2.94 13.29
N ARG G 104 20.56 -2.73 11.98
CA ARG G 104 21.80 -2.29 11.31
C ARG G 104 21.50 -1.06 10.47
N ASN G 105 22.48 -0.58 9.73
CA ASN G 105 22.26 0.61 8.91
C ASN G 105 21.57 0.27 7.61
N SER G 106 20.49 0.97 7.29
CA SER G 106 19.79 0.72 6.05
C SER G 106 20.08 1.84 5.07
N ILE G 107 20.18 1.48 3.80
CA ILE G 107 20.43 2.42 2.73
C ILE G 107 19.16 3.27 2.53
N ASP G 108 19.29 4.60 2.65
CA ASP G 108 18.13 5.47 2.49
C ASP G 108 17.88 5.67 1.00
N THR G 109 16.67 6.11 0.66
CA THR G 109 16.36 6.36 -0.74
C THR G 109 15.67 7.70 -0.89
N LYS G 110 15.57 8.13 -2.14
CA LYS G 110 14.94 9.39 -2.46
C LYS G 110 14.19 9.13 -3.76
N GLU G 111 13.09 9.84 -3.98
CA GLU G 111 12.34 9.66 -5.21
C GLU G 111 12.61 10.89 -6.05
N TYR G 112 12.74 10.68 -7.35
CA TYR G 112 13.02 11.78 -8.26
C TYR G 112 11.91 11.92 -9.28
N ASN G 113 11.44 13.15 -9.46
CA ASN G 113 10.39 13.45 -10.43
C ASN G 113 10.90 14.49 -11.41
N SER G 114 11.12 14.09 -12.65
CA SER G 114 11.60 15.01 -13.65
C SER G 114 10.42 15.40 -14.55
N THR G 115 10.13 16.69 -14.60
CA THR G 115 9.02 17.19 -15.39
C THR G 115 9.41 18.16 -16.51
N LEU G 116 8.94 17.86 -17.71
CA LEU G 116 9.20 18.70 -18.87
C LEU G 116 7.87 19.00 -19.52
N THR G 117 7.52 20.28 -19.57
CA THR G 117 6.26 20.68 -20.18
C THR G 117 6.41 21.90 -21.08
N TYR G 118 5.72 21.87 -22.21
CA TYR G 118 5.75 22.97 -23.16
C TYR G 118 4.39 23.15 -23.81
N GLY G 119 4.12 24.34 -24.33
CA GLY G 119 2.85 24.58 -24.96
C GLY G 119 2.75 25.85 -25.77
N PHE G 120 1.67 25.96 -26.53
CA PHE G 120 1.41 27.12 -27.37
C PHE G 120 0.07 27.71 -26.92
N ASN G 121 -0.32 28.84 -27.52
CA ASN G 121 -1.59 29.47 -27.18
C ASN G 121 -1.90 30.66 -28.07
N GLY G 122 -3.10 30.66 -28.65
CA GLY G 122 -3.53 31.73 -29.53
C GLY G 122 -4.20 32.83 -28.73
N ASN G 123 -4.71 33.85 -29.42
CA ASN G 123 -5.36 34.99 -28.75
C ASN G 123 -5.72 36.13 -29.70
N VAL G 124 -7.01 36.49 -29.75
CA VAL G 124 -7.49 37.57 -30.61
C VAL G 124 -8.21 38.63 -29.78
N THR G 125 -7.97 39.90 -30.12
CA THR G 125 -8.58 41.02 -29.40
C THR G 125 -9.53 41.81 -30.30
N GLY G 126 -10.33 42.67 -29.69
CA GLY G 126 -11.27 43.48 -30.46
C GLY G 126 -12.12 44.41 -29.62
N ASP G 127 -11.91 45.72 -29.80
CA ASP G 127 -12.67 46.73 -29.07
C ASP G 127 -13.89 47.13 -29.92
N ASP G 128 -14.94 47.60 -29.27
CA ASP G 128 -16.16 47.99 -29.97
C ASP G 128 -15.95 49.09 -31.01
N THR G 129 -14.69 49.45 -31.26
CA THR G 129 -14.37 50.48 -32.24
C THR G 129 -13.75 49.88 -33.50
N GLY G 130 -13.93 48.57 -33.69
CA GLY G 130 -13.41 47.90 -34.87
C GLY G 130 -11.96 47.42 -34.85
N LYS G 131 -11.19 47.81 -33.85
CA LYS G 131 -9.78 47.40 -33.76
C LYS G 131 -9.60 45.96 -33.28
N ILE G 132 -9.04 45.12 -34.14
CA ILE G 132 -8.80 43.72 -33.81
C ILE G 132 -7.33 43.48 -33.46
N GLY G 133 -7.09 42.65 -32.46
CA GLY G 133 -5.73 42.36 -32.05
C GLY G 133 -5.39 40.88 -32.14
N GLY G 134 -4.09 40.56 -32.19
CA GLY G 134 -3.67 39.17 -32.29
C GLY G 134 -2.61 38.85 -31.25
N LEU G 135 -2.43 37.56 -30.96
CA LEU G 135 -1.45 37.13 -29.98
C LEU G 135 -1.05 35.65 -30.14
N ILE G 136 0.24 35.39 -30.27
CA ILE G 136 0.73 34.03 -30.42
C ILE G 136 2.02 33.84 -29.62
N GLY G 137 1.99 32.92 -28.65
CA GLY G 137 3.15 32.66 -27.83
C GLY G 137 3.37 31.20 -27.52
N ALA G 138 4.49 30.89 -26.87
CA ALA G 138 4.83 29.53 -26.50
C ALA G 138 5.48 29.51 -25.12
N ASN G 139 5.89 28.34 -24.68
CA ASN G 139 6.52 28.20 -23.38
C ASN G 139 7.16 26.83 -23.18
N VAL G 140 8.15 26.79 -22.29
CA VAL G 140 8.85 25.55 -21.97
C VAL G 140 9.14 25.56 -20.48
N SER G 141 8.98 24.40 -19.85
CA SER G 141 9.24 24.28 -18.42
C SER G 141 9.98 22.98 -18.11
N ILE G 142 11.05 23.12 -17.35
CA ILE G 142 11.85 21.98 -16.95
C ILE G 142 12.02 22.10 -15.44
N GLY G 143 11.43 21.16 -14.71
CA GLY G 143 11.54 21.21 -13.26
C GLY G 143 11.55 19.84 -12.63
N HIS G 144 12.30 19.68 -11.55
CA HIS G 144 12.36 18.39 -10.89
C HIS G 144 11.95 18.53 -9.43
N THR G 145 11.32 17.47 -8.92
CA THR G 145 10.90 17.45 -7.53
C THR G 145 11.60 16.29 -6.85
N LEU G 146 12.27 16.58 -5.74
CA LEU G 146 12.97 15.58 -4.97
C LEU G 146 12.09 15.22 -3.78
N LYS G 147 11.88 13.92 -3.56
CA LYS G 147 11.04 13.45 -2.44
C LYS G 147 11.78 12.45 -1.56
N TYR G 148 11.63 12.61 -0.24
CA TYR G 148 12.24 11.70 0.72
C TYR G 148 11.67 11.89 2.12
N VAL G 149 11.72 10.82 2.90
CA VAL G 149 11.22 10.80 4.27
C VAL G 149 12.32 11.14 5.24
N GLN G 150 11.99 11.91 6.28
CA GLN G 150 12.95 12.31 7.31
C GLN G 150 12.45 11.98 8.70
N PRO G 151 12.97 10.90 9.29
CA PRO G 151 12.54 10.54 10.64
C PRO G 151 13.08 11.58 11.63
N ASP G 152 12.33 11.85 12.69
CA ASP G 152 12.77 12.82 13.69
C ASP G 152 14.14 12.44 14.22
N PHE G 153 14.33 11.15 14.49
CA PHE G 153 15.62 10.65 14.96
C PHE G 153 16.03 9.52 14.03
N LYS G 154 17.33 9.34 13.84
CA LYS G 154 17.84 8.26 13.00
C LYS G 154 18.45 7.22 13.94
N THR G 155 18.20 5.94 13.64
CA THR G 155 18.74 4.83 14.43
C THR G 155 19.97 4.35 13.66
N ILE G 156 21.12 4.42 14.30
CA ILE G 156 22.37 4.05 13.66
C ILE G 156 23.20 3.01 14.39
N LEU G 157 23.72 2.04 13.63
CA LEU G 157 24.57 0.99 14.19
C LEU G 157 26.00 1.48 14.05
N GLU G 158 26.66 1.74 15.17
CA GLU G 158 28.04 2.20 15.11
C GLU G 158 28.97 1.06 14.70
N SER G 159 30.08 1.42 14.05
CA SER G 159 31.08 0.46 13.57
C SER G 159 31.48 -0.53 14.67
N PRO G 160 30.94 -1.75 14.63
CA PRO G 160 31.27 -2.73 15.65
C PRO G 160 32.62 -3.40 15.43
N THR G 161 33.05 -4.17 16.42
CA THR G 161 34.29 -4.93 16.34
C THR G 161 33.89 -6.23 17.00
N ASP G 162 34.83 -7.13 17.25
CA ASP G 162 34.45 -8.37 17.88
C ASP G 162 34.42 -8.24 19.40
N LYS G 163 34.73 -7.04 19.89
CA LYS G 163 34.74 -6.77 21.32
C LYS G 163 33.73 -5.70 21.75
N LYS G 164 33.32 -4.84 20.83
CA LYS G 164 32.37 -3.78 21.15
C LYS G 164 31.39 -3.46 20.03
N VAL G 165 30.17 -3.14 20.41
CA VAL G 165 29.12 -2.81 19.46
C VAL G 165 28.23 -1.77 20.13
N GLY G 166 27.59 -0.91 19.34
CA GLY G 166 26.74 0.10 19.92
C GLY G 166 25.78 0.77 18.96
N TRP G 167 24.79 1.44 19.50
CA TRP G 167 23.82 2.14 18.68
C TRP G 167 23.69 3.57 19.17
N LYS G 168 23.20 4.42 18.30
CA LYS G 168 22.95 5.80 18.65
C LYS G 168 21.75 6.26 17.86
N VAL G 169 20.79 6.81 18.58
CA VAL G 169 19.58 7.32 17.99
C VAL G 169 19.79 8.82 18.16
N ILE G 170 20.20 9.45 17.07
CA ILE G 170 20.51 10.86 17.07
C ILE G 170 19.43 11.75 16.49
N PHE G 171 19.26 12.91 17.10
CA PHE G 171 18.26 13.86 16.61
C PHE G 171 18.62 14.21 15.17
N ASN G 172 17.64 14.13 14.29
CA ASN G 172 17.83 14.42 12.87
C ASN G 172 17.36 15.83 12.52
N ASN G 173 16.04 16.04 12.61
CA ASN G 173 15.41 17.32 12.35
C ASN G 173 13.97 17.19 12.79
N MET G 174 13.26 18.30 12.92
CA MET G 174 11.88 18.25 13.38
C MET G 174 11.02 19.41 12.93
N VAL G 175 9.72 19.16 12.82
CA VAL G 175 8.76 20.18 12.43
C VAL G 175 8.35 20.96 13.67
N ASN G 176 8.44 22.28 13.59
CA ASN G 176 8.05 23.16 14.70
C ASN G 176 6.79 23.90 14.28
N GLN G 177 5.67 23.54 14.89
CA GLN G 177 4.39 24.17 14.59
C GLN G 177 4.17 24.45 13.11
N ASN G 178 4.16 23.39 12.30
CA ASN G 178 3.93 23.50 10.85
C ASN G 178 5.06 24.14 10.04
N TRP G 179 6.13 24.56 10.70
CA TRP G 179 7.25 25.18 9.99
C TRP G 179 8.55 24.40 10.11
N GLY G 180 9.50 24.75 9.24
CA GLY G 180 10.79 24.09 9.24
C GLY G 180 10.93 23.13 8.07
N PRO G 181 11.43 21.91 8.32
CA PRO G 181 11.84 21.44 9.64
C PRO G 181 13.17 22.06 10.07
N TYR G 182 13.43 22.05 11.37
CA TYR G 182 14.67 22.61 11.87
C TYR G 182 15.56 21.50 12.42
N ASP G 183 16.86 21.74 12.41
CA ASP G 183 17.81 20.78 12.96
C ASP G 183 18.75 21.54 13.86
N ARG G 184 19.82 20.89 14.30
CA ARG G 184 20.76 21.51 15.21
C ARG G 184 21.58 22.67 14.67
N ASP G 185 21.56 22.87 13.35
CA ASP G 185 22.34 23.96 12.75
C ASP G 185 21.46 25.05 12.11
N SER G 186 20.15 24.88 12.16
CA SER G 186 19.24 25.87 11.57
C SER G 186 19.61 27.27 12.09
N TRP G 187 19.94 28.17 11.16
CA TRP G 187 20.27 29.51 11.57
C TRP G 187 19.57 30.56 10.74
N ASN G 188 18.97 31.51 11.44
CA ASN G 188 18.23 32.60 10.83
C ASN G 188 18.87 33.87 11.39
N PRO G 189 19.25 34.82 10.50
CA PRO G 189 19.88 36.08 10.91
C PRO G 189 19.09 36.89 11.95
N VAL G 190 17.77 36.75 11.93
CA VAL G 190 16.91 37.47 12.86
C VAL G 190 16.51 36.65 14.09
N TYR G 191 16.11 35.40 13.88
CA TYR G 191 15.68 34.56 15.00
C TYR G 191 16.69 33.51 15.44
N GLY G 192 17.77 33.36 14.68
CA GLY G 192 18.78 32.38 15.04
C GLY G 192 18.26 30.99 14.74
N ASN G 193 18.38 30.08 15.70
CA ASN G 193 17.89 28.72 15.53
C ASN G 193 16.53 28.68 16.20
N GLN G 194 15.48 28.44 15.42
CA GLN G 194 14.13 28.39 15.96
C GLN G 194 13.67 26.98 16.33
N LEU G 195 14.60 26.04 16.41
CA LEU G 195 14.27 24.65 16.72
C LEU G 195 13.11 24.51 17.71
N PHE G 196 13.29 24.97 18.94
CA PHE G 196 12.24 24.84 19.95
C PHE G 196 11.55 26.14 20.40
N MET G 197 11.67 27.17 19.57
CA MET G 197 11.07 28.47 19.85
C MET G 197 9.55 28.41 19.64
N LYS G 198 8.78 28.91 20.61
CA LYS G 198 7.34 28.90 20.48
C LYS G 198 6.81 30.12 19.70
N THR G 199 7.28 31.32 20.06
CA THR G 199 6.83 32.52 19.35
C THR G 199 7.99 33.36 18.84
N ARG G 200 7.77 34.05 17.73
CA ARG G 200 8.80 34.89 17.14
C ARG G 200 9.04 36.11 18.03
N ASN G 201 7.99 36.63 18.64
CA ASN G 201 8.12 37.80 19.50
C ASN G 201 6.99 38.00 20.50
N GLY G 202 6.43 36.91 20.99
CA GLY G 202 5.35 37.01 21.96
C GLY G 202 5.84 37.68 23.23
N SER G 203 4.93 38.33 23.94
CA SER G 203 5.28 39.03 25.17
C SER G 203 5.06 38.17 26.41
N MET G 204 6.09 37.42 26.79
CA MET G 204 6.01 36.55 27.96
C MET G 204 7.42 36.25 28.42
N LYS G 205 7.57 35.60 29.56
CA LYS G 205 8.90 35.27 30.06
C LYS G 205 9.59 34.30 29.11
N ALA G 206 10.92 34.34 29.11
CA ALA G 206 11.72 33.48 28.26
C ALA G 206 11.47 32.00 28.60
N ALA G 207 11.09 31.74 29.84
CA ALA G 207 10.84 30.36 30.27
C ALA G 207 9.52 29.81 29.72
N ASP G 208 8.68 30.70 29.19
CA ASP G 208 7.41 30.29 28.64
C ASP G 208 7.37 30.32 27.12
N ASN G 209 8.51 30.57 26.49
CA ASN G 209 8.52 30.65 25.03
C ASN G 209 9.12 29.44 24.34
N PHE G 210 9.16 28.32 25.05
CA PHE G 210 9.68 27.09 24.49
C PHE G 210 8.53 26.20 24.03
N LEU G 211 8.75 25.46 22.96
CA LEU G 211 7.72 24.56 22.42
C LEU G 211 7.23 23.56 23.46
N ASP G 212 5.91 23.36 23.49
CA ASP G 212 5.27 22.42 24.40
C ASP G 212 5.84 21.03 24.05
N PRO G 213 6.39 20.32 25.04
CA PRO G 213 6.95 18.99 24.71
C PRO G 213 5.93 18.10 23.97
N ASN G 214 4.66 18.29 24.25
CA ASN G 214 3.61 17.51 23.58
C ASN G 214 3.49 17.82 22.10
N LYS G 215 4.11 18.91 21.66
CA LYS G 215 4.05 19.29 20.25
C LYS G 215 5.36 18.95 19.54
N ALA G 216 6.22 18.20 20.21
CA ALA G 216 7.49 17.78 19.63
C ALA G 216 7.62 16.29 19.80
N SER G 217 8.61 15.69 19.14
CA SER G 217 8.82 14.26 19.24
C SER G 217 8.82 13.80 20.70
N SER G 218 7.98 12.82 21.02
CA SER G 218 7.87 12.32 22.39
C SER G 218 9.19 11.74 22.92
N LEU G 219 10.13 11.44 22.04
CA LEU G 219 11.42 10.92 22.49
C LEU G 219 12.21 12.01 23.24
N LEU G 220 11.99 13.27 22.88
CA LEU G 220 12.67 14.38 23.52
C LEU G 220 12.28 14.47 25.00
N SER G 221 11.02 14.15 25.30
CA SER G 221 10.51 14.21 26.65
C SER G 221 10.37 12.84 27.34
N SER G 222 9.29 12.13 27.06
CA SER G 222 9.09 10.82 27.69
C SER G 222 10.24 9.86 27.50
N GLY G 223 10.90 9.92 26.35
CA GLY G 223 12.05 9.06 26.13
C GLY G 223 11.99 8.00 25.05
N PHE G 224 13.16 7.39 24.84
CA PHE G 224 13.39 6.35 23.86
C PHE G 224 13.56 4.98 24.49
N SER G 225 12.94 3.96 23.90
CA SER G 225 13.05 2.60 24.41
C SER G 225 13.88 1.73 23.48
N PRO G 226 15.16 1.51 23.84
CA PRO G 226 16.03 0.67 22.99
C PRO G 226 15.42 -0.73 22.82
N ASP G 227 15.70 -1.34 21.67
CA ASP G 227 15.24 -2.69 21.38
C ASP G 227 16.29 -3.27 20.44
N PHE G 228 17.51 -3.30 20.93
CA PHE G 228 18.65 -3.77 20.16
C PHE G 228 19.06 -5.17 20.59
N ALA G 229 19.52 -5.98 19.62
CA ALA G 229 19.95 -7.33 19.90
C ALA G 229 21.42 -7.47 19.55
N THR G 230 22.13 -8.19 20.40
CA THR G 230 23.55 -8.46 20.21
C THR G 230 23.74 -9.95 20.42
N VAL G 231 24.44 -10.61 19.51
CA VAL G 231 24.69 -12.03 19.71
C VAL G 231 26.18 -12.24 19.89
N ILE G 232 26.52 -12.90 20.99
CA ILE G 232 27.89 -13.17 21.34
C ILE G 232 28.11 -14.67 21.26
N THR G 233 29.17 -15.07 20.56
CA THR G 233 29.48 -16.48 20.39
C THR G 233 30.64 -16.87 21.31
N MET G 234 30.62 -18.12 21.77
CA MET G 234 31.66 -18.62 22.66
C MET G 234 32.06 -20.03 22.27
N ASP G 235 33.36 -20.28 22.23
CA ASP G 235 33.88 -21.60 21.89
C ASP G 235 33.71 -22.53 23.09
N ARG G 236 33.14 -23.70 22.88
CA ARG G 236 32.93 -24.62 23.98
C ARG G 236 34.21 -25.16 24.61
N LYS G 237 35.34 -24.94 23.94
CA LYS G 237 36.61 -25.40 24.46
C LYS G 237 37.43 -24.31 25.12
N ALA G 238 36.95 -23.07 25.10
CA ALA G 238 37.68 -21.98 25.70
C ALA G 238 37.97 -22.32 27.17
N SER G 239 39.19 -22.04 27.63
CA SER G 239 39.57 -22.32 29.01
C SER G 239 38.54 -21.75 29.98
N LYS G 240 38.38 -20.43 29.96
CA LYS G 240 37.41 -19.76 30.83
C LYS G 240 36.04 -19.61 30.17
N GLN G 241 35.03 -20.15 30.84
CA GLN G 241 33.67 -20.11 30.37
C GLN G 241 32.86 -19.01 31.07
N GLN G 242 33.55 -17.98 31.53
CA GLN G 242 32.93 -16.84 32.18
C GLN G 242 33.40 -15.60 31.43
N THR G 243 32.45 -14.71 31.17
CA THR G 243 32.75 -13.51 30.41
C THR G 243 32.14 -12.30 31.08
N ASN G 244 32.90 -11.21 31.11
CA ASN G 244 32.37 -9.99 31.66
C ASN G 244 32.00 -9.13 30.47
N ILE G 245 30.99 -8.31 30.63
CA ILE G 245 30.58 -7.44 29.56
C ILE G 245 30.02 -6.18 30.20
N ASP G 246 30.42 -5.04 29.67
CA ASP G 246 29.93 -3.76 30.19
C ASP G 246 28.88 -3.23 29.23
N VAL G 247 27.76 -2.78 29.80
CA VAL G 247 26.67 -2.24 29.02
C VAL G 247 26.48 -0.80 29.43
N ILE G 248 26.53 0.10 28.46
CA ILE G 248 26.38 1.52 28.73
C ILE G 248 25.19 2.14 28.03
N TYR G 249 24.30 2.75 28.80
CA TYR G 249 23.17 3.48 28.24
C TYR G 249 23.60 4.93 28.40
N GLU G 250 23.47 5.72 27.35
CA GLU G 250 23.93 7.10 27.43
C GLU G 250 22.98 8.10 26.77
N ARG G 251 23.02 9.34 27.26
CA ARG G 251 22.19 10.41 26.72
C ARG G 251 23.03 11.67 26.58
N VAL G 252 23.01 12.23 25.37
CA VAL G 252 23.75 13.46 25.08
C VAL G 252 22.69 14.55 24.94
N ARG G 253 22.81 15.59 25.75
CA ARG G 253 21.86 16.67 25.70
C ARG G 253 22.45 17.97 25.16
N ASP G 254 21.69 18.61 24.29
CA ASP G 254 22.08 19.88 23.72
C ASP G 254 21.45 20.93 24.61
N ASP G 255 21.88 22.18 24.45
CA ASP G 255 21.36 23.29 25.24
C ASP G 255 20.79 24.34 24.30
N TYR G 256 19.47 24.52 24.35
CA TYR G 256 18.78 25.48 23.49
C TYR G 256 18.45 26.74 24.28
N GLN G 257 19.16 27.82 23.97
CA GLN G 257 18.97 29.09 24.68
C GLN G 257 18.12 30.11 23.93
N LEU G 258 17.22 30.77 24.66
CA LEU G 258 16.38 31.80 24.07
C LEU G 258 16.67 33.12 24.80
N HIS G 259 16.64 34.22 24.06
CA HIS G 259 16.88 35.53 24.64
C HIS G 259 16.23 36.61 23.79
N TRP G 260 15.64 37.59 24.46
CA TRP G 260 14.97 38.70 23.79
C TRP G 260 16.02 39.66 23.26
N THR G 261 15.79 40.22 22.08
CA THR G 261 16.73 41.16 21.46
C THR G 261 16.10 42.53 21.32
N SER G 262 15.28 42.90 22.30
CA SER G 262 14.59 44.19 22.33
C SER G 262 13.39 44.25 21.39
N THR G 263 13.30 43.30 20.46
CA THR G 263 12.20 43.27 19.51
C THR G 263 11.68 41.88 19.19
N ASN G 264 12.54 40.87 19.29
CA ASN G 264 12.14 39.49 19.00
C ASN G 264 13.00 38.44 19.69
N TRP G 265 12.53 37.20 19.64
CA TRP G 265 13.25 36.08 20.24
C TRP G 265 14.27 35.50 19.26
N LYS G 266 15.47 35.27 19.77
CA LYS G 266 16.55 34.68 18.96
C LYS G 266 17.02 33.44 19.70
N GLY G 267 17.28 32.36 18.96
CA GLY G 267 17.71 31.13 19.60
C GLY G 267 19.06 30.59 19.17
N THR G 268 19.71 29.88 20.08
CA THR G 268 21.00 29.27 19.80
C THR G 268 21.02 27.86 20.39
N ASN G 269 21.78 26.97 19.76
CA ASN G 269 21.85 25.60 20.23
C ASN G 269 23.29 25.17 20.42
N THR G 270 23.63 24.75 21.63
CA THR G 270 24.98 24.29 21.90
C THR G 270 24.96 22.76 21.91
N LYS G 271 25.79 22.17 21.06
CA LYS G 271 25.86 20.73 20.91
C LYS G 271 26.64 19.97 21.97
N ASP G 272 26.05 18.88 22.43
CA ASP G 272 26.70 18.01 23.39
C ASP G 272 27.18 18.71 24.65
N LYS G 273 26.34 19.56 25.22
CA LYS G 273 26.75 20.25 26.42
C LYS G 273 26.88 19.27 27.58
N TRP G 274 25.95 18.30 27.64
CA TRP G 274 25.97 17.29 28.69
C TRP G 274 25.88 15.86 28.14
N THR G 275 26.57 14.94 28.80
CA THR G 275 26.54 13.54 28.42
C THR G 275 26.25 12.71 29.68
N ASP G 276 25.04 12.17 29.77
CA ASP G 276 24.67 11.36 30.91
C ASP G 276 25.04 9.92 30.61
N ARG G 277 26.01 9.39 31.34
CA ARG G 277 26.50 8.04 31.12
C ARG G 277 26.20 7.06 32.24
N SER G 278 25.59 5.93 31.89
CA SER G 278 25.26 4.91 32.86
C SER G 278 25.81 3.57 32.40
N SER G 279 26.84 3.11 33.09
CA SER G 279 27.49 1.86 32.75
C SER G 279 27.24 0.79 33.80
N GLU G 280 27.19 -0.46 33.37
CA GLU G 280 27.00 -1.54 34.30
C GLU G 280 27.68 -2.79 33.77
N ARG G 281 28.39 -3.48 34.67
CA ARG G 281 29.09 -4.70 34.31
C ARG G 281 28.24 -5.92 34.60
N TYR G 282 28.18 -6.83 33.65
CA TYR G 282 27.41 -8.05 33.79
C TYR G 282 28.35 -9.24 33.71
N LYS G 283 27.99 -10.32 34.40
CA LYS G 283 28.78 -11.53 34.38
C LYS G 283 28.03 -12.60 33.60
N ILE G 284 28.72 -13.19 32.62
CA ILE G 284 28.16 -14.25 31.80
C ILE G 284 28.84 -15.57 32.15
N ASP G 285 28.05 -16.54 32.60
CA ASP G 285 28.59 -17.84 32.92
C ASP G 285 28.04 -18.80 31.86
N TRP G 286 28.89 -19.15 30.89
CA TRP G 286 28.52 -20.04 29.79
C TRP G 286 28.27 -21.50 30.19
N GLU G 287 28.70 -21.90 31.37
CA GLU G 287 28.49 -23.29 31.79
C GLU G 287 27.14 -23.44 32.47
N LYS G 288 26.78 -22.44 33.29
CA LYS G 288 25.52 -22.44 34.01
C LYS G 288 24.42 -21.81 33.14
N GLU G 289 24.83 -21.12 32.09
CA GLU G 289 23.89 -20.44 31.21
C GLU G 289 23.10 -19.43 32.04
N GLU G 290 23.85 -18.57 32.72
CA GLU G 290 23.29 -17.52 33.56
C GLU G 290 23.99 -16.20 33.34
N MET G 291 23.23 -15.12 33.43
CA MET G 291 23.79 -13.78 33.31
C MET G 291 23.34 -13.06 34.59
N THR G 292 24.25 -12.38 35.25
CA THR G 292 23.94 -11.67 36.50
C THR G 292 24.64 -10.32 36.52
N ASN G 293 24.24 -9.46 37.46
CA ASN G 293 24.88 -8.16 37.59
C ASN G 293 25.08 -7.86 39.09
#